data_4DEN
# 
_entry.id   4DEN 
# 
_audit_conform.dict_name       mmcif_pdbx.dic 
_audit_conform.dict_version    5.398 
_audit_conform.dict_location   http://mmcif.pdb.org/dictionaries/ascii/mmcif_pdbx.dic 
# 
loop_
_database_2.database_id 
_database_2.database_code 
_database_2.pdbx_database_accession 
_database_2.pdbx_DOI 
PDB   4DEN         pdb_00004den 10.2210/pdb4den/pdb 
RCSB  RCSB070233   ?            ?                   
WWPDB D_1000070233 ?            ?                   
# 
loop_
_pdbx_audit_revision_history.ordinal 
_pdbx_audit_revision_history.data_content_type 
_pdbx_audit_revision_history.major_revision 
_pdbx_audit_revision_history.minor_revision 
_pdbx_audit_revision_history.revision_date 
1 'Structure model' 1 0 2012-11-28 
2 'Structure model' 2 0 2020-07-29 
3 'Structure model' 2 1 2023-11-08 
4 'Structure model' 2 2 2024-11-13 
# 
loop_
_pdbx_audit_revision_details.ordinal 
_pdbx_audit_revision_details.revision_ordinal 
_pdbx_audit_revision_details.data_content_type 
_pdbx_audit_revision_details.provider 
_pdbx_audit_revision_details.type 
_pdbx_audit_revision_details.description 
_pdbx_audit_revision_details.details 
1 1 'Structure model' repository 'Initial release' ?                          ? 
2 2 'Structure model' repository Remediation       'Carbohydrate remediation' ? 
# 
loop_
_pdbx_audit_revision_group.ordinal 
_pdbx_audit_revision_group.revision_ordinal 
_pdbx_audit_revision_group.data_content_type 
_pdbx_audit_revision_group.group 
1  2 'Structure model' Advisory                  
2  2 'Structure model' 'Atomic model'            
3  2 'Structure model' 'Data collection'         
4  2 'Structure model' 'Derived calculations'    
5  2 'Structure model' 'Non-polymer description' 
6  2 'Structure model' 'Structure summary'       
7  3 'Structure model' 'Data collection'         
8  3 'Structure model' 'Database references'     
9  3 'Structure model' 'Refinement description'  
10 3 'Structure model' 'Structure summary'       
11 4 'Structure model' 'Structure summary'       
# 
loop_
_pdbx_audit_revision_category.ordinal 
_pdbx_audit_revision_category.revision_ordinal 
_pdbx_audit_revision_category.data_content_type 
_pdbx_audit_revision_category.category 
1  2 'Structure model' atom_site                     
2  2 'Structure model' chem_comp                     
3  2 'Structure model' entity                        
4  2 'Structure model' entity_name_com               
5  2 'Structure model' pdbx_branch_scheme            
6  2 'Structure model' pdbx_chem_comp_identifier     
7  2 'Structure model' pdbx_entity_branch            
8  2 'Structure model' pdbx_entity_branch_descriptor 
9  2 'Structure model' pdbx_entity_branch_link       
10 2 'Structure model' pdbx_entity_branch_list       
11 2 'Structure model' pdbx_entity_nonpoly           
12 2 'Structure model' pdbx_molecule_features        
13 2 'Structure model' pdbx_nonpoly_scheme           
14 2 'Structure model' pdbx_struct_conn_angle        
15 2 'Structure model' pdbx_validate_symm_contact    
16 2 'Structure model' struct_conn                   
17 2 'Structure model' struct_conn_type              
18 2 'Structure model' struct_site                   
19 2 'Structure model' struct_site_gen               
20 3 'Structure model' chem_comp                     
21 3 'Structure model' chem_comp_atom                
22 3 'Structure model' chem_comp_bond                
23 3 'Structure model' database_2                    
24 3 'Structure model' pdbx_initial_refinement_model 
25 4 'Structure model' pdbx_entry_details            
26 4 'Structure model' pdbx_modification_feature     
# 
loop_
_pdbx_audit_revision_item.ordinal 
_pdbx_audit_revision_item.revision_ordinal 
_pdbx_audit_revision_item.data_content_type 
_pdbx_audit_revision_item.item 
1  2 'Structure model' '_atom_site.B_iso_or_equiv'                   
2  2 'Structure model' '_atom_site.Cartn_x'                          
3  2 'Structure model' '_atom_site.Cartn_y'                          
4  2 'Structure model' '_atom_site.Cartn_z'                          
5  2 'Structure model' '_atom_site.auth_asym_id'                     
6  2 'Structure model' '_atom_site.auth_atom_id'                     
7  2 'Structure model' '_atom_site.auth_comp_id'                     
8  2 'Structure model' '_atom_site.auth_seq_id'                      
9  2 'Structure model' '_atom_site.label_atom_id'                    
10 2 'Structure model' '_atom_site.label_comp_id'                    
11 2 'Structure model' '_atom_site.type_symbol'                      
12 2 'Structure model' '_chem_comp.formula'                          
13 2 'Structure model' '_chem_comp.formula_weight'                   
14 2 'Structure model' '_chem_comp.id'                               
15 2 'Structure model' '_chem_comp.mon_nstd_flag'                    
16 2 'Structure model' '_chem_comp.name'                             
17 2 'Structure model' '_chem_comp.type'                             
18 2 'Structure model' '_entity.formula_weight'                      
19 2 'Structure model' '_entity.pdbx_description'                    
20 2 'Structure model' '_entity.type'                                
21 2 'Structure model' '_pdbx_struct_conn_angle.ptnr3_auth_asym_id'  
22 2 'Structure model' '_pdbx_struct_conn_angle.ptnr3_auth_comp_id'  
23 2 'Structure model' '_pdbx_struct_conn_angle.ptnr3_auth_seq_id'   
24 2 'Structure model' '_pdbx_struct_conn_angle.ptnr3_label_atom_id' 
25 2 'Structure model' '_pdbx_struct_conn_angle.ptnr3_label_comp_id' 
26 2 'Structure model' '_pdbx_validate_symm_contact.auth_asym_id_1'  
27 2 'Structure model' '_pdbx_validate_symm_contact.auth_comp_id_1'  
28 2 'Structure model' '_pdbx_validate_symm_contact.auth_seq_id_1'   
29 3 'Structure model' '_chem_comp.pdbx_synonyms'                    
30 3 'Structure model' '_database_2.pdbx_DOI'                        
31 3 'Structure model' '_database_2.pdbx_database_accession'         
# 
_pdbx_database_status.status_code                     REL 
_pdbx_database_status.entry_id                        4DEN 
_pdbx_database_status.recvd_initial_deposition_date   2012-01-20 
_pdbx_database_status.deposit_site                    RCSB 
_pdbx_database_status.process_site                    PDBJ 
_pdbx_database_status.methods_development_category    ? 
_pdbx_database_status.status_code_sf                  REL 
_pdbx_database_status.status_code_mr                  ? 
_pdbx_database_status.SG_entry                        ? 
_pdbx_database_status.status_code_cs                  ? 
_pdbx_database_status.pdb_format_compatible           Y 
_pdbx_database_status.status_code_nmr_data            ? 
# 
_pdbx_database_related.db_name        PDB 
_pdbx_database_related.db_id          3A07 
_pdbx_database_related.details        'Apo form of the protein, actinohivin' 
_pdbx_database_related.content_type   unspecified 
# 
loop_
_audit_author.name 
_audit_author.pdbx_ordinal 
'Hoque, M.M.'   1  
'Suzuki, K.'    2  
'Tsunoda, M.'   3  
'Jiang, J.'     4  
'Zhang, F.'     5  
'Takahashi, A.' 6  
'Naomi, O.'     7  
'Zhang, X.'     8  
'Sekiguchi, T.' 9  
'Tanaka, H.'    10 
'Omura, S.'     11 
'Takenaka, A.'  12 
# 
_citation.id                        primary 
_citation.title                     
;Structural insights into the specific anti-HIV property of actinohivin: structure of its complex with the alpha(1&#8211;2)mannobiose moiety of gp120
;
_citation.journal_abbrev            'Acta Crystallogr.,Sect.D' 
_citation.journal_volume            68 
_citation.page_first                1671 
_citation.page_last                 1679 
_citation.year                      2012 
_citation.journal_id_ASTM           ABCRE6 
_citation.country                   DK 
_citation.journal_id_ISSN           0907-4449 
_citation.journal_id_CSD            0766 
_citation.book_publisher            ? 
_citation.pdbx_database_id_PubMed   23151632 
_citation.pdbx_database_id_DOI      10.1107/S0907444912040498 
# 
loop_
_citation_author.citation_id 
_citation_author.name 
_citation_author.ordinal 
_citation_author.identifier_ORCID 
primary 'Hoque, M.M.'   1  ? 
primary 'Suzuki, K.'    2  ? 
primary 'Tsunoda, M.'   3  ? 
primary 'Jiang, J.'     4  ? 
primary 'Zhang, F.'     5  ? 
primary 'Takahashi, A.' 6  ? 
primary 'Ohbayashi, N.' 7  ? 
primary 'Zhang, X.'     8  ? 
primary 'Tanaka, H.'    9  ? 
primary 'Omura, S.'     10 ? 
primary 'Takenaka, A.'  11 ? 
# 
loop_
_entity.id 
_entity.type 
_entity.src_method 
_entity.pdbx_description 
_entity.formula_weight 
_entity.pdbx_number_of_molecules 
_entity.pdbx_ec 
_entity.pdbx_mutation 
_entity.pdbx_fragment 
_entity.details 
1 polymer     nat Actinohivin                                         12532.492 1  ? ? ? ? 
2 branched    man 'alpha-D-mannopyranose-(1-2)-alpha-D-mannopyranose' 342.297   3  ? ? ? ? 
3 non-polymer syn 'POTASSIUM ION'                                     39.098    3  ? ? ? ? 
4 water       nat water                                               18.015    69 ? ? ? ? 
# 
_entity_name_com.entity_id   2 
_entity_name_com.name        2alpha-alpha-mannobiose 
# 
_entity_poly.entity_id                      1 
_entity_poly.type                           'polypeptide(L)' 
_entity_poly.nstd_linkage                   no 
_entity_poly.nstd_monomer                   no 
_entity_poly.pdbx_seq_one_letter_code       
;ASVTIRNAQTGRLLDSNYNGNVYTLPANGGNYQRWTGPGDGTVRNAQTGRCLDSNYDGAVYTLPCNGGSYQKWLFYSNGY
IQNVETGRVLDSNYNGNVYTLPANGGNYQKWYTG
;
_entity_poly.pdbx_seq_one_letter_code_can   
;ASVTIRNAQTGRLLDSNYNGNVYTLPANGGNYQRWTGPGDGTVRNAQTGRCLDSNYDGAVYTLPCNGGSYQKWLFYSNGY
IQNVETGRVLDSNYNGNVYTLPANGGNYQKWYTG
;
_entity_poly.pdbx_strand_id                 A 
_entity_poly.pdbx_target_identifier         ? 
# 
loop_
_pdbx_entity_nonpoly.entity_id 
_pdbx_entity_nonpoly.name 
_pdbx_entity_nonpoly.comp_id 
3 'POTASSIUM ION' K   
4 water           HOH 
# 
loop_
_entity_poly_seq.entity_id 
_entity_poly_seq.num 
_entity_poly_seq.mon_id 
_entity_poly_seq.hetero 
1 1   ALA n 
1 2   SER n 
1 3   VAL n 
1 4   THR n 
1 5   ILE n 
1 6   ARG n 
1 7   ASN n 
1 8   ALA n 
1 9   GLN n 
1 10  THR n 
1 11  GLY n 
1 12  ARG n 
1 13  LEU n 
1 14  LEU n 
1 15  ASP n 
1 16  SER n 
1 17  ASN n 
1 18  TYR n 
1 19  ASN n 
1 20  GLY n 
1 21  ASN n 
1 22  VAL n 
1 23  TYR n 
1 24  THR n 
1 25  LEU n 
1 26  PRO n 
1 27  ALA n 
1 28  ASN n 
1 29  GLY n 
1 30  GLY n 
1 31  ASN n 
1 32  TYR n 
1 33  GLN n 
1 34  ARG n 
1 35  TRP n 
1 36  THR n 
1 37  GLY n 
1 38  PRO n 
1 39  GLY n 
1 40  ASP n 
1 41  GLY n 
1 42  THR n 
1 43  VAL n 
1 44  ARG n 
1 45  ASN n 
1 46  ALA n 
1 47  GLN n 
1 48  THR n 
1 49  GLY n 
1 50  ARG n 
1 51  CYS n 
1 52  LEU n 
1 53  ASP n 
1 54  SER n 
1 55  ASN n 
1 56  TYR n 
1 57  ASP n 
1 58  GLY n 
1 59  ALA n 
1 60  VAL n 
1 61  TYR n 
1 62  THR n 
1 63  LEU n 
1 64  PRO n 
1 65  CYS n 
1 66  ASN n 
1 67  GLY n 
1 68  GLY n 
1 69  SER n 
1 70  TYR n 
1 71  GLN n 
1 72  LYS n 
1 73  TRP n 
1 74  LEU n 
1 75  PHE n 
1 76  TYR n 
1 77  SER n 
1 78  ASN n 
1 79  GLY n 
1 80  TYR n 
1 81  ILE n 
1 82  GLN n 
1 83  ASN n 
1 84  VAL n 
1 85  GLU n 
1 86  THR n 
1 87  GLY n 
1 88  ARG n 
1 89  VAL n 
1 90  LEU n 
1 91  ASP n 
1 92  SER n 
1 93  ASN n 
1 94  TYR n 
1 95  ASN n 
1 96  GLY n 
1 97  ASN n 
1 98  VAL n 
1 99  TYR n 
1 100 THR n 
1 101 LEU n 
1 102 PRO n 
1 103 ALA n 
1 104 ASN n 
1 105 GLY n 
1 106 GLY n 
1 107 ASN n 
1 108 TYR n 
1 109 GLN n 
1 110 LYS n 
1 111 TRP n 
1 112 TYR n 
1 113 THR n 
1 114 GLY n 
# 
_entity_src_nat.entity_id                  1 
_entity_src_nat.pdbx_src_id                1 
_entity_src_nat.pdbx_alt_source_flag       sample 
_entity_src_nat.pdbx_beg_seq_num           ? 
_entity_src_nat.pdbx_end_seq_num           ? 
_entity_src_nat.common_name                ? 
_entity_src_nat.pdbx_organism_scientific   Actinomycete 
_entity_src_nat.pdbx_ncbi_taxonomy_id      237531 
_entity_src_nat.genus                      ? 
_entity_src_nat.species                    ? 
_entity_src_nat.strain                     K97-0003 
_entity_src_nat.tissue                     ? 
_entity_src_nat.tissue_fraction            ? 
_entity_src_nat.pdbx_secretion             ? 
_entity_src_nat.pdbx_fragment              ? 
_entity_src_nat.pdbx_variant               ? 
_entity_src_nat.pdbx_cell_line             ? 
_entity_src_nat.pdbx_atcc                  ? 
_entity_src_nat.pdbx_cellular_location     ? 
_entity_src_nat.pdbx_organ                 ? 
_entity_src_nat.pdbx_organelle             ? 
_entity_src_nat.pdbx_cell                  ? 
_entity_src_nat.pdbx_plasmid_name          ? 
_entity_src_nat.pdbx_plasmid_details       ? 
_entity_src_nat.details                    ? 
# 
_pdbx_entity_branch.entity_id   2 
_pdbx_entity_branch.type        oligosaccharide 
# 
loop_
_pdbx_entity_branch_descriptor.ordinal 
_pdbx_entity_branch_descriptor.entity_id 
_pdbx_entity_branch_descriptor.descriptor 
_pdbx_entity_branch_descriptor.type 
_pdbx_entity_branch_descriptor.program 
_pdbx_entity_branch_descriptor.program_version 
1 2 DManpa1-2DManpa1-ROH                        'Glycam Condensed Sequence' GMML       1.0   
2 2 'WURCS=2.0/1,2,1/[a1122h-1a_1-5]/1-1/a2-b1' WURCS                       PDB2Glycan 1.1.0 
3 2 '[][a-D-Manp]{[(2+1)][a-D-Manp]{}}'         LINUCS                      PDB-CARE   ?     
# 
_pdbx_entity_branch_link.link_id                    1 
_pdbx_entity_branch_link.entity_id                  2 
_pdbx_entity_branch_link.entity_branch_list_num_1   2 
_pdbx_entity_branch_link.comp_id_1                  MAN 
_pdbx_entity_branch_link.atom_id_1                  C1 
_pdbx_entity_branch_link.leaving_atom_id_1          O1 
_pdbx_entity_branch_link.entity_branch_list_num_2   1 
_pdbx_entity_branch_link.comp_id_2                  MAN 
_pdbx_entity_branch_link.atom_id_2                  O2 
_pdbx_entity_branch_link.leaving_atom_id_2          HO2 
_pdbx_entity_branch_link.value_order                sing 
_pdbx_entity_branch_link.details                    ? 
# 
loop_
_chem_comp.id 
_chem_comp.type 
_chem_comp.mon_nstd_flag 
_chem_comp.name 
_chem_comp.pdbx_synonyms 
_chem_comp.formula 
_chem_comp.formula_weight 
ALA 'L-peptide linking'           y ALANINE               ?                                     'C3 H7 N O2'     89.093  
ARG 'L-peptide linking'           y ARGININE              ?                                     'C6 H15 N4 O2 1' 175.209 
ASN 'L-peptide linking'           y ASPARAGINE            ?                                     'C4 H8 N2 O3'    132.118 
ASP 'L-peptide linking'           y 'ASPARTIC ACID'       ?                                     'C4 H7 N O4'     133.103 
CYS 'L-peptide linking'           y CYSTEINE              ?                                     'C3 H7 N O2 S'   121.158 
GLN 'L-peptide linking'           y GLUTAMINE             ?                                     'C5 H10 N2 O3'   146.144 
GLU 'L-peptide linking'           y 'GLUTAMIC ACID'       ?                                     'C5 H9 N O4'     147.129 
GLY 'peptide linking'             y GLYCINE               ?                                     'C2 H5 N O2'     75.067  
HOH non-polymer                   . WATER                 ?                                     'H2 O'           18.015  
ILE 'L-peptide linking'           y ISOLEUCINE            ?                                     'C6 H13 N O2'    131.173 
K   non-polymer                   . 'POTASSIUM ION'       ?                                     'K 1'            39.098  
LEU 'L-peptide linking'           y LEUCINE               ?                                     'C6 H13 N O2'    131.173 
LYS 'L-peptide linking'           y LYSINE                ?                                     'C6 H15 N2 O2 1' 147.195 
MAN 'D-saccharide, alpha linking' . alpha-D-mannopyranose 'alpha-D-mannose; D-mannose; mannose' 'C6 H12 O6'      180.156 
PHE 'L-peptide linking'           y PHENYLALANINE         ?                                     'C9 H11 N O2'    165.189 
PRO 'L-peptide linking'           y PROLINE               ?                                     'C5 H9 N O2'     115.130 
SER 'L-peptide linking'           y SERINE                ?                                     'C3 H7 N O3'     105.093 
THR 'L-peptide linking'           y THREONINE             ?                                     'C4 H9 N O3'     119.119 
TRP 'L-peptide linking'           y TRYPTOPHAN            ?                                     'C11 H12 N2 O2'  204.225 
TYR 'L-peptide linking'           y TYROSINE              ?                                     'C9 H11 N O3'    181.189 
VAL 'L-peptide linking'           y VALINE                ?                                     'C5 H11 N O2'    117.146 
# 
loop_
_pdbx_chem_comp_identifier.comp_id 
_pdbx_chem_comp_identifier.type 
_pdbx_chem_comp_identifier.program 
_pdbx_chem_comp_identifier.program_version 
_pdbx_chem_comp_identifier.identifier 
MAN 'CONDENSED IUPAC CARBOHYDRATE SYMBOL' GMML     1.0 DManpa            
MAN 'COMMON NAME'                         GMML     1.0 a-D-mannopyranose 
MAN 'IUPAC CARBOHYDRATE SYMBOL'           PDB-CARE 1.0 a-D-Manp          
MAN 'SNFG CARBOHYDRATE SYMBOL'            GMML     1.0 Man               
# 
loop_
_pdbx_poly_seq_scheme.asym_id 
_pdbx_poly_seq_scheme.entity_id 
_pdbx_poly_seq_scheme.seq_id 
_pdbx_poly_seq_scheme.mon_id 
_pdbx_poly_seq_scheme.ndb_seq_num 
_pdbx_poly_seq_scheme.pdb_seq_num 
_pdbx_poly_seq_scheme.auth_seq_num 
_pdbx_poly_seq_scheme.pdb_mon_id 
_pdbx_poly_seq_scheme.auth_mon_id 
_pdbx_poly_seq_scheme.pdb_strand_id 
_pdbx_poly_seq_scheme.pdb_ins_code 
_pdbx_poly_seq_scheme.hetero 
A 1 1   ALA 1   47  ?   ?   ?   A . n 
A 1 2   SER 2   48  ?   ?   ?   A . n 
A 1 3   VAL 3   49  49  VAL VAL A . n 
A 1 4   THR 4   50  50  THR THR A . n 
A 1 5   ILE 5   51  51  ILE ILE A . n 
A 1 6   ARG 6   52  52  ARG ARG A . n 
A 1 7   ASN 7   53  53  ASN ASN A . n 
A 1 8   ALA 8   54  54  ALA ALA A . n 
A 1 9   GLN 9   55  55  GLN GLN A . n 
A 1 10  THR 10  56  56  THR THR A . n 
A 1 11  GLY 11  57  57  GLY GLY A . n 
A 1 12  ARG 12  58  58  ARG ARG A . n 
A 1 13  LEU 13  59  59  LEU LEU A . n 
A 1 14  LEU 14  60  60  LEU LEU A . n 
A 1 15  ASP 15  61  61  ASP ASP A . n 
A 1 16  SER 16  62  62  SER SER A . n 
A 1 17  ASN 17  63  63  ASN ASN A . n 
A 1 18  TYR 18  64  64  TYR TYR A . n 
A 1 19  ASN 19  65  65  ASN ASN A . n 
A 1 20  GLY 20  66  66  GLY GLY A . n 
A 1 21  ASN 21  67  67  ASN ASN A . n 
A 1 22  VAL 22  68  68  VAL VAL A . n 
A 1 23  TYR 23  69  69  TYR TYR A . n 
A 1 24  THR 24  70  70  THR THR A . n 
A 1 25  LEU 25  71  71  LEU LEU A . n 
A 1 26  PRO 26  72  72  PRO PRO A . n 
A 1 27  ALA 27  73  73  ALA ALA A . n 
A 1 28  ASN 28  74  74  ASN ASN A . n 
A 1 29  GLY 29  75  75  GLY GLY A . n 
A 1 30  GLY 30  76  76  GLY GLY A . n 
A 1 31  ASN 31  77  77  ASN ASN A . n 
A 1 32  TYR 32  78  78  TYR TYR A . n 
A 1 33  GLN 33  79  79  GLN GLN A . n 
A 1 34  ARG 34  80  80  ARG ARG A . n 
A 1 35  TRP 35  81  81  TRP TRP A . n 
A 1 36  THR 36  82  82  THR THR A . n 
A 1 37  GLY 37  83  83  GLY GLY A . n 
A 1 38  PRO 38  84  84  PRO PRO A . n 
A 1 39  GLY 39  85  85  GLY GLY A . n 
A 1 40  ASP 40  86  86  ASP ASP A . n 
A 1 41  GLY 41  87  87  GLY GLY A . n 
A 1 42  THR 42  88  88  THR THR A . n 
A 1 43  VAL 43  89  89  VAL VAL A . n 
A 1 44  ARG 44  90  90  ARG ARG A . n 
A 1 45  ASN 45  91  91  ASN ASN A . n 
A 1 46  ALA 46  92  92  ALA ALA A . n 
A 1 47  GLN 47  93  93  GLN GLN A . n 
A 1 48  THR 48  94  94  THR THR A . n 
A 1 49  GLY 49  95  95  GLY GLY A . n 
A 1 50  ARG 50  96  96  ARG ARG A . n 
A 1 51  CYS 51  97  97  CYS CYS A . n 
A 1 52  LEU 52  98  98  LEU LEU A . n 
A 1 53  ASP 53  99  99  ASP ASP A . n 
A 1 54  SER 54  100 100 SER SER A . n 
A 1 55  ASN 55  101 101 ASN ASN A . n 
A 1 56  TYR 56  102 102 TYR TYR A . n 
A 1 57  ASP 57  103 103 ASP ASP A . n 
A 1 58  GLY 58  104 104 GLY GLY A . n 
A 1 59  ALA 59  105 105 ALA ALA A . n 
A 1 60  VAL 60  106 106 VAL VAL A . n 
A 1 61  TYR 61  107 107 TYR TYR A . n 
A 1 62  THR 62  108 108 THR THR A . n 
A 1 63  LEU 63  109 109 LEU LEU A . n 
A 1 64  PRO 64  110 110 PRO PRO A . n 
A 1 65  CYS 65  111 111 CYS CYS A . n 
A 1 66  ASN 66  112 112 ASN ASN A . n 
A 1 67  GLY 67  113 113 GLY GLY A . n 
A 1 68  GLY 68  114 114 GLY GLY A . n 
A 1 69  SER 69  115 115 SER SER A . n 
A 1 70  TYR 70  116 116 TYR TYR A . n 
A 1 71  GLN 71  117 117 GLN GLN A . n 
A 1 72  LYS 72  118 118 LYS LYS A . n 
A 1 73  TRP 73  119 119 TRP TRP A . n 
A 1 74  LEU 74  120 120 LEU LEU A . n 
A 1 75  PHE 75  121 121 PHE PHE A . n 
A 1 76  TYR 76  122 122 TYR TYR A . n 
A 1 77  SER 77  123 123 SER SER A . n 
A 1 78  ASN 78  124 124 ASN ASN A . n 
A 1 79  GLY 79  125 125 GLY GLY A . n 
A 1 80  TYR 80  126 126 TYR TYR A . n 
A 1 81  ILE 81  127 127 ILE ILE A . n 
A 1 82  GLN 82  128 128 GLN GLN A . n 
A 1 83  ASN 83  129 129 ASN ASN A . n 
A 1 84  VAL 84  130 130 VAL VAL A . n 
A 1 85  GLU 85  131 131 GLU GLU A . n 
A 1 86  THR 86  132 132 THR THR A . n 
A 1 87  GLY 87  133 133 GLY GLY A . n 
A 1 88  ARG 88  134 134 ARG ARG A . n 
A 1 89  VAL 89  135 135 VAL VAL A . n 
A 1 90  LEU 90  136 136 LEU LEU A . n 
A 1 91  ASP 91  137 137 ASP ASP A . n 
A 1 92  SER 92  138 138 SER SER A . n 
A 1 93  ASN 93  139 139 ASN ASN A . n 
A 1 94  TYR 94  140 140 TYR TYR A . n 
A 1 95  ASN 95  141 141 ASN ASN A . n 
A 1 96  GLY 96  142 142 GLY GLY A . n 
A 1 97  ASN 97  143 143 ASN ASN A . n 
A 1 98  VAL 98  144 144 VAL VAL A . n 
A 1 99  TYR 99  145 145 TYR TYR A . n 
A 1 100 THR 100 146 146 THR THR A . n 
A 1 101 LEU 101 147 147 LEU LEU A . n 
A 1 102 PRO 102 148 148 PRO PRO A . n 
A 1 103 ALA 103 149 149 ALA ALA A . n 
A 1 104 ASN 104 150 150 ASN ASN A . n 
A 1 105 GLY 105 151 151 GLY GLY A . n 
A 1 106 GLY 106 152 152 GLY GLY A . n 
A 1 107 ASN 107 153 153 ASN ASN A . n 
A 1 108 TYR 108 154 154 TYR TYR A . n 
A 1 109 GLN 109 155 155 GLN GLN A . n 
A 1 110 LYS 110 156 156 LYS LYS A . n 
A 1 111 TRP 111 157 157 TRP TRP A . n 
A 1 112 TYR 112 158 158 TYR TYR A . n 
A 1 113 THR 113 159 159 THR THR A . n 
A 1 114 GLY 114 160 160 GLY GLY A . n 
# 
loop_
_pdbx_branch_scheme.asym_id 
_pdbx_branch_scheme.entity_id 
_pdbx_branch_scheme.mon_id 
_pdbx_branch_scheme.num 
_pdbx_branch_scheme.pdb_asym_id 
_pdbx_branch_scheme.pdb_mon_id 
_pdbx_branch_scheme.pdb_seq_num 
_pdbx_branch_scheme.auth_asym_id 
_pdbx_branch_scheme.auth_mon_id 
_pdbx_branch_scheme.auth_seq_num 
_pdbx_branch_scheme.hetero 
B 2 MAN 1 B MAN 1 B MAB 5034 n 
B 2 MAN 2 B MAN 2 B MAB 5034 n 
C 2 MAN 1 C MAN 1 B MAB 5044 n 
C 2 MAN 2 C MAN 2 B MAB 5044 n 
D 2 MAN 1 D MAN 1 B MAB 5054 n 
D 2 MAN 2 D MAN 2 B MAB 5054 n 
# 
loop_
_pdbx_nonpoly_scheme.asym_id 
_pdbx_nonpoly_scheme.entity_id 
_pdbx_nonpoly_scheme.mon_id 
_pdbx_nonpoly_scheme.ndb_seq_num 
_pdbx_nonpoly_scheme.pdb_seq_num 
_pdbx_nonpoly_scheme.auth_seq_num 
_pdbx_nonpoly_scheme.pdb_mon_id 
_pdbx_nonpoly_scheme.auth_mon_id 
_pdbx_nonpoly_scheme.pdb_strand_id 
_pdbx_nonpoly_scheme.pdb_ins_code 
E 3 K   1  204 93 K   K   A . 
F 3 K   1  205 96 K   K   A . 
G 3 K   1  206 99 K   K   A . 
H 4 HOH 1  301 1  HOH HOH A . 
H 4 HOH 2  302 2  HOH HOH A . 
H 4 HOH 3  303 3  HOH HOH A . 
H 4 HOH 4  304 4  HOH HOH A . 
H 4 HOH 5  305 6  HOH HOH A . 
H 4 HOH 6  306 7  HOH HOH A . 
H 4 HOH 7  307 8  HOH HOH A . 
H 4 HOH 8  308 10 HOH HOH A . 
H 4 HOH 9  309 11 HOH HOH A . 
H 4 HOH 10 310 12 HOH HOH A . 
H 4 HOH 11 311 13 HOH HOH A . 
H 4 HOH 12 312 14 HOH HOH A . 
H 4 HOH 13 313 15 HOH HOH A . 
H 4 HOH 14 314 16 HOH HOH A . 
H 4 HOH 15 315 17 HOH HOH A . 
H 4 HOH 16 316 18 HOH HOH A . 
H 4 HOH 17 317 19 HOH HOH A . 
H 4 HOH 18 318 20 HOH HOH A . 
H 4 HOH 19 319 21 HOH HOH A . 
H 4 HOH 20 320 22 HOH HOH A . 
H 4 HOH 21 321 23 HOH HOH A . 
H 4 HOH 22 322 24 HOH HOH A . 
H 4 HOH 23 323 25 HOH HOH A . 
H 4 HOH 24 324 26 HOH HOH A . 
H 4 HOH 25 325 27 HOH HOH A . 
H 4 HOH 26 326 28 HOH HOH A . 
H 4 HOH 27 327 29 HOH HOH A . 
H 4 HOH 28 328 30 HOH HOH A . 
H 4 HOH 29 329 31 HOH HOH A . 
H 4 HOH 30 330 32 HOH HOH A . 
H 4 HOH 31 331 33 HOH HOH A . 
H 4 HOH 32 332 34 HOH HOH A . 
H 4 HOH 33 333 35 HOH HOH A . 
H 4 HOH 34 334 36 HOH HOH A . 
H 4 HOH 35 335 37 HOH HOH A . 
H 4 HOH 36 336 38 HOH HOH A . 
H 4 HOH 37 337 39 HOH HOH A . 
H 4 HOH 38 338 40 HOH HOH A . 
H 4 HOH 39 339 41 HOH HOH A . 
H 4 HOH 40 340 51 HOH HOH A . 
H 4 HOH 41 341 52 HOH HOH A . 
H 4 HOH 42 342 53 HOH HOH A . 
H 4 HOH 43 343 54 HOH HOH A . 
H 4 HOH 44 344 55 HOH HOH A . 
H 4 HOH 45 345 56 HOH HOH A . 
H 4 HOH 46 346 57 HOH HOH A . 
H 4 HOH 47 347 58 HOH HOH A . 
H 4 HOH 48 348 59 HOH HOH A . 
H 4 HOH 49 349 62 HOH HOH A . 
H 4 HOH 50 350 64 HOH HOH A . 
H 4 HOH 51 351 65 HOH HOH A . 
H 4 HOH 52 352 66 HOH HOH A . 
H 4 HOH 53 353 67 HOH HOH A . 
H 4 HOH 54 354 68 HOH HOH A . 
H 4 HOH 55 355 69 HOH HOH A . 
H 4 HOH 56 356 70 HOH HOH A . 
H 4 HOH 57 357 71 HOH HOH A . 
H 4 HOH 58 358 72 HOH HOH A . 
H 4 HOH 59 359 73 HOH HOH A . 
H 4 HOH 60 360 74 HOH HOH A . 
H 4 HOH 61 361 75 HOH HOH A . 
H 4 HOH 62 362 76 HOH HOH A . 
H 4 HOH 63 363 77 HOH HOH A . 
H 4 HOH 64 364 78 HOH HOH A . 
H 4 HOH 65 365 79 HOH HOH A . 
H 4 HOH 66 366 80 HOH HOH A . 
H 4 HOH 67 367 81 HOH HOH A . 
H 4 HOH 68 368 82 HOH HOH A . 
H 4 HOH 69 369 83 HOH HOH A . 
# 
loop_
_software.name 
_software.classification 
_software.version 
_software.citation_id 
_software.pdbx_ordinal 
ADSC     'data collection' Quantum  ? 1 
AMoRE    phasing           .        ? 2 
REFMAC   refinement        5.5.0109 ? 3 
HKL-2000 'data reduction'  .        ? 4 
HKL-2000 'data scaling'    .        ? 5 
# 
_cell.entry_id           4DEN 
_cell.length_a           56.217 
_cell.length_b           56.217 
_cell.length_c           56.217 
_cell.angle_alpha        90.00 
_cell.angle_beta         90.00 
_cell.angle_gamma        90.00 
_cell.Z_PDB              12 
_cell.pdbx_unique_axis   ? 
_cell.length_a_esd       ? 
_cell.length_b_esd       ? 
_cell.length_c_esd       ? 
_cell.angle_alpha_esd    ? 
_cell.angle_beta_esd     ? 
_cell.angle_gamma_esd    ? 
# 
_symmetry.entry_id                         4DEN 
_symmetry.space_group_name_H-M             'P 21 3' 
_symmetry.pdbx_full_space_group_name_H-M   ? 
_symmetry.cell_setting                     ? 
_symmetry.Int_Tables_number                198 
_symmetry.space_group_name_Hall            ? 
# 
_exptl.entry_id          4DEN 
_exptl.method            'X-RAY DIFFRACTION' 
_exptl.crystals_number   1 
# 
_exptl_crystal.id                    1 
_exptl_crystal.density_meas          ? 
_exptl_crystal.density_Matthews      ? 
_exptl_crystal.density_percent_sol   ? 
_exptl_crystal.description           ? 
_exptl_crystal.F_000                 ? 
_exptl_crystal.preparation           ? 
# 
_exptl_crystal_grow.crystal_id      1 
_exptl_crystal_grow.method          'VAPOR DIFFUSION, HANGING DROP' 
_exptl_crystal_grow.temp            298 
_exptl_crystal_grow.temp_details    ? 
_exptl_crystal_grow.pH              6.2 
_exptl_crystal_grow.pdbx_details    
'20% w/v PEG 1000, 0.2M NaCl, 0.1M Na/K phosphate buffer pH 6.2, VAPOR DIFFUSION, HANGING DROP, temperature 298K' 
_exptl_crystal_grow.pdbx_pH_range   . 
# 
_diffrn.id                     1 
_diffrn.ambient_temp           100 
_diffrn.ambient_temp_details   ? 
_diffrn.crystal_id             1 
# 
_diffrn_detector.diffrn_id              1 
_diffrn_detector.detector               CCD 
_diffrn_detector.type                   'ADSC QUANTUM 210' 
_diffrn_detector.pdbx_collection_date   2009-02-21 
_diffrn_detector.details                ? 
# 
_diffrn_radiation.diffrn_id                        1 
_diffrn_radiation.wavelength_id                    1 
_diffrn_radiation.pdbx_monochromatic_or_laue_m_l   M 
_diffrn_radiation.monochromator                    ? 
_diffrn_radiation.pdbx_diffrn_protocol             'SINGLE WAVELENGTH' 
_diffrn_radiation.pdbx_scattering_type             x-ray 
# 
_diffrn_radiation_wavelength.id           1 
_diffrn_radiation_wavelength.wavelength   1.00 
_diffrn_radiation_wavelength.wt           1.0 
# 
_diffrn_source.diffrn_id                   1 
_diffrn_source.source                      SYNCHROTRON 
_diffrn_source.type                        'PHOTON FACTORY BEAMLINE AR-NW12A' 
_diffrn_source.pdbx_synchrotron_site       'Photon Factory' 
_diffrn_source.pdbx_synchrotron_beamline   AR-NW12A 
_diffrn_source.pdbx_wavelength             ? 
_diffrn_source.pdbx_wavelength_list        1.00 
# 
_reflns.entry_id                     4DEN 
_reflns.observed_criterion_sigma_I   ? 
_reflns.observed_criterion_sigma_F   ? 
_reflns.d_resolution_low             39.75 
_reflns.d_resolution_high            1.60 
_reflns.number_obs                   8067 
_reflns.number_all                   ? 
_reflns.percent_possible_obs         99.5 
_reflns.pdbx_Rmerge_I_obs            0.060 
_reflns.pdbx_Rsym_value              ? 
_reflns.pdbx_netI_over_sigmaI        20.1 
_reflns.B_iso_Wilson_estimate        ? 
_reflns.pdbx_redundancy              19.4 
_reflns.R_free_details               ? 
_reflns.limit_h_max                  ? 
_reflns.limit_h_min                  ? 
_reflns.limit_k_max                  ? 
_reflns.limit_k_min                  ? 
_reflns.limit_l_max                  ? 
_reflns.limit_l_min                  ? 
_reflns.observed_criterion_F_max     ? 
_reflns.observed_criterion_F_min     ? 
_reflns.pdbx_chi_squared             ? 
_reflns.pdbx_scaling_rejects         ? 
_reflns.pdbx_ordinal                 1 
_reflns.pdbx_diffrn_id               1 
# 
_reflns_shell.d_res_high                  1.60 
_reflns_shell.d_res_low                   1.63 
_reflns_shell.percent_possible_all        100 
_reflns_shell.Rmerge_I_obs                0.570 
_reflns_shell.pdbx_Rsym_value             ? 
_reflns_shell.meanI_over_sigI_obs         7.8 
_reflns_shell.pdbx_redundancy             19.3 
_reflns_shell.percent_possible_obs        ? 
_reflns_shell.number_unique_all           402 
_reflns_shell.number_measured_all         ? 
_reflns_shell.number_measured_obs         ? 
_reflns_shell.number_unique_obs           ? 
_reflns_shell.pdbx_chi_squared            ? 
_reflns_shell.pdbx_rejects                ? 
_reflns_shell.pdbx_netI_over_sigmaI_obs   ? 
_reflns_shell.number_possible             ? 
_reflns_shell.Rmerge_F_all                ? 
_reflns_shell.Rmerge_F_obs                ? 
_reflns_shell.Rmerge_I_all                ? 
_reflns_shell.meanI_over_sigI_all         ? 
_reflns_shell.pdbx_Rrim_I_all             ? 
_reflns_shell.pdbx_Rpim_I_all             ? 
_reflns_shell.pdbx_ordinal                1 
_reflns_shell.pdbx_diffrn_id              1 
# 
_refine.entry_id                                 4DEN 
_refine.ls_number_reflns_obs                     7647 
_refine.ls_number_reflns_all                     ? 
_refine.pdbx_ls_sigma_I                          ? 
_refine.pdbx_ls_sigma_F                          ? 
_refine.pdbx_data_cutoff_high_absF               ? 
_refine.pdbx_data_cutoff_low_absF                ? 
_refine.pdbx_data_cutoff_high_rms_absF           ? 
_refine.ls_d_res_low                             39.75 
_refine.ls_d_res_high                            1.60 
_refine.ls_percent_reflns_obs                    99.16 
_refine.ls_R_factor_obs                          0.14721 
_refine.ls_R_factor_all                          ? 
_refine.ls_R_factor_R_work                       0.14473 
_refine.ls_R_factor_R_free                       0.20167 
_refine.ls_R_factor_R_free_error                 ? 
_refine.ls_R_factor_R_free_error_details         ? 
_refine.ls_percent_reflns_R_free                 4.6 
_refine.ls_number_reflns_R_free                  370 
_refine.ls_number_parameters                     ? 
_refine.ls_number_restraints                     ? 
_refine.occupancy_min                            ? 
_refine.occupancy_max                            ? 
_refine.correlation_coeff_Fo_to_Fc               0.972 
_refine.correlation_coeff_Fo_to_Fc_free          0.928 
_refine.B_iso_mean                               16.958 
_refine.aniso_B[1][1]                            ? 
_refine.aniso_B[2][2]                            ? 
_refine.aniso_B[3][3]                            ? 
_refine.aniso_B[1][2]                            ? 
_refine.aniso_B[1][3]                            ? 
_refine.aniso_B[2][3]                            ? 
_refine.solvent_model_details                    MASK 
_refine.solvent_model_param_ksol                 ? 
_refine.solvent_model_param_bsol                 ? 
_refine.pdbx_solvent_vdw_probe_radii             1.40 
_refine.pdbx_solvent_ion_probe_radii             0.80 
_refine.pdbx_solvent_shrinkage_radii             0.80 
_refine.pdbx_ls_cross_valid_method               THROUGHOUT 
_refine.details                                  
;THE CRYSTAL HABIT SHOWS THE SPACE GROUP TO BE P213 APPARENTLY AT THE HIGHEST CONFIDENCE. IN THE CRYSTAL STRUCTURE, HOWEVER, AUTHORS HAVE FOUND THAT THREE ACTINOHIVIN MOLECULES (IN COMPLEX WITH ALPHA(1-2)MANNOBIOSE) ARE DISORDERED AROUND THE CRYSTALLOGRAPHIC 3-FOLD AXIS. THIS IS ASCRIBED TO THE MOLECULAR PSEUDO 3-FOLD SYMMETRY OF THE INTRINSIC STRUCTURE. THEREFORE, IT IS CONCLUDED THAT ACTINOHIVIN MOLECULES ARE PACKED ACCORDING TO THE SPACE GROUP P212121, BUT THE PROTEINS CAN ROTATE RANDOMLY AT EVERY 120 DEGREE AROUND THE MOLECULAR SYMMETRY IN EACH UNIT CELL OR BETWEEN THE CELLS. THE DETAILED DATA AND DISCUSSIONS ARE DESCRIBED IN THE PUBLISHED PAPER.
;
_refine.pdbx_starting_model                      'PDB ENTRY 3A07' 
_refine.pdbx_method_to_determine_struct          'MOLECULAR REPLACEMENT' 
_refine.pdbx_isotropic_thermal_model             ? 
_refine.pdbx_stereochemistry_target_values       'MAXIMUM LIKELIHOOD' 
_refine.pdbx_stereochem_target_val_spec_case     ? 
_refine.pdbx_R_Free_selection_details            RANDOM 
_refine.pdbx_overall_ESU_R                       0.126 
_refine.pdbx_overall_ESU_R_Free                  0.120 
_refine.overall_SU_ML                            0.073 
_refine.pdbx_overall_phase_error                 ? 
_refine.overall_SU_B                             1.914 
_refine.overall_SU_R_Cruickshank_DPI             ? 
_refine.ls_redundancy_reflns_obs                 ? 
_refine.B_iso_min                                ? 
_refine.B_iso_max                                ? 
_refine.overall_SU_R_free                        ? 
_refine.ls_wR_factor_R_free                      ? 
_refine.ls_wR_factor_R_work                      ? 
_refine.overall_FOM_free_R_set                   ? 
_refine.overall_FOM_work_R_set                   ? 
_refine.pdbx_diffrn_id                           1 
_refine.pdbx_refine_id                           'X-RAY DIFFRACTION' 
_refine.pdbx_TLS_residual_ADP_flag               ? 
_refine.pdbx_overall_SU_R_free_Cruickshank_DPI   ? 
_refine.pdbx_overall_SU_R_Blow_DPI               ? 
_refine.pdbx_overall_SU_R_free_Blow_DPI          ? 
# 
_refine_hist.pdbx_refine_id                   'X-RAY DIFFRACTION' 
_refine_hist.cycle_id                         LAST 
_refine_hist.pdbx_number_atoms_protein        875 
_refine_hist.pdbx_number_atoms_nucleic_acid   0 
_refine_hist.pdbx_number_atoms_ligand         72 
_refine_hist.number_atoms_solvent             69 
_refine_hist.number_atoms_total               1016 
_refine_hist.d_res_high                       1.60 
_refine_hist.d_res_low                        39.75 
# 
loop_
_refine_ls_restr.type 
_refine_ls_restr.dev_ideal 
_refine_ls_restr.dev_ideal_target 
_refine_ls_restr.weight 
_refine_ls_restr.number 
_refine_ls_restr.pdbx_restraint_function 
_refine_ls_restr.pdbx_refine_id 
r_bond_refined_d       0.021  0.021  ? 970  ? 'X-RAY DIFFRACTION' 
r_angle_refined_deg    2.197  2.003  ? 1332 ? 'X-RAY DIFFRACTION' 
r_dihedral_angle_1_deg 6.728  5.000  ? 111  ? 'X-RAY DIFFRACTION' 
r_dihedral_angle_2_deg 33.199 24.400 ? 50   ? 'X-RAY DIFFRACTION' 
r_dihedral_angle_3_deg 15.246 15.000 ? 121  ? 'X-RAY DIFFRACTION' 
r_dihedral_angle_4_deg 10.212 15.000 ? 6    ? 'X-RAY DIFFRACTION' 
r_chiral_restr         0.153  0.200  ? 152  ? 'X-RAY DIFFRACTION' 
r_gen_planes_refined   0.011  0.021  ? 739  ? 'X-RAY DIFFRACTION' 
r_mcbond_it            1.176  1.500  ? 547  ? 'X-RAY DIFFRACTION' 
r_mcangle_it           1.809  2.000  ? 870  ? 'X-RAY DIFFRACTION' 
r_scbond_it            2.922  3.000  ? 423  ? 'X-RAY DIFFRACTION' 
r_scangle_it           3.779  4.500  ? 462  ? 'X-RAY DIFFRACTION' 
# 
_refine_ls_shell.pdbx_refine_id                   'X-RAY DIFFRACTION' 
_refine_ls_shell.pdbx_total_number_of_bins_used   20 
_refine_ls_shell.d_res_high                       1.598 
_refine_ls_shell.d_res_low                        1.640 
_refine_ls_shell.number_reflns_R_work             554 
_refine_ls_shell.R_factor_R_work                  0.197 
_refine_ls_shell.percent_reflns_obs               100.00 
_refine_ls_shell.R_factor_R_free                  0.290 
_refine_ls_shell.R_factor_R_free_error            ? 
_refine_ls_shell.percent_reflns_R_free            ? 
_refine_ls_shell.number_reflns_R_free             25 
_refine_ls_shell.number_reflns_all                ? 
_refine_ls_shell.R_factor_all                     ? 
_refine_ls_shell.number_reflns_obs                554 
_refine_ls_shell.redundancy_reflns_obs            ? 
# 
_struct.entry_id                  4DEN 
_struct.title                     
;Structural insightsinto potent, specific anti-HIV property of actinohivin; Crystal structure of actinohivin in complex with alpha(1-2) mannobiose moiety of high-mannose type glycan of gp120
;
_struct.pdbx_model_details        ? 
_struct.pdbx_CASP_flag            ? 
_struct.pdbx_model_type_details   ? 
# 
_struct_keywords.entry_id        4DEN 
_struct_keywords.pdbx_keywords   'ANTIVIRAL PROTEIN' 
_struct_keywords.text            'anti-HIV lectin, molecular recognition, high-mannose type glycan, ANTIVIRAL PROTEIN' 
# 
loop_
_struct_asym.id 
_struct_asym.pdbx_blank_PDB_chainid_flag 
_struct_asym.pdbx_modified 
_struct_asym.entity_id 
_struct_asym.details 
A N N 1 ? 
B N N 2 ? 
C N N 2 ? 
D N N 2 ? 
E N N 3 ? 
F N N 3 ? 
G N N 3 ? 
H N N 4 ? 
# 
_struct_ref.id                         1 
_struct_ref.db_name                    UNP 
_struct_ref.db_code                    AHV_ACTSK 
_struct_ref.pdbx_db_accession          Q9KWN0 
_struct_ref.entity_id                  1 
_struct_ref.pdbx_seq_one_letter_code   
;ASVTIRNAQTGRLLDSNYNGNVYTLPANGGNYQRWTGPGDGTVRNAQTGRCLDSNYDGAVYTLPCNGGSYQKWLFYSNGY
IQNVETGRVLDSNYNGNVYTLPANGGNYQKWYTG
;
_struct_ref.pdbx_align_begin           47 
_struct_ref.pdbx_db_isoform            ? 
# 
_struct_ref_seq.align_id                      1 
_struct_ref_seq.ref_id                        1 
_struct_ref_seq.pdbx_PDB_id_code              4DEN 
_struct_ref_seq.pdbx_strand_id                A 
_struct_ref_seq.seq_align_beg                 1 
_struct_ref_seq.pdbx_seq_align_beg_ins_code   ? 
_struct_ref_seq.seq_align_end                 114 
_struct_ref_seq.pdbx_seq_align_end_ins_code   ? 
_struct_ref_seq.pdbx_db_accession             Q9KWN0 
_struct_ref_seq.db_align_beg                  47 
_struct_ref_seq.pdbx_db_align_beg_ins_code    ? 
_struct_ref_seq.db_align_end                  160 
_struct_ref_seq.pdbx_db_align_end_ins_code    ? 
_struct_ref_seq.pdbx_auth_seq_align_beg       47 
_struct_ref_seq.pdbx_auth_seq_align_end       160 
# 
_pdbx_struct_assembly.id                   1 
_pdbx_struct_assembly.details              author_defined_assembly 
_pdbx_struct_assembly.method_details       ? 
_pdbx_struct_assembly.oligomeric_details   monomeric 
_pdbx_struct_assembly.oligomeric_count     1 
# 
_pdbx_struct_assembly_gen.assembly_id       1 
_pdbx_struct_assembly_gen.oper_expression   1 
_pdbx_struct_assembly_gen.asym_id_list      A,B,C,D,E,F,G,H 
# 
_pdbx_struct_oper_list.id                   1 
_pdbx_struct_oper_list.type                 'identity operation' 
_pdbx_struct_oper_list.name                 1_555 
_pdbx_struct_oper_list.symmetry_operation   x,y,z 
_pdbx_struct_oper_list.matrix[1][1]         1.0000000000 
_pdbx_struct_oper_list.matrix[1][2]         0.0000000000 
_pdbx_struct_oper_list.matrix[1][3]         0.0000000000 
_pdbx_struct_oper_list.vector[1]            0.0000000000 
_pdbx_struct_oper_list.matrix[2][1]         0.0000000000 
_pdbx_struct_oper_list.matrix[2][2]         1.0000000000 
_pdbx_struct_oper_list.matrix[2][3]         0.0000000000 
_pdbx_struct_oper_list.vector[2]            0.0000000000 
_pdbx_struct_oper_list.matrix[3][1]         0.0000000000 
_pdbx_struct_oper_list.matrix[3][2]         0.0000000000 
_pdbx_struct_oper_list.matrix[3][3]         1.0000000000 
_pdbx_struct_oper_list.vector[3]            0.0000000000 
# 
_struct_biol.id        1 
_struct_biol.details   ? 
# 
loop_
_struct_conf.conf_type_id 
_struct_conf.id 
_struct_conf.pdbx_PDB_helix_id 
_struct_conf.beg_label_comp_id 
_struct_conf.beg_label_asym_id 
_struct_conf.beg_label_seq_id 
_struct_conf.pdbx_beg_PDB_ins_code 
_struct_conf.end_label_comp_id 
_struct_conf.end_label_asym_id 
_struct_conf.end_label_seq_id 
_struct_conf.pdbx_end_PDB_ins_code 
_struct_conf.beg_auth_comp_id 
_struct_conf.beg_auth_asym_id 
_struct_conf.beg_auth_seq_id 
_struct_conf.end_auth_comp_id 
_struct_conf.end_auth_asym_id 
_struct_conf.end_auth_seq_id 
_struct_conf.pdbx_PDB_helix_class 
_struct_conf.details 
_struct_conf.pdbx_PDB_helix_length 
HELX_P HELX_P1 1 GLY A 30  ? GLN A 33  ? GLY A 76  GLN A 79  5 ? 4 
HELX_P HELX_P2 2 GLY A 68  ? GLN A 71  ? GLY A 114 GLN A 117 5 ? 4 
HELX_P HELX_P3 3 GLY A 106 ? GLN A 109 ? GLY A 152 GLN A 155 5 ? 4 
# 
_struct_conf_type.id          HELX_P 
_struct_conf_type.criteria    ? 
_struct_conf_type.reference   ? 
# 
loop_
_struct_conn.id 
_struct_conn.conn_type_id 
_struct_conn.pdbx_leaving_atom_flag 
_struct_conn.pdbx_PDB_id 
_struct_conn.ptnr1_label_asym_id 
_struct_conn.ptnr1_label_comp_id 
_struct_conn.ptnr1_label_seq_id 
_struct_conn.ptnr1_label_atom_id 
_struct_conn.pdbx_ptnr1_label_alt_id 
_struct_conn.pdbx_ptnr1_PDB_ins_code 
_struct_conn.pdbx_ptnr1_standard_comp_id 
_struct_conn.ptnr1_symmetry 
_struct_conn.ptnr2_label_asym_id 
_struct_conn.ptnr2_label_comp_id 
_struct_conn.ptnr2_label_seq_id 
_struct_conn.ptnr2_label_atom_id 
_struct_conn.pdbx_ptnr2_label_alt_id 
_struct_conn.pdbx_ptnr2_PDB_ins_code 
_struct_conn.ptnr1_auth_asym_id 
_struct_conn.ptnr1_auth_comp_id 
_struct_conn.ptnr1_auth_seq_id 
_struct_conn.ptnr2_auth_asym_id 
_struct_conn.ptnr2_auth_comp_id 
_struct_conn.ptnr2_auth_seq_id 
_struct_conn.ptnr2_symmetry 
_struct_conn.pdbx_ptnr3_label_atom_id 
_struct_conn.pdbx_ptnr3_label_seq_id 
_struct_conn.pdbx_ptnr3_label_comp_id 
_struct_conn.pdbx_ptnr3_label_asym_id 
_struct_conn.pdbx_ptnr3_label_alt_id 
_struct_conn.pdbx_ptnr3_PDB_ins_code 
_struct_conn.details 
_struct_conn.pdbx_dist_value 
_struct_conn.pdbx_value_order 
_struct_conn.pdbx_role 
disulf1 disulf ?    ? A CYS 51  SG ? ? ? 1_555 A CYS 65 SG ? ? A CYS 97  A CYS 111 1_555 ? ? ? ? ? ? ? 2.037 ?    ? 
covale1 covale both ? B MAN .   O2 ? ? ? 1_555 B MAN .  C1 ? ? B MAN 1   B MAN 2   1_555 ? ? ? ? ? ? ? 1.448 sing ? 
covale2 covale both ? C MAN .   O2 ? ? ? 1_555 C MAN .  C1 ? ? C MAN 1   C MAN 2   1_555 ? ? ? ? ? ? ? 1.428 sing ? 
covale3 covale both ? D MAN .   O2 ? ? ? 1_555 D MAN .  C1 ? ? D MAN 1   D MAN 2   1_555 ? ? ? ? ? ? ? 1.455 sing ? 
metalc1 metalc ?    ? A ASN 104 O  ? ? ? 1_555 E K   .  K  ? ? A ASN 150 A K   204 1_555 ? ? ? ? ? ? ? 2.646 ?    ? 
metalc2 metalc ?    ? E K   .   K  ? ? ? 1_555 D MAN .  O2 ? ? A K   204 D MAN 2   1_555 ? ? ? ? ? ? ? 2.811 ?    ? 
metalc3 metalc ?    ? F K   .   K  ? ? ? 1_555 D MAN .  O4 ? ? A K   205 D MAN 2   1_555 ? ? ? ? ? ? ? 2.950 ?    ? 
metalc4 metalc ?    ? G K   .   K  ? ? ? 1_555 C MAN .  O6 ? ? A K   206 C MAN 1   1_555 ? ? ? ? ? ? ? 2.853 ?    ? 
# 
loop_
_struct_conn_type.id 
_struct_conn_type.criteria 
_struct_conn_type.reference 
disulf ? ? 
covale ? ? 
metalc ? ? 
# 
_pdbx_struct_conn_angle.id                    1 
_pdbx_struct_conn_angle.ptnr1_label_atom_id   O 
_pdbx_struct_conn_angle.ptnr1_label_alt_id    ? 
_pdbx_struct_conn_angle.ptnr1_label_asym_id   A 
_pdbx_struct_conn_angle.ptnr1_label_comp_id   ASN 
_pdbx_struct_conn_angle.ptnr1_label_seq_id    104 
_pdbx_struct_conn_angle.ptnr1_auth_atom_id    ? 
_pdbx_struct_conn_angle.ptnr1_auth_asym_id    A 
_pdbx_struct_conn_angle.ptnr1_auth_comp_id    ASN 
_pdbx_struct_conn_angle.ptnr1_auth_seq_id     150 
_pdbx_struct_conn_angle.ptnr1_PDB_ins_code    ? 
_pdbx_struct_conn_angle.ptnr1_symmetry        1_555 
_pdbx_struct_conn_angle.ptnr2_label_atom_id   K 
_pdbx_struct_conn_angle.ptnr2_label_alt_id    ? 
_pdbx_struct_conn_angle.ptnr2_label_asym_id   E 
_pdbx_struct_conn_angle.ptnr2_label_comp_id   K 
_pdbx_struct_conn_angle.ptnr2_label_seq_id    . 
_pdbx_struct_conn_angle.ptnr2_auth_atom_id    ? 
_pdbx_struct_conn_angle.ptnr2_auth_asym_id    A 
_pdbx_struct_conn_angle.ptnr2_auth_comp_id    K 
_pdbx_struct_conn_angle.ptnr2_auth_seq_id     204 
_pdbx_struct_conn_angle.ptnr2_PDB_ins_code    ? 
_pdbx_struct_conn_angle.ptnr2_symmetry        1_555 
_pdbx_struct_conn_angle.ptnr3_label_atom_id   O2 
_pdbx_struct_conn_angle.ptnr3_label_alt_id    ? 
_pdbx_struct_conn_angle.ptnr3_label_asym_id   D 
_pdbx_struct_conn_angle.ptnr3_label_comp_id   MAN 
_pdbx_struct_conn_angle.ptnr3_label_seq_id    . 
_pdbx_struct_conn_angle.ptnr3_auth_atom_id    ? 
_pdbx_struct_conn_angle.ptnr3_auth_asym_id    D 
_pdbx_struct_conn_angle.ptnr3_auth_comp_id    MAN 
_pdbx_struct_conn_angle.ptnr3_auth_seq_id     2 
_pdbx_struct_conn_angle.ptnr3_PDB_ins_code    ? 
_pdbx_struct_conn_angle.ptnr3_symmetry        1_555 
_pdbx_struct_conn_angle.value                 106.0 
_pdbx_struct_conn_angle.value_esd             ? 
# 
_pdbx_modification_feature.ordinal                            1 
_pdbx_modification_feature.label_comp_id                      CYS 
_pdbx_modification_feature.label_asym_id                      A 
_pdbx_modification_feature.label_seq_id                       51 
_pdbx_modification_feature.label_alt_id                       ? 
_pdbx_modification_feature.modified_residue_label_comp_id     CYS 
_pdbx_modification_feature.modified_residue_label_asym_id     A 
_pdbx_modification_feature.modified_residue_label_seq_id      65 
_pdbx_modification_feature.modified_residue_label_alt_id      ? 
_pdbx_modification_feature.auth_comp_id                       CYS 
_pdbx_modification_feature.auth_asym_id                       A 
_pdbx_modification_feature.auth_seq_id                        97 
_pdbx_modification_feature.PDB_ins_code                       ? 
_pdbx_modification_feature.symmetry                           1_555 
_pdbx_modification_feature.modified_residue_auth_comp_id      CYS 
_pdbx_modification_feature.modified_residue_auth_asym_id      A 
_pdbx_modification_feature.modified_residue_auth_seq_id       111 
_pdbx_modification_feature.modified_residue_PDB_ins_code      ? 
_pdbx_modification_feature.modified_residue_symmetry          1_555 
_pdbx_modification_feature.comp_id_linking_atom               SG 
_pdbx_modification_feature.modified_residue_id_linking_atom   SG 
_pdbx_modification_feature.modified_residue_id                . 
_pdbx_modification_feature.ref_pcm_id                         . 
_pdbx_modification_feature.ref_comp_id                        . 
_pdbx_modification_feature.type                               None 
_pdbx_modification_feature.category                           'Disulfide bridge' 
# 
loop_
_struct_sheet.id 
_struct_sheet.type 
_struct_sheet.number_strands 
_struct_sheet.details 
A ? 2 ? 
B ? 2 ? 
C ? 2 ? 
D ? 2 ? 
E ? 2 ? 
F ? 2 ? 
# 
loop_
_struct_sheet_order.sheet_id 
_struct_sheet_order.range_id_1 
_struct_sheet_order.range_id_2 
_struct_sheet_order.offset 
_struct_sheet_order.sense 
A 1 2 ? anti-parallel 
B 1 2 ? anti-parallel 
C 1 2 ? anti-parallel 
D 1 2 ? anti-parallel 
E 1 2 ? anti-parallel 
F 1 2 ? anti-parallel 
# 
loop_
_struct_sheet_range.sheet_id 
_struct_sheet_range.id 
_struct_sheet_range.beg_label_comp_id 
_struct_sheet_range.beg_label_asym_id 
_struct_sheet_range.beg_label_seq_id 
_struct_sheet_range.pdbx_beg_PDB_ins_code 
_struct_sheet_range.end_label_comp_id 
_struct_sheet_range.end_label_asym_id 
_struct_sheet_range.end_label_seq_id 
_struct_sheet_range.pdbx_end_PDB_ins_code 
_struct_sheet_range.beg_auth_comp_id 
_struct_sheet_range.beg_auth_asym_id 
_struct_sheet_range.beg_auth_seq_id 
_struct_sheet_range.end_auth_comp_id 
_struct_sheet_range.end_auth_asym_id 
_struct_sheet_range.end_auth_seq_id 
A 1 ILE A 5   ? ASN A 7   ? ILE A 51  ASN A 53  
A 2 TRP A 111 ? THR A 113 ? TRP A 157 THR A 159 
B 1 LEU A 13  ? SER A 16  ? LEU A 59  SER A 62  
B 2 VAL A 22  ? LEU A 25  ? VAL A 68  LEU A 71  
C 1 TRP A 35  ? THR A 36  ? TRP A 81  THR A 82  
C 2 ARG A 44  ? ASN A 45  ? ARG A 90  ASN A 91  
D 1 CYS A 51  ? SER A 54  ? CYS A 97  SER A 100 
D 2 VAL A 60  ? LEU A 63  ? VAL A 106 LEU A 109 
E 1 TRP A 73  ? PHE A 75  ? TRP A 119 PHE A 121 
E 2 ILE A 81  ? ASN A 83  ? ILE A 127 ASN A 129 
F 1 VAL A 89  ? SER A 92  ? VAL A 135 SER A 138 
F 2 VAL A 98  ? LEU A 101 ? VAL A 144 LEU A 147 
# 
loop_
_pdbx_struct_sheet_hbond.sheet_id 
_pdbx_struct_sheet_hbond.range_id_1 
_pdbx_struct_sheet_hbond.range_id_2 
_pdbx_struct_sheet_hbond.range_1_label_atom_id 
_pdbx_struct_sheet_hbond.range_1_label_comp_id 
_pdbx_struct_sheet_hbond.range_1_label_asym_id 
_pdbx_struct_sheet_hbond.range_1_label_seq_id 
_pdbx_struct_sheet_hbond.range_1_PDB_ins_code 
_pdbx_struct_sheet_hbond.range_1_auth_atom_id 
_pdbx_struct_sheet_hbond.range_1_auth_comp_id 
_pdbx_struct_sheet_hbond.range_1_auth_asym_id 
_pdbx_struct_sheet_hbond.range_1_auth_seq_id 
_pdbx_struct_sheet_hbond.range_2_label_atom_id 
_pdbx_struct_sheet_hbond.range_2_label_comp_id 
_pdbx_struct_sheet_hbond.range_2_label_asym_id 
_pdbx_struct_sheet_hbond.range_2_label_seq_id 
_pdbx_struct_sheet_hbond.range_2_PDB_ins_code 
_pdbx_struct_sheet_hbond.range_2_auth_atom_id 
_pdbx_struct_sheet_hbond.range_2_auth_comp_id 
_pdbx_struct_sheet_hbond.range_2_auth_asym_id 
_pdbx_struct_sheet_hbond.range_2_auth_seq_id 
A 1 2 N ARG A 6  ? N ARG A 52  O TYR A 112 ? O TYR A 158 
B 1 2 N LEU A 13 ? N LEU A 59  O LEU A 25  ? O LEU A 71  
C 1 2 N THR A 36 ? N THR A 82  O ARG A 44  ? O ARG A 90  
D 1 2 N CYS A 51 ? N CYS A 97  O LEU A 63  ? O LEU A 109 
E 1 2 N LEU A 74 ? N LEU A 120 O GLN A 82  ? O GLN A 128 
F 1 2 N ASP A 91 ? N ASP A 137 O TYR A 99  ? O TYR A 145 
# 
_pdbx_entry_details.entry_id                   4DEN 
_pdbx_entry_details.compound_details           ? 
_pdbx_entry_details.source_details             ? 
_pdbx_entry_details.nonpolymer_details         ? 
_pdbx_entry_details.sequence_details           ? 
_pdbx_entry_details.has_ligand_of_interest     ? 
_pdbx_entry_details.has_protein_modification   Y 
# 
loop_
_pdbx_validate_close_contact.id 
_pdbx_validate_close_contact.PDB_model_num 
_pdbx_validate_close_contact.auth_atom_id_1 
_pdbx_validate_close_contact.auth_asym_id_1 
_pdbx_validate_close_contact.auth_comp_id_1 
_pdbx_validate_close_contact.auth_seq_id_1 
_pdbx_validate_close_contact.PDB_ins_code_1 
_pdbx_validate_close_contact.label_alt_id_1 
_pdbx_validate_close_contact.auth_atom_id_2 
_pdbx_validate_close_contact.auth_asym_id_2 
_pdbx_validate_close_contact.auth_comp_id_2 
_pdbx_validate_close_contact.auth_seq_id_2 
_pdbx_validate_close_contact.PDB_ins_code_2 
_pdbx_validate_close_contact.label_alt_id_2 
_pdbx_validate_close_contact.dist 
1 1 O   A HOH 313 ? ? O A HOH 366 ? ? 1.96 
2 1 O   A HOH 306 ? ? O A HOH 326 ? ? 1.96 
3 1 O   A HOH 311 ? ? O A HOH 347 ? ? 2.04 
4 1 OD1 A ASN 67  ? ? O A HOH 321 ? ? 2.04 
5 1 O   A HOH 346 ? ? O A HOH 362 ? ? 2.12 
# 
loop_
_pdbx_validate_symm_contact.id 
_pdbx_validate_symm_contact.PDB_model_num 
_pdbx_validate_symm_contact.auth_atom_id_1 
_pdbx_validate_symm_contact.auth_asym_id_1 
_pdbx_validate_symm_contact.auth_comp_id_1 
_pdbx_validate_symm_contact.auth_seq_id_1 
_pdbx_validate_symm_contact.PDB_ins_code_1 
_pdbx_validate_symm_contact.label_alt_id_1 
_pdbx_validate_symm_contact.site_symmetry_1 
_pdbx_validate_symm_contact.auth_atom_id_2 
_pdbx_validate_symm_contact.auth_asym_id_2 
_pdbx_validate_symm_contact.auth_comp_id_2 
_pdbx_validate_symm_contact.auth_seq_id_2 
_pdbx_validate_symm_contact.PDB_ins_code_2 
_pdbx_validate_symm_contact.label_alt_id_2 
_pdbx_validate_symm_contact.site_symmetry_2 
_pdbx_validate_symm_contact.dist 
1  1 O   A HOH 306 ? ? 1_555 O A HOH 328 ? ? 12_554 1.34 
2  1 O   A HOH 320 ? ? 1_555 O A HOH 333 ? ? 10_545 1.50 
3  1 O   A HOH 328 ? ? 1_555 O A HOH 329 ? ? 6_555  1.54 
4  1 O   A HOH 330 ? ? 1_555 O A HOH 363 ? ? 9_555  1.59 
5  1 O   A HOH 334 ? ? 1_555 O A HOH 337 ? ? 9_555  1.59 
6  1 OD1 A ASN 143 ? ? 1_555 O A HOH 321 ? ? 5_555  1.62 
7  1 O6  C MAN 2   ? ? 1_555 O A HOH 364 ? ? 5_555  1.73 
8  1 O   A HOH 327 ? ? 1_555 O A HOH 330 ? ? 11_555 1.84 
9  1 O6  D MAN 2   ? ? 1_555 O A HOH 364 ? ? 9_555  1.84 
10 1 O   A HOH 367 ? ? 1_555 O A HOH 369 ? ? 9_555  1.86 
11 1 O   A HOH 327 ? ? 1_555 O A HOH 329 ? ? 6_555  1.86 
12 1 OE1 A GLN 55  ? ? 1_555 O A HOH 364 ? ? 8_545  1.91 
13 1 O   A HOH 312 ? ? 1_555 O A HOH 313 ? ? 9_555  2.05 
14 1 O   A HOH 368 ? ? 1_555 O A HOH 369 ? ? 9_555  2.08 
15 1 O   A HOH 343 ? ? 1_555 O A HOH 359 ? ? 5_555  2.09 
16 1 O   A HOH 301 ? ? 1_555 O A HOH 314 ? ? 9_555  2.13 
17 1 O   A HOH 331 ? ? 1_555 O A HOH 361 ? ? 9_555  2.14 
18 1 O   A HOH 301 ? ? 1_555 O A HOH 338 ? ? 5_555  2.18 
# 
_pdbx_molecule_features.prd_id    PRD_900111 
_pdbx_molecule_features.name      2alpha-alpha-mannobiose 
_pdbx_molecule_features.type      Oligosaccharide 
_pdbx_molecule_features.class     Metabolism 
_pdbx_molecule_features.details   oligosaccharide 
# 
loop_
_pdbx_molecule.instance_id 
_pdbx_molecule.prd_id 
_pdbx_molecule.asym_id 
1 PRD_900111 B 
2 PRD_900111 C 
3 PRD_900111 D 
# 
loop_
_pdbx_struct_special_symmetry.id 
_pdbx_struct_special_symmetry.PDB_model_num 
_pdbx_struct_special_symmetry.auth_asym_id 
_pdbx_struct_special_symmetry.auth_comp_id 
_pdbx_struct_special_symmetry.auth_seq_id 
_pdbx_struct_special_symmetry.PDB_ins_code 
_pdbx_struct_special_symmetry.label_asym_id 
_pdbx_struct_special_symmetry.label_comp_id 
_pdbx_struct_special_symmetry.label_seq_id 
1 1 A K   204 ? E K   . 
2 1 A K   205 ? F K   . 
3 1 A HOH 307 ? H HOH . 
4 1 A HOH 315 ? H HOH . 
# 
loop_
_pdbx_unobs_or_zero_occ_residues.id 
_pdbx_unobs_or_zero_occ_residues.PDB_model_num 
_pdbx_unobs_or_zero_occ_residues.polymer_flag 
_pdbx_unobs_or_zero_occ_residues.occupancy_flag 
_pdbx_unobs_or_zero_occ_residues.auth_asym_id 
_pdbx_unobs_or_zero_occ_residues.auth_comp_id 
_pdbx_unobs_or_zero_occ_residues.auth_seq_id 
_pdbx_unobs_or_zero_occ_residues.PDB_ins_code 
_pdbx_unobs_or_zero_occ_residues.label_asym_id 
_pdbx_unobs_or_zero_occ_residues.label_comp_id 
_pdbx_unobs_or_zero_occ_residues.label_seq_id 
1 1 Y 1 A ALA 47 ? A ALA 1 
2 1 Y 1 A SER 48 ? A SER 2 
# 
loop_
_chem_comp_atom.comp_id 
_chem_comp_atom.atom_id 
_chem_comp_atom.type_symbol 
_chem_comp_atom.pdbx_aromatic_flag 
_chem_comp_atom.pdbx_stereo_config 
_chem_comp_atom.pdbx_ordinal 
ALA N    N N N 1   
ALA CA   C N S 2   
ALA C    C N N 3   
ALA O    O N N 4   
ALA CB   C N N 5   
ALA OXT  O N N 6   
ALA H    H N N 7   
ALA H2   H N N 8   
ALA HA   H N N 9   
ALA HB1  H N N 10  
ALA HB2  H N N 11  
ALA HB3  H N N 12  
ALA HXT  H N N 13  
ARG N    N N N 14  
ARG CA   C N S 15  
ARG C    C N N 16  
ARG O    O N N 17  
ARG CB   C N N 18  
ARG CG   C N N 19  
ARG CD   C N N 20  
ARG NE   N N N 21  
ARG CZ   C N N 22  
ARG NH1  N N N 23  
ARG NH2  N N N 24  
ARG OXT  O N N 25  
ARG H    H N N 26  
ARG H2   H N N 27  
ARG HA   H N N 28  
ARG HB2  H N N 29  
ARG HB3  H N N 30  
ARG HG2  H N N 31  
ARG HG3  H N N 32  
ARG HD2  H N N 33  
ARG HD3  H N N 34  
ARG HE   H N N 35  
ARG HH11 H N N 36  
ARG HH12 H N N 37  
ARG HH21 H N N 38  
ARG HH22 H N N 39  
ARG HXT  H N N 40  
ASN N    N N N 41  
ASN CA   C N S 42  
ASN C    C N N 43  
ASN O    O N N 44  
ASN CB   C N N 45  
ASN CG   C N N 46  
ASN OD1  O N N 47  
ASN ND2  N N N 48  
ASN OXT  O N N 49  
ASN H    H N N 50  
ASN H2   H N N 51  
ASN HA   H N N 52  
ASN HB2  H N N 53  
ASN HB3  H N N 54  
ASN HD21 H N N 55  
ASN HD22 H N N 56  
ASN HXT  H N N 57  
ASP N    N N N 58  
ASP CA   C N S 59  
ASP C    C N N 60  
ASP O    O N N 61  
ASP CB   C N N 62  
ASP CG   C N N 63  
ASP OD1  O N N 64  
ASP OD2  O N N 65  
ASP OXT  O N N 66  
ASP H    H N N 67  
ASP H2   H N N 68  
ASP HA   H N N 69  
ASP HB2  H N N 70  
ASP HB3  H N N 71  
ASP HD2  H N N 72  
ASP HXT  H N N 73  
CYS N    N N N 74  
CYS CA   C N R 75  
CYS C    C N N 76  
CYS O    O N N 77  
CYS CB   C N N 78  
CYS SG   S N N 79  
CYS OXT  O N N 80  
CYS H    H N N 81  
CYS H2   H N N 82  
CYS HA   H N N 83  
CYS HB2  H N N 84  
CYS HB3  H N N 85  
CYS HG   H N N 86  
CYS HXT  H N N 87  
GLN N    N N N 88  
GLN CA   C N S 89  
GLN C    C N N 90  
GLN O    O N N 91  
GLN CB   C N N 92  
GLN CG   C N N 93  
GLN CD   C N N 94  
GLN OE1  O N N 95  
GLN NE2  N N N 96  
GLN OXT  O N N 97  
GLN H    H N N 98  
GLN H2   H N N 99  
GLN HA   H N N 100 
GLN HB2  H N N 101 
GLN HB3  H N N 102 
GLN HG2  H N N 103 
GLN HG3  H N N 104 
GLN HE21 H N N 105 
GLN HE22 H N N 106 
GLN HXT  H N N 107 
GLU N    N N N 108 
GLU CA   C N S 109 
GLU C    C N N 110 
GLU O    O N N 111 
GLU CB   C N N 112 
GLU CG   C N N 113 
GLU CD   C N N 114 
GLU OE1  O N N 115 
GLU OE2  O N N 116 
GLU OXT  O N N 117 
GLU H    H N N 118 
GLU H2   H N N 119 
GLU HA   H N N 120 
GLU HB2  H N N 121 
GLU HB3  H N N 122 
GLU HG2  H N N 123 
GLU HG3  H N N 124 
GLU HE2  H N N 125 
GLU HXT  H N N 126 
GLY N    N N N 127 
GLY CA   C N N 128 
GLY C    C N N 129 
GLY O    O N N 130 
GLY OXT  O N N 131 
GLY H    H N N 132 
GLY H2   H N N 133 
GLY HA2  H N N 134 
GLY HA3  H N N 135 
GLY HXT  H N N 136 
HOH O    O N N 137 
HOH H1   H N N 138 
HOH H2   H N N 139 
ILE N    N N N 140 
ILE CA   C N S 141 
ILE C    C N N 142 
ILE O    O N N 143 
ILE CB   C N S 144 
ILE CG1  C N N 145 
ILE CG2  C N N 146 
ILE CD1  C N N 147 
ILE OXT  O N N 148 
ILE H    H N N 149 
ILE H2   H N N 150 
ILE HA   H N N 151 
ILE HB   H N N 152 
ILE HG12 H N N 153 
ILE HG13 H N N 154 
ILE HG21 H N N 155 
ILE HG22 H N N 156 
ILE HG23 H N N 157 
ILE HD11 H N N 158 
ILE HD12 H N N 159 
ILE HD13 H N N 160 
ILE HXT  H N N 161 
K   K    K N N 162 
LEU N    N N N 163 
LEU CA   C N S 164 
LEU C    C N N 165 
LEU O    O N N 166 
LEU CB   C N N 167 
LEU CG   C N N 168 
LEU CD1  C N N 169 
LEU CD2  C N N 170 
LEU OXT  O N N 171 
LEU H    H N N 172 
LEU H2   H N N 173 
LEU HA   H N N 174 
LEU HB2  H N N 175 
LEU HB3  H N N 176 
LEU HG   H N N 177 
LEU HD11 H N N 178 
LEU HD12 H N N 179 
LEU HD13 H N N 180 
LEU HD21 H N N 181 
LEU HD22 H N N 182 
LEU HD23 H N N 183 
LEU HXT  H N N 184 
LYS N    N N N 185 
LYS CA   C N S 186 
LYS C    C N N 187 
LYS O    O N N 188 
LYS CB   C N N 189 
LYS CG   C N N 190 
LYS CD   C N N 191 
LYS CE   C N N 192 
LYS NZ   N N N 193 
LYS OXT  O N N 194 
LYS H    H N N 195 
LYS H2   H N N 196 
LYS HA   H N N 197 
LYS HB2  H N N 198 
LYS HB3  H N N 199 
LYS HG2  H N N 200 
LYS HG3  H N N 201 
LYS HD2  H N N 202 
LYS HD3  H N N 203 
LYS HE2  H N N 204 
LYS HE3  H N N 205 
LYS HZ1  H N N 206 
LYS HZ2  H N N 207 
LYS HZ3  H N N 208 
LYS HXT  H N N 209 
MAN C1   C N S 210 
MAN C2   C N S 211 
MAN C3   C N S 212 
MAN C4   C N S 213 
MAN C5   C N R 214 
MAN C6   C N N 215 
MAN O1   O N N 216 
MAN O2   O N N 217 
MAN O3   O N N 218 
MAN O4   O N N 219 
MAN O5   O N N 220 
MAN O6   O N N 221 
MAN H1   H N N 222 
MAN H2   H N N 223 
MAN H3   H N N 224 
MAN H4   H N N 225 
MAN H5   H N N 226 
MAN H61  H N N 227 
MAN H62  H N N 228 
MAN HO1  H N N 229 
MAN HO2  H N N 230 
MAN HO3  H N N 231 
MAN HO4  H N N 232 
MAN HO6  H N N 233 
PHE N    N N N 234 
PHE CA   C N S 235 
PHE C    C N N 236 
PHE O    O N N 237 
PHE CB   C N N 238 
PHE CG   C Y N 239 
PHE CD1  C Y N 240 
PHE CD2  C Y N 241 
PHE CE1  C Y N 242 
PHE CE2  C Y N 243 
PHE CZ   C Y N 244 
PHE OXT  O N N 245 
PHE H    H N N 246 
PHE H2   H N N 247 
PHE HA   H N N 248 
PHE HB2  H N N 249 
PHE HB3  H N N 250 
PHE HD1  H N N 251 
PHE HD2  H N N 252 
PHE HE1  H N N 253 
PHE HE2  H N N 254 
PHE HZ   H N N 255 
PHE HXT  H N N 256 
PRO N    N N N 257 
PRO CA   C N S 258 
PRO C    C N N 259 
PRO O    O N N 260 
PRO CB   C N N 261 
PRO CG   C N N 262 
PRO CD   C N N 263 
PRO OXT  O N N 264 
PRO H    H N N 265 
PRO HA   H N N 266 
PRO HB2  H N N 267 
PRO HB3  H N N 268 
PRO HG2  H N N 269 
PRO HG3  H N N 270 
PRO HD2  H N N 271 
PRO HD3  H N N 272 
PRO HXT  H N N 273 
SER N    N N N 274 
SER CA   C N S 275 
SER C    C N N 276 
SER O    O N N 277 
SER CB   C N N 278 
SER OG   O N N 279 
SER OXT  O N N 280 
SER H    H N N 281 
SER H2   H N N 282 
SER HA   H N N 283 
SER HB2  H N N 284 
SER HB3  H N N 285 
SER HG   H N N 286 
SER HXT  H N N 287 
THR N    N N N 288 
THR CA   C N S 289 
THR C    C N N 290 
THR O    O N N 291 
THR CB   C N R 292 
THR OG1  O N N 293 
THR CG2  C N N 294 
THR OXT  O N N 295 
THR H    H N N 296 
THR H2   H N N 297 
THR HA   H N N 298 
THR HB   H N N 299 
THR HG1  H N N 300 
THR HG21 H N N 301 
THR HG22 H N N 302 
THR HG23 H N N 303 
THR HXT  H N N 304 
TRP N    N N N 305 
TRP CA   C N S 306 
TRP C    C N N 307 
TRP O    O N N 308 
TRP CB   C N N 309 
TRP CG   C Y N 310 
TRP CD1  C Y N 311 
TRP CD2  C Y N 312 
TRP NE1  N Y N 313 
TRP CE2  C Y N 314 
TRP CE3  C Y N 315 
TRP CZ2  C Y N 316 
TRP CZ3  C Y N 317 
TRP CH2  C Y N 318 
TRP OXT  O N N 319 
TRP H    H N N 320 
TRP H2   H N N 321 
TRP HA   H N N 322 
TRP HB2  H N N 323 
TRP HB3  H N N 324 
TRP HD1  H N N 325 
TRP HE1  H N N 326 
TRP HE3  H N N 327 
TRP HZ2  H N N 328 
TRP HZ3  H N N 329 
TRP HH2  H N N 330 
TRP HXT  H N N 331 
TYR N    N N N 332 
TYR CA   C N S 333 
TYR C    C N N 334 
TYR O    O N N 335 
TYR CB   C N N 336 
TYR CG   C Y N 337 
TYR CD1  C Y N 338 
TYR CD2  C Y N 339 
TYR CE1  C Y N 340 
TYR CE2  C Y N 341 
TYR CZ   C Y N 342 
TYR OH   O N N 343 
TYR OXT  O N N 344 
TYR H    H N N 345 
TYR H2   H N N 346 
TYR HA   H N N 347 
TYR HB2  H N N 348 
TYR HB3  H N N 349 
TYR HD1  H N N 350 
TYR HD2  H N N 351 
TYR HE1  H N N 352 
TYR HE2  H N N 353 
TYR HH   H N N 354 
TYR HXT  H N N 355 
VAL N    N N N 356 
VAL CA   C N S 357 
VAL C    C N N 358 
VAL O    O N N 359 
VAL CB   C N N 360 
VAL CG1  C N N 361 
VAL CG2  C N N 362 
VAL OXT  O N N 363 
VAL H    H N N 364 
VAL H2   H N N 365 
VAL HA   H N N 366 
VAL HB   H N N 367 
VAL HG11 H N N 368 
VAL HG12 H N N 369 
VAL HG13 H N N 370 
VAL HG21 H N N 371 
VAL HG22 H N N 372 
VAL HG23 H N N 373 
VAL HXT  H N N 374 
# 
loop_
_chem_comp_bond.comp_id 
_chem_comp_bond.atom_id_1 
_chem_comp_bond.atom_id_2 
_chem_comp_bond.value_order 
_chem_comp_bond.pdbx_aromatic_flag 
_chem_comp_bond.pdbx_stereo_config 
_chem_comp_bond.pdbx_ordinal 
ALA N   CA   sing N N 1   
ALA N   H    sing N N 2   
ALA N   H2   sing N N 3   
ALA CA  C    sing N N 4   
ALA CA  CB   sing N N 5   
ALA CA  HA   sing N N 6   
ALA C   O    doub N N 7   
ALA C   OXT  sing N N 8   
ALA CB  HB1  sing N N 9   
ALA CB  HB2  sing N N 10  
ALA CB  HB3  sing N N 11  
ALA OXT HXT  sing N N 12  
ARG N   CA   sing N N 13  
ARG N   H    sing N N 14  
ARG N   H2   sing N N 15  
ARG CA  C    sing N N 16  
ARG CA  CB   sing N N 17  
ARG CA  HA   sing N N 18  
ARG C   O    doub N N 19  
ARG C   OXT  sing N N 20  
ARG CB  CG   sing N N 21  
ARG CB  HB2  sing N N 22  
ARG CB  HB3  sing N N 23  
ARG CG  CD   sing N N 24  
ARG CG  HG2  sing N N 25  
ARG CG  HG3  sing N N 26  
ARG CD  NE   sing N N 27  
ARG CD  HD2  sing N N 28  
ARG CD  HD3  sing N N 29  
ARG NE  CZ   sing N N 30  
ARG NE  HE   sing N N 31  
ARG CZ  NH1  sing N N 32  
ARG CZ  NH2  doub N N 33  
ARG NH1 HH11 sing N N 34  
ARG NH1 HH12 sing N N 35  
ARG NH2 HH21 sing N N 36  
ARG NH2 HH22 sing N N 37  
ARG OXT HXT  sing N N 38  
ASN N   CA   sing N N 39  
ASN N   H    sing N N 40  
ASN N   H2   sing N N 41  
ASN CA  C    sing N N 42  
ASN CA  CB   sing N N 43  
ASN CA  HA   sing N N 44  
ASN C   O    doub N N 45  
ASN C   OXT  sing N N 46  
ASN CB  CG   sing N N 47  
ASN CB  HB2  sing N N 48  
ASN CB  HB3  sing N N 49  
ASN CG  OD1  doub N N 50  
ASN CG  ND2  sing N N 51  
ASN ND2 HD21 sing N N 52  
ASN ND2 HD22 sing N N 53  
ASN OXT HXT  sing N N 54  
ASP N   CA   sing N N 55  
ASP N   H    sing N N 56  
ASP N   H2   sing N N 57  
ASP CA  C    sing N N 58  
ASP CA  CB   sing N N 59  
ASP CA  HA   sing N N 60  
ASP C   O    doub N N 61  
ASP C   OXT  sing N N 62  
ASP CB  CG   sing N N 63  
ASP CB  HB2  sing N N 64  
ASP CB  HB3  sing N N 65  
ASP CG  OD1  doub N N 66  
ASP CG  OD2  sing N N 67  
ASP OD2 HD2  sing N N 68  
ASP OXT HXT  sing N N 69  
CYS N   CA   sing N N 70  
CYS N   H    sing N N 71  
CYS N   H2   sing N N 72  
CYS CA  C    sing N N 73  
CYS CA  CB   sing N N 74  
CYS CA  HA   sing N N 75  
CYS C   O    doub N N 76  
CYS C   OXT  sing N N 77  
CYS CB  SG   sing N N 78  
CYS CB  HB2  sing N N 79  
CYS CB  HB3  sing N N 80  
CYS SG  HG   sing N N 81  
CYS OXT HXT  sing N N 82  
GLN N   CA   sing N N 83  
GLN N   H    sing N N 84  
GLN N   H2   sing N N 85  
GLN CA  C    sing N N 86  
GLN CA  CB   sing N N 87  
GLN CA  HA   sing N N 88  
GLN C   O    doub N N 89  
GLN C   OXT  sing N N 90  
GLN CB  CG   sing N N 91  
GLN CB  HB2  sing N N 92  
GLN CB  HB3  sing N N 93  
GLN CG  CD   sing N N 94  
GLN CG  HG2  sing N N 95  
GLN CG  HG3  sing N N 96  
GLN CD  OE1  doub N N 97  
GLN CD  NE2  sing N N 98  
GLN NE2 HE21 sing N N 99  
GLN NE2 HE22 sing N N 100 
GLN OXT HXT  sing N N 101 
GLU N   CA   sing N N 102 
GLU N   H    sing N N 103 
GLU N   H2   sing N N 104 
GLU CA  C    sing N N 105 
GLU CA  CB   sing N N 106 
GLU CA  HA   sing N N 107 
GLU C   O    doub N N 108 
GLU C   OXT  sing N N 109 
GLU CB  CG   sing N N 110 
GLU CB  HB2  sing N N 111 
GLU CB  HB3  sing N N 112 
GLU CG  CD   sing N N 113 
GLU CG  HG2  sing N N 114 
GLU CG  HG3  sing N N 115 
GLU CD  OE1  doub N N 116 
GLU CD  OE2  sing N N 117 
GLU OE2 HE2  sing N N 118 
GLU OXT HXT  sing N N 119 
GLY N   CA   sing N N 120 
GLY N   H    sing N N 121 
GLY N   H2   sing N N 122 
GLY CA  C    sing N N 123 
GLY CA  HA2  sing N N 124 
GLY CA  HA3  sing N N 125 
GLY C   O    doub N N 126 
GLY C   OXT  sing N N 127 
GLY OXT HXT  sing N N 128 
HOH O   H1   sing N N 129 
HOH O   H2   sing N N 130 
ILE N   CA   sing N N 131 
ILE N   H    sing N N 132 
ILE N   H2   sing N N 133 
ILE CA  C    sing N N 134 
ILE CA  CB   sing N N 135 
ILE CA  HA   sing N N 136 
ILE C   O    doub N N 137 
ILE C   OXT  sing N N 138 
ILE CB  CG1  sing N N 139 
ILE CB  CG2  sing N N 140 
ILE CB  HB   sing N N 141 
ILE CG1 CD1  sing N N 142 
ILE CG1 HG12 sing N N 143 
ILE CG1 HG13 sing N N 144 
ILE CG2 HG21 sing N N 145 
ILE CG2 HG22 sing N N 146 
ILE CG2 HG23 sing N N 147 
ILE CD1 HD11 sing N N 148 
ILE CD1 HD12 sing N N 149 
ILE CD1 HD13 sing N N 150 
ILE OXT HXT  sing N N 151 
LEU N   CA   sing N N 152 
LEU N   H    sing N N 153 
LEU N   H2   sing N N 154 
LEU CA  C    sing N N 155 
LEU CA  CB   sing N N 156 
LEU CA  HA   sing N N 157 
LEU C   O    doub N N 158 
LEU C   OXT  sing N N 159 
LEU CB  CG   sing N N 160 
LEU CB  HB2  sing N N 161 
LEU CB  HB3  sing N N 162 
LEU CG  CD1  sing N N 163 
LEU CG  CD2  sing N N 164 
LEU CG  HG   sing N N 165 
LEU CD1 HD11 sing N N 166 
LEU CD1 HD12 sing N N 167 
LEU CD1 HD13 sing N N 168 
LEU CD2 HD21 sing N N 169 
LEU CD2 HD22 sing N N 170 
LEU CD2 HD23 sing N N 171 
LEU OXT HXT  sing N N 172 
LYS N   CA   sing N N 173 
LYS N   H    sing N N 174 
LYS N   H2   sing N N 175 
LYS CA  C    sing N N 176 
LYS CA  CB   sing N N 177 
LYS CA  HA   sing N N 178 
LYS C   O    doub N N 179 
LYS C   OXT  sing N N 180 
LYS CB  CG   sing N N 181 
LYS CB  HB2  sing N N 182 
LYS CB  HB3  sing N N 183 
LYS CG  CD   sing N N 184 
LYS CG  HG2  sing N N 185 
LYS CG  HG3  sing N N 186 
LYS CD  CE   sing N N 187 
LYS CD  HD2  sing N N 188 
LYS CD  HD3  sing N N 189 
LYS CE  NZ   sing N N 190 
LYS CE  HE2  sing N N 191 
LYS CE  HE3  sing N N 192 
LYS NZ  HZ1  sing N N 193 
LYS NZ  HZ2  sing N N 194 
LYS NZ  HZ3  sing N N 195 
LYS OXT HXT  sing N N 196 
MAN C1  C2   sing N N 197 
MAN C1  O1   sing N N 198 
MAN C1  O5   sing N N 199 
MAN C1  H1   sing N N 200 
MAN C2  C3   sing N N 201 
MAN C2  O2   sing N N 202 
MAN C2  H2   sing N N 203 
MAN C3  C4   sing N N 204 
MAN C3  O3   sing N N 205 
MAN C3  H3   sing N N 206 
MAN C4  C5   sing N N 207 
MAN C4  O4   sing N N 208 
MAN C4  H4   sing N N 209 
MAN C5  C6   sing N N 210 
MAN C5  O5   sing N N 211 
MAN C5  H5   sing N N 212 
MAN C6  O6   sing N N 213 
MAN C6  H61  sing N N 214 
MAN C6  H62  sing N N 215 
MAN O1  HO1  sing N N 216 
MAN O2  HO2  sing N N 217 
MAN O3  HO3  sing N N 218 
MAN O4  HO4  sing N N 219 
MAN O6  HO6  sing N N 220 
PHE N   CA   sing N N 221 
PHE N   H    sing N N 222 
PHE N   H2   sing N N 223 
PHE CA  C    sing N N 224 
PHE CA  CB   sing N N 225 
PHE CA  HA   sing N N 226 
PHE C   O    doub N N 227 
PHE C   OXT  sing N N 228 
PHE CB  CG   sing N N 229 
PHE CB  HB2  sing N N 230 
PHE CB  HB3  sing N N 231 
PHE CG  CD1  doub Y N 232 
PHE CG  CD2  sing Y N 233 
PHE CD1 CE1  sing Y N 234 
PHE CD1 HD1  sing N N 235 
PHE CD2 CE2  doub Y N 236 
PHE CD2 HD2  sing N N 237 
PHE CE1 CZ   doub Y N 238 
PHE CE1 HE1  sing N N 239 
PHE CE2 CZ   sing Y N 240 
PHE CE2 HE2  sing N N 241 
PHE CZ  HZ   sing N N 242 
PHE OXT HXT  sing N N 243 
PRO N   CA   sing N N 244 
PRO N   CD   sing N N 245 
PRO N   H    sing N N 246 
PRO CA  C    sing N N 247 
PRO CA  CB   sing N N 248 
PRO CA  HA   sing N N 249 
PRO C   O    doub N N 250 
PRO C   OXT  sing N N 251 
PRO CB  CG   sing N N 252 
PRO CB  HB2  sing N N 253 
PRO CB  HB3  sing N N 254 
PRO CG  CD   sing N N 255 
PRO CG  HG2  sing N N 256 
PRO CG  HG3  sing N N 257 
PRO CD  HD2  sing N N 258 
PRO CD  HD3  sing N N 259 
PRO OXT HXT  sing N N 260 
SER N   CA   sing N N 261 
SER N   H    sing N N 262 
SER N   H2   sing N N 263 
SER CA  C    sing N N 264 
SER CA  CB   sing N N 265 
SER CA  HA   sing N N 266 
SER C   O    doub N N 267 
SER C   OXT  sing N N 268 
SER CB  OG   sing N N 269 
SER CB  HB2  sing N N 270 
SER CB  HB3  sing N N 271 
SER OG  HG   sing N N 272 
SER OXT HXT  sing N N 273 
THR N   CA   sing N N 274 
THR N   H    sing N N 275 
THR N   H2   sing N N 276 
THR CA  C    sing N N 277 
THR CA  CB   sing N N 278 
THR CA  HA   sing N N 279 
THR C   O    doub N N 280 
THR C   OXT  sing N N 281 
THR CB  OG1  sing N N 282 
THR CB  CG2  sing N N 283 
THR CB  HB   sing N N 284 
THR OG1 HG1  sing N N 285 
THR CG2 HG21 sing N N 286 
THR CG2 HG22 sing N N 287 
THR CG2 HG23 sing N N 288 
THR OXT HXT  sing N N 289 
TRP N   CA   sing N N 290 
TRP N   H    sing N N 291 
TRP N   H2   sing N N 292 
TRP CA  C    sing N N 293 
TRP CA  CB   sing N N 294 
TRP CA  HA   sing N N 295 
TRP C   O    doub N N 296 
TRP C   OXT  sing N N 297 
TRP CB  CG   sing N N 298 
TRP CB  HB2  sing N N 299 
TRP CB  HB3  sing N N 300 
TRP CG  CD1  doub Y N 301 
TRP CG  CD2  sing Y N 302 
TRP CD1 NE1  sing Y N 303 
TRP CD1 HD1  sing N N 304 
TRP CD2 CE2  doub Y N 305 
TRP CD2 CE3  sing Y N 306 
TRP NE1 CE2  sing Y N 307 
TRP NE1 HE1  sing N N 308 
TRP CE2 CZ2  sing Y N 309 
TRP CE3 CZ3  doub Y N 310 
TRP CE3 HE3  sing N N 311 
TRP CZ2 CH2  doub Y N 312 
TRP CZ2 HZ2  sing N N 313 
TRP CZ3 CH2  sing Y N 314 
TRP CZ3 HZ3  sing N N 315 
TRP CH2 HH2  sing N N 316 
TRP OXT HXT  sing N N 317 
TYR N   CA   sing N N 318 
TYR N   H    sing N N 319 
TYR N   H2   sing N N 320 
TYR CA  C    sing N N 321 
TYR CA  CB   sing N N 322 
TYR CA  HA   sing N N 323 
TYR C   O    doub N N 324 
TYR C   OXT  sing N N 325 
TYR CB  CG   sing N N 326 
TYR CB  HB2  sing N N 327 
TYR CB  HB3  sing N N 328 
TYR CG  CD1  doub Y N 329 
TYR CG  CD2  sing Y N 330 
TYR CD1 CE1  sing Y N 331 
TYR CD1 HD1  sing N N 332 
TYR CD2 CE2  doub Y N 333 
TYR CD2 HD2  sing N N 334 
TYR CE1 CZ   doub Y N 335 
TYR CE1 HE1  sing N N 336 
TYR CE2 CZ   sing Y N 337 
TYR CE2 HE2  sing N N 338 
TYR CZ  OH   sing N N 339 
TYR OH  HH   sing N N 340 
TYR OXT HXT  sing N N 341 
VAL N   CA   sing N N 342 
VAL N   H    sing N N 343 
VAL N   H2   sing N N 344 
VAL CA  C    sing N N 345 
VAL CA  CB   sing N N 346 
VAL CA  HA   sing N N 347 
VAL C   O    doub N N 348 
VAL C   OXT  sing N N 349 
VAL CB  CG1  sing N N 350 
VAL CB  CG2  sing N N 351 
VAL CB  HB   sing N N 352 
VAL CG1 HG11 sing N N 353 
VAL CG1 HG12 sing N N 354 
VAL CG1 HG13 sing N N 355 
VAL CG2 HG21 sing N N 356 
VAL CG2 HG22 sing N N 357 
VAL CG2 HG23 sing N N 358 
VAL OXT HXT  sing N N 359 
# 
loop_
_pdbx_entity_branch_list.entity_id 
_pdbx_entity_branch_list.comp_id 
_pdbx_entity_branch_list.num 
_pdbx_entity_branch_list.hetero 
2 MAN 1 n 
2 MAN 2 n 
# 
_pdbx_initial_refinement_model.id               1 
_pdbx_initial_refinement_model.entity_id_list   ? 
_pdbx_initial_refinement_model.type             'experimental model' 
_pdbx_initial_refinement_model.source_name      PDB 
_pdbx_initial_refinement_model.accession_code   3A07 
_pdbx_initial_refinement_model.details          'PDB ENTRY 3A07' 
# 
_atom_sites.entry_id                    4DEN 
_atom_sites.fract_transf_matrix[1][1]   0.00152547 
_atom_sites.fract_transf_matrix[1][2]   0.00855551 
_atom_sites.fract_transf_matrix[1][3]   -0.01552061 
_atom_sites.fract_transf_matrix[2][1]   0.01720711 
_atom_sites.fract_transf_matrix[2][2]   -0.00444440 
_atom_sites.fract_transf_matrix[2][3]   -0.00075868 
_atom_sites.fract_transf_matrix[3][1]   -0.00424279 
_atom_sites.fract_transf_matrix[3][2]   -0.01494870 
_atom_sites.fract_transf_matrix[3][3]   -0.00865726 
_atom_sites.fract_transf_vector[1]      0.106453 
_atom_sites.fract_transf_vector[2]      0.103445 
_atom_sites.fract_transf_vector[3]      0.102335 
# 
loop_
_atom_type.symbol 
C 
K 
N 
O 
S 
# 
loop_
_atom_site.group_PDB 
_atom_site.id 
_atom_site.type_symbol 
_atom_site.label_atom_id 
_atom_site.label_alt_id 
_atom_site.label_comp_id 
_atom_site.label_asym_id 
_atom_site.label_entity_id 
_atom_site.label_seq_id 
_atom_site.pdbx_PDB_ins_code 
_atom_site.Cartn_x 
_atom_site.Cartn_y 
_atom_site.Cartn_z 
_atom_site.occupancy 
_atom_site.B_iso_or_equiv 
_atom_site.pdbx_formal_charge 
_atom_site.auth_seq_id 
_atom_site.auth_comp_id 
_atom_site.auth_asym_id 
_atom_site.auth_atom_id 
_atom_site.pdbx_PDB_model_num 
ATOM   1    N N   . VAL A 1 3   ? 2.163   0.902   11.749  0.33 20.65 ? 49  VAL A N   1 
ATOM   2    C CA  . VAL A 1 3   ? 2.581   -0.527  11.826  0.33 22.40 ? 49  VAL A CA  1 
ATOM   3    C C   . VAL A 1 3   ? 2.202   -1.269  10.534  0.33 20.80 ? 49  VAL A C   1 
ATOM   4    O O   . VAL A 1 3   ? 2.613   -0.827  9.470   0.33 21.00 ? 49  VAL A O   1 
ATOM   5    C CB  . VAL A 1 3   ? 1.985   -1.236  13.051  0.33 22.57 ? 49  VAL A CB  1 
ATOM   6    C CG1 . VAL A 1 3   ? 3.067   -2.120  13.779  0.33 24.70 ? 49  VAL A CG1 1 
ATOM   7    C CG2 . VAL A 1 3   ? 1.431   -0.186  14.054  0.33 25.80 ? 49  VAL A CG2 1 
ATOM   8    N N   . THR A 1 4   ? 1.441   -2.375  10.639  0.33 20.08 ? 50  THR A N   1 
ATOM   9    C CA  . THR A 1 4   ? 1.303   -3.325  9.521   0.33 18.15 ? 50  THR A CA  1 
ATOM   10   C C   . THR A 1 4   ? 0.039   -3.205  8.726   0.33 18.77 ? 50  THR A C   1 
ATOM   11   O O   . THR A 1 4   ? -0.999  -2.859  9.256   0.33 19.29 ? 50  THR A O   1 
ATOM   12   C CB  . THR A 1 4   ? 1.451   -4.779  10.007  0.33 18.78 ? 50  THR A CB  1 
ATOM   13   O OG1 . THR A 1 4   ? 0.410   -5.024  10.966  0.33 17.31 ? 50  THR A OG1 1 
ATOM   14   C CG2 . THR A 1 4   ? 2.836   -5.003  10.665  0.33 20.90 ? 50  THR A CG2 1 
ATOM   15   N N   . ILE A 1 5   ? 0.128   -3.553  7.442   0.33 17.69 ? 51  ILE A N   1 
ATOM   16   C CA  . ILE A 1 5   ? -1.002  -3.565  6.515   0.33 18.10 ? 51  ILE A CA  1 
ATOM   17   C C   . ILE A 1 5   ? -1.073  -4.964  5.901   0.33 17.67 ? 51  ILE A C   1 
ATOM   18   O O   . ILE A 1 5   ? -0.175  -5.406  5.170   0.33 17.62 ? 51  ILE A O   1 
ATOM   19   C CB  . ILE A 1 5   ? -0.830  -2.450  5.430   0.33 17.06 ? 51  ILE A CB  1 
ATOM   20   C CG1 . ILE A 1 5   ? -0.691  -1.111  6.140   0.33 17.16 ? 51  ILE A CG1 1 
ATOM   21   C CG2 . ILE A 1 5   ? -2.015  -2.454  4.473   0.33 17.36 ? 51  ILE A CG2 1 
ATOM   22   C CD1 . ILE A 1 5   ? -0.502  0.024   5.288   0.33 16.50 ? 51  ILE A CD1 1 
ATOM   23   N N   . ARG A 1 6   ? -2.157  -5.676  6.208   0.33 17.87 ? 52  ARG A N   1 
ATOM   24   C CA  . ARG A 1 6   ? -2.259  -7.094  5.896   0.33 18.33 ? 52  ARG A CA  1 
ATOM   25   C C   . ARG A 1 6   ? -3.429  -7.412  4.960   0.33 17.40 ? 52  ARG A C   1 
ATOM   26   O O   . ARG A 1 6   ? -4.562  -7.089  5.256   0.33 18.04 ? 52  ARG A O   1 
ATOM   27   C CB  . ARG A 1 6   ? -2.356  -7.874  7.229   0.33 19.33 ? 52  ARG A CB  1 
ATOM   28   C CG  . ARG A 1 6   ? -3.164  -9.137  7.213   0.33 24.60 ? 52  ARG A CG  1 
ATOM   29   C CD  . ARG A 1 6   ? -2.987  -9.845  8.578   0.33 31.71 ? 52  ARG A CD  1 
ATOM   30   N NE  . ARG A 1 6   ? -1.757  -10.627 8.600   0.33 36.67 ? 52  ARG A NE  1 
ATOM   31   C CZ  . ARG A 1 6   ? -1.722  -11.961 8.528   0.33 35.82 ? 52  ARG A CZ  1 
ATOM   32   N NH1 . ARG A 1 6   ? -2.855  -12.662 8.494   0.33 41.05 ? 52  ARG A NH1 1 
ATOM   33   N NH2 . ARG A 1 6   ? -0.559  -12.599 8.534   0.33 36.94 ? 52  ARG A NH2 1 
ATOM   34   N N   . ASN A 1 7   ? -3.128  -8.009  3.807   0.33 15.78 ? 53  ASN A N   1 
ATOM   35   C CA  . ASN A 1 7   ? -4.207  -8.334  2.854   0.33 15.18 ? 53  ASN A CA  1 
ATOM   36   C C   . ASN A 1 7   ? -5.264  -9.230  3.496   0.33 15.11 ? 53  ASN A C   1 
ATOM   37   O O   . ASN A 1 7   ? -4.933  -10.153 4.261   0.33 15.05 ? 53  ASN A O   1 
ATOM   38   C CB  . ASN A 1 7   ? -3.647  -9.041  1.617   0.33 14.38 ? 53  ASN A CB  1 
ATOM   39   C CG  . ASN A 1 7   ? -4.528  -8.891  0.444   0.33 13.25 ? 53  ASN A CG  1 
ATOM   40   O OD1 . ASN A 1 7   ? -5.071  -9.873  -0.075  0.33 12.64 ? 53  ASN A OD1 1 
ATOM   41   N ND2 . ASN A 1 7   ? -4.715  -7.658  0.025   0.33 10.80 ? 53  ASN A ND2 1 
ATOM   42   N N   . ALA A 1 8   ? -6.542  -9.006  3.149   0.33 13.84 ? 54  ALA A N   1 
ATOM   43   C CA  . ALA A 1 8   ? -7.638  -9.841  3.679   0.33 13.87 ? 54  ALA A CA  1 
ATOM   44   C C   . ALA A 1 8   ? -7.824  -11.139 2.914   0.33 13.84 ? 54  ALA A C   1 
ATOM   45   O O   . ALA A 1 8   ? -8.244  -12.113 3.527   0.33 16.25 ? 54  ALA A O   1 
ATOM   46   C CB  . ALA A 1 8   ? -8.996  -9.077  3.757   0.33 14.31 ? 54  ALA A CB  1 
ATOM   47   N N   . GLN A 1 9   ? -7.533  -11.143 1.599   0.33 12.34 ? 55  GLN A N   1 
ATOM   48   C CA  . GLN A 1 9   ? -7.575  -12.418 0.850   0.33 12.80 ? 55  GLN A CA  1 
ATOM   49   C C   . GLN A 1 9   ? -6.433  -13.366 1.070   0.33 11.89 ? 55  GLN A C   1 
ATOM   50   O O   . GLN A 1 9   ? -6.641  -14.555 1.302   0.33 12.68 ? 55  GLN A O   1 
ATOM   51   C CB  . GLN A 1 9   ? -7.712  -12.164 -0.651  0.33 13.96 ? 55  GLN A CB  1 
ATOM   52   C CG  . GLN A 1 9   ? -7.997  -13.460 -1.491  0.33 14.36 ? 55  GLN A CG  1 
ATOM   53   C CD  . GLN A 1 9   ? -9.320  -14.181 -1.090  0.33 13.63 ? 55  GLN A CD  1 
ATOM   54   O OE1 . GLN A 1 9   ? -10.386 -13.582 -1.088  0.33 18.21 ? 55  GLN A OE1 1 
ATOM   55   N NE2 . GLN A 1 9   ? -9.231  -15.474 -0.853  0.33 22.67 ? 55  GLN A NE2 1 
ATOM   56   N N   . THR A 1 10  ? -5.203  -12.836 0.974   0.33 11.62 ? 56  THR A N   1 
ATOM   57   C CA  . THR A 1 10  ? -3.993  -13.687 0.981   0.33 11.97 ? 56  THR A CA  1 
ATOM   58   C C   . THR A 1 10  ? -3.237  -13.854 2.321   0.33 10.94 ? 56  THR A C   1 
ATOM   59   O O   . THR A 1 10  ? -2.346  -14.726 2.490   0.33 10.78 ? 56  THR A O   1 
ATOM   60   C CB  . THR A 1 10  ? -3.022  -13.140 -0.107  0.33 12.58 ? 56  THR A CB  1 
ATOM   61   O OG1 . THR A 1 10  ? -2.397  -11.928 0.347   0.33 15.90 ? 56  THR A OG1 1 
ATOM   62   C CG2 . THR A 1 10  ? -3.815  -12.858 -1.410  0.33 11.21 ? 56  THR A CG2 1 
ATOM   63   N N   . GLY A 1 11  ? -3.521  -12.977 3.273   0.33 11.42 ? 57  GLY A N   1 
ATOM   64   C CA  . GLY A 1 11  ? -2.781  -12.947 4.506   0.33 10.59 ? 57  GLY A CA  1 
ATOM   65   C C   . GLY A 1 11  ? -1.374  -12.398 4.460   0.33 11.41 ? 57  GLY A C   1 
ATOM   66   O O   . GLY A 1 11  ? -0.670  -12.361 5.472   0.33 13.33 ? 57  GLY A O   1 
ATOM   67   N N   . ARG A 1 12  ? -0.948  -12.024 3.256   0.33 9.54  ? 58  ARG A N   1 
ATOM   68   C CA  . ARG A 1 12  ? 0.407   -11.468 3.076   0.33 12.18 ? 58  ARG A CA  1 
ATOM   69   C C   . ARG A 1 12  ? 0.425   -10.003 3.531   0.33 9.83  ? 58  ARG A C   1 
ATOM   70   O O   . ARG A 1 12  ? -0.622  -9.351  3.567   0.33 13.56 ? 58  ARG A O   1 
ATOM   71   C CB  . ARG A 1 12  ? 0.779   -11.574 1.592   0.33 10.34 ? 58  ARG A CB  1 
ATOM   72   C CG  . ARG A 1 12  ? 0.860   -13.044 1.079   0.33 10.71 ? 58  ARG A CG  1 
ATOM   73   C CD  . ARG A 1 12  ? 0.921   -13.114 -0.432  0.33 12.94 ? 58  ARG A CD  1 
ATOM   74   N NE  . ARG A 1 12  ? 2.269   -12.876 -0.946  0.33 14.91 ? 58  ARG A NE  1 
ATOM   75   C CZ  . ARG A 1 12  ? 3.154   -13.859 -1.143  0.33 13.53 ? 58  ARG A CZ  1 
ATOM   76   N NH1 . ARG A 1 12  ? 2.816   -15.123 -0.815  0.33 15.36 ? 58  ARG A NH1 1 
ATOM   77   N NH2 . ARG A 1 12  ? 4.389   -13.583 -1.562  0.33 19.45 ? 58  ARG A NH2 1 
ATOM   78   N N   . LEU A 1 13  ? 1.578   -9.451  3.983   0.33 11.39 ? 59  LEU A N   1 
ATOM   79   C CA  . LEU A 1 13  ? 1.555   -8.005  4.419   0.33 9.16  ? 59  LEU A CA  1 
ATOM   80   C C   . LEU A 1 13  ? 2.280   -7.122  3.377   0.33 9.71  ? 59  LEU A C   1 
ATOM   81   O O   . LEU A 1 13  ? 3.118   -7.575  2.560   0.33 8.83  ? 59  LEU A O   1 
ATOM   82   C CB  . LEU A 1 13  ? 2.260   -7.747  5.808   0.33 9.04  ? 59  LEU A CB  1 
ATOM   83   C CG  . LEU A 1 13  ? 1.830   -8.609  7.047   0.33 10.44 ? 59  LEU A CG  1 
ATOM   84   C CD1 . LEU A 1 13  ? 2.037   -10.034 6.730   0.33 14.38 ? 59  LEU A CD1 1 
ATOM   85   C CD2 . LEU A 1 13  ? 2.788   -8.127  8.269   0.33 15.63 ? 59  LEU A CD2 1 
ATOM   86   N N   . LEU A 1 14  ? 1.916   -5.850  3.458   0.33 8.38  ? 60  LEU A N   1 
ATOM   87   C CA  . LEU A 1 14  ? 2.467   -4.814  2.577   0.33 9.78  ? 60  LEU A CA  1 
ATOM   88   C C   . LEU A 1 14  ? 3.955   -4.597  2.874   0.33 9.40  ? 60  LEU A C   1 
ATOM   89   O O   . LEU A 1 14  ? 4.375   -4.512  4.021   0.33 9.27  ? 60  LEU A O   1 
ATOM   90   C CB  . LEU A 1 14  ? 1.684   -3.541  2.772   0.33 9.16  ? 60  LEU A CB  1 
ATOM   91   C CG  . LEU A 1 14  ? 1.951   -2.424  1.751   0.33 8.67  ? 60  LEU A CG  1 
ATOM   92   C CD1 . LEU A 1 14  ? 1.376   -2.658  0.337   0.33 12.26 ? 60  LEU A CD1 1 
ATOM   93   C CD2 . LEU A 1 14  ? 1.385   -1.127  2.349   0.33 10.23 ? 60  LEU A CD2 1 
ATOM   94   N N   . ASP A 1 15  ? 4.773   -4.495  1.827   0.33 8.74  ? 61  ASP A N   1 
ATOM   95   C CA  . ASP A 1 15  ? 6.223   -4.572  2.031   0.33 7.62  ? 61  ASP A CA  1 
ATOM   96   C C   . ASP A 1 15  ? 6.888   -3.750  0.932   0.33 8.05  ? 61  ASP A C   1 
ATOM   97   O O   . ASP A 1 15  ? 6.321   -3.581  -0.187  0.33 9.18  ? 61  ASP A O   1 
ATOM   98   C CB  . ASP A 1 15  ? 6.595   -6.083  1.944   0.33 7.03  ? 61  ASP A CB  1 
ATOM   99   C CG  . ASP A 1 15  ? 7.862   -6.413  2.578   0.33 4.53  ? 61  ASP A CG  1 
ATOM   100  O OD1 . ASP A 1 15  ? 8.108   -7.658  2.841   0.33 5.63  ? 61  ASP A OD1 1 
ATOM   101  O OD2 . ASP A 1 15  ? 8.703   -5.521  2.831   0.33 4.55  ? 61  ASP A OD2 1 
ATOM   102  N N   . SER A 1 16  ? 8.081   -3.226  1.225   0.33 8.85  ? 62  SER A N   1 
ATOM   103  C CA  . SER A 1 16  ? 8.800   -2.435  0.214   0.33 9.57  ? 62  SER A CA  1 
ATOM   104  C C   . SER A 1 16  ? 10.287  -2.275  0.480   0.33 10.23 ? 62  SER A C   1 
ATOM   105  O O   . SER A 1 16  ? 10.731  -2.492  1.610   0.33 11.72 ? 62  SER A O   1 
ATOM   106  C CB  . SER A 1 16  ? 8.168   -1.068  0.035   0.33 9.80  ? 62  SER A CB  1 
ATOM   107  O OG  . SER A 1 16  ? 8.436   -0.167  1.130   0.33 12.22 ? 62  SER A OG  1 
ATOM   108  N N   . ASN A 1 17  ? 11.039  -1.845  -0.529  0.33 11.90 ? 63  ASN A N   1 
ATOM   109  C CA  . ASN A 1 17  ? 12.486  -1.886  -0.315  0.33 12.70 ? 63  ASN A CA  1 
ATOM   110  C C   . ASN A 1 17  ? 13.137  -0.553  -0.677  0.33 12.88 ? 63  ASN A C   1 
ATOM   111  O O   . ASN A 1 17  ? 12.466  0.442   -1.010  0.33 12.86 ? 63  ASN A O   1 
ATOM   112  C CB  . ASN A 1 17  ? 13.092  -3.047  -1.090  0.33 13.00 ? 63  ASN A CB  1 
ATOM   113  C CG  . ASN A 1 17  ? 13.087  -2.816  -2.558  0.33 13.03 ? 63  ASN A CG  1 
ATOM   114  O OD1 . ASN A 1 17  ? 12.823  -1.722  -3.026  0.33 14.18 ? 63  ASN A OD1 1 
ATOM   115  N ND2 . ASN A 1 17  ? 13.312  -3.888  -3.319  0.33 16.36 ? 63  ASN A ND2 1 
ATOM   116  N N   . TYR A 1 18  ? 14.464  -0.486  -0.542  0.33 12.80 ? 64  TYR A N   1 
ATOM   117  C CA  . TYR A 1 18  ? 15.137  0.776   -0.855  0.33 13.59 ? 64  TYR A CA  1 
ATOM   118  C C   . TYR A 1 18  ? 15.195  1.103   -2.336  0.33 13.75 ? 64  TYR A C   1 
ATOM   119  O O   . TYR A 1 18  ? 15.513  2.223   -2.667  0.33 15.49 ? 64  TYR A O   1 
ATOM   120  C CB  . TYR A 1 18  ? 16.542  0.810   -0.279  0.33 14.02 ? 64  TYR A CB  1 
ATOM   121  C CG  . TYR A 1 18  ? 16.623  1.076   1.218   0.33 12.66 ? 64  TYR A CG  1 
ATOM   122  C CD1 . TYR A 1 18  ? 16.587  2.375   1.701   0.33 13.91 ? 64  TYR A CD1 1 
ATOM   123  C CD2 . TYR A 1 18  ? 16.715  0.040   2.141   0.33 12.14 ? 64  TYR A CD2 1 
ATOM   124  C CE1 . TYR A 1 18  ? 16.704  2.622   3.053   0.33 15.06 ? 64  TYR A CE1 1 
ATOM   125  C CE2 . TYR A 1 18  ? 16.808  0.299   3.516   0.33 12.36 ? 64  TYR A CE2 1 
ATOM   126  C CZ  . TYR A 1 18  ? 16.783  1.588   3.941   0.33 12.49 ? 64  TYR A CZ  1 
ATOM   127  O OH  . TYR A 1 18  ? 16.912  1.883   5.283   0.33 17.57 ? 64  TYR A OH  1 
ATOM   128  N N   . ASN A 1 19  ? 14.865  0.145   -3.223  0.33 15.64 ? 65  ASN A N   1 
ATOM   129  C CA  . ASN A 1 19  ? 14.759  0.390   -4.680  0.33 15.01 ? 65  ASN A CA  1 
ATOM   130  C C   . ASN A 1 19  ? 13.359  1.009   -5.078  0.33 14.66 ? 65  ASN A C   1 
ATOM   131  O O   . ASN A 1 19  ? 13.104  1.455   -6.223  0.33 16.85 ? 65  ASN A O   1 
ATOM   132  C CB  . ASN A 1 19  ? 15.025  -0.934  -5.474  0.33 14.58 ? 65  ASN A CB  1 
ATOM   133  C CG  . ASN A 1 19  ? 16.516  -1.251  -5.677  0.33 19.79 ? 65  ASN A CG  1 
ATOM   134  O OD1 . ASN A 1 19  ? 17.402  -0.567  -5.126  0.33 23.67 ? 65  ASN A OD1 1 
ATOM   135  N ND2 . ASN A 1 19  ? 16.800  -2.301  -6.473  0.33 25.84 ? 65  ASN A ND2 1 
ATOM   136  N N   . GLY A 1 20  ? 12.450  1.052   -4.089  0.33 14.54 ? 66  GLY A N   1 
ATOM   137  C CA  . GLY A 1 20  ? 11.093  1.562   -4.276  0.33 14.91 ? 66  GLY A CA  1 
ATOM   138  C C   . GLY A 1 20  ? 10.164  0.500   -4.816  0.33 15.18 ? 66  GLY A C   1 
ATOM   139  O O   . GLY A 1 20  ? 9.055   0.824   -5.233  0.33 16.67 ? 66  GLY A O   1 
ATOM   140  N N   . ASN A 1 21  ? 10.612  -0.765  -4.836  0.33 15.08 ? 67  ASN A N   1 
ATOM   141  C CA  . ASN A 1 21  ? 9.689   -1.857  -5.203  0.33 14.24 ? 67  ASN A CA  1 
ATOM   142  C C   . ASN A 1 21  ? 8.747   -2.285  -4.042  0.33 14.01 ? 67  ASN A C   1 
ATOM   143  O O   . ASN A 1 21  ? 9.176   -2.393  -2.919  0.33 13.61 ? 67  ASN A O   1 
ATOM   144  C CB  . ASN A 1 21  ? 10.439  -3.149  -5.613  0.33 14.38 ? 67  ASN A CB  1 
ATOM   145  C CG  . ASN A 1 21  ? 11.425  -2.962  -6.761  0.33 20.12 ? 67  ASN A CG  1 
ATOM   146  O OD1 . ASN A 1 21  ? 12.633  -2.722  -6.515  0.33 26.99 ? 67  ASN A OD1 1 
ATOM   147  N ND2 . ASN A 1 21  ? 10.951  -3.105  -8.007  0.33 23.34 ? 67  ASN A ND2 1 
ATOM   148  N N   . VAL A 1 22  ? 7.485   -2.574  -4.358  0.33 12.26 ? 68  VAL A N   1 
ATOM   149  C CA  . VAL A 1 22  ? 6.472   -2.939  -3.339  0.33 10.44 ? 68  VAL A CA  1 
ATOM   150  C C   . VAL A 1 22  ? 5.971   -4.344  -3.690  0.33 9.95  ? 68  VAL A C   1 
ATOM   151  O O   . VAL A 1 22  ? 5.879   -4.776  -4.891  0.33 9.69  ? 68  VAL A O   1 
ATOM   152  C CB  . VAL A 1 22  ? 5.295   -1.948  -3.294  0.33 10.25 ? 68  VAL A CB  1 
ATOM   153  C CG1 . VAL A 1 22  ? 4.108   -2.549  -2.493  0.33 9.83  ? 68  VAL A CG1 1 
ATOM   154  C CG2 . VAL A 1 22  ? 5.772   -0.600  -2.700  0.33 8.86  ? 68  VAL A CG2 1 
ATOM   155  N N   . TYR A 1 23  ? 5.576   -5.032  -2.618  0.33 9.01  ? 69  TYR A N   1 
ATOM   156  C CA  . TYR A 1 23  ? 5.177   -6.457  -2.683  0.33 8.50  ? 69  TYR A CA  1 
ATOM   157  C C   . TYR A 1 23  ? 4.581   -6.886  -1.370  0.33 9.39  ? 69  TYR A C   1 
ATOM   158  O O   . TYR A 1 23  ? 4.605   -6.123  -0.426  0.33 11.07 ? 69  TYR A O   1 
ATOM   159  C CB  . TYR A 1 23  ? 6.356   -7.390  -3.042  0.33 7.91  ? 69  TYR A CB  1 
ATOM   160  C CG  . TYR A 1 23  ? 7.583   -6.925  -2.336  0.33 7.04  ? 69  TYR A CG  1 
ATOM   161  C CD1 . TYR A 1 23  ? 8.409   -5.939  -2.898  0.33 5.72  ? 69  TYR A CD1 1 
ATOM   162  C CD2 . TYR A 1 23  ? 7.917   -7.458  -1.110  0.33 10.55 ? 69  TYR A CD2 1 
ATOM   163  C CE1 . TYR A 1 23  ? 9.559   -5.529  -2.267  0.33 11.47 ? 69  TYR A CE1 1 
ATOM   164  C CE2 . TYR A 1 23  ? 9.063   -7.007  -0.435  0.33 7.68  ? 69  TYR A CE2 1 
ATOM   165  C CZ  . TYR A 1 23  ? 9.847   -6.043  -1.028  0.33 11.32 ? 69  TYR A CZ  1 
ATOM   166  O OH  . TYR A 1 23  ? 10.966  -5.607  -0.385  0.33 11.45 ? 69  TYR A OH  1 
ATOM   167  N N   . THR A 1 24  ? 3.972   -8.058  -1.320  0.33 9.26  ? 70  THR A N   1 
ATOM   168  C CA  . THR A 1 24  ? 3.530   -8.518  -0.021  0.33 7.35  ? 70  THR A CA  1 
ATOM   169  C C   . THR A 1 24  ? 4.293   -9.816  0.333   0.33 9.15  ? 70  THR A C   1 
ATOM   170  O O   . THR A 1 24  ? 4.650   -10.663 -0.549  0.33 10.48 ? 70  THR A O   1 
ATOM   171  C CB  . THR A 1 24  ? 2.036   -8.861  0.066   0.33 9.49  ? 70  THR A CB  1 
ATOM   172  O OG1 . THR A 1 24  ? 1.739   -9.926  -0.863  0.33 8.65  ? 70  THR A OG1 1 
ATOM   173  C CG2 . THR A 1 24  ? 1.195   -7.567  -0.180  0.33 6.74  ? 70  THR A CG2 1 
ATOM   174  N N   . LEU A 1 25  ? 4.447   -10.013 1.622   0.33 8.33  ? 71  LEU A N   1 
ATOM   175  C CA  . LEU A 1 25  ? 5.169   -11.190 2.131   0.33 8.04  ? 71  LEU A CA  1 
ATOM   176  C C   . LEU A 1 25  ? 4.510   -11.569 3.439   0.33 8.27  ? 71  LEU A C   1 
ATOM   177  O O   . LEU A 1 25  ? 3.929   -10.716 4.138   0.33 9.08  ? 71  LEU A O   1 
ATOM   178  C CB  . LEU A 1 25  ? 6.668   -10.900 2.401   0.33 6.26  ? 71  LEU A CB  1 
ATOM   179  C CG  . LEU A 1 25  ? 7.629   -11.029 1.235   0.33 9.37  ? 71  LEU A CG  1 
ATOM   180  C CD1 . LEU A 1 25  ? 8.962   -10.493 1.741   0.33 9.39  ? 71  LEU A CD1 1 
ATOM   181  C CD2 . LEU A 1 25  ? 7.691   -12.465 0.688   0.33 11.70 ? 71  LEU A CD2 1 
ATOM   182  N N   . PRO A 1 26  ? 4.670   -12.824 3.850   0.33 8.95  ? 72  PRO A N   1 
ATOM   183  C CA  . PRO A 1 26  ? 4.263   -13.186 5.226   0.33 9.63  ? 72  PRO A CA  1 
ATOM   184  C C   . PRO A 1 26  ? 4.965   -12.270 6.272   0.33 8.60  ? 72  PRO A C   1 
ATOM   185  O O   . PRO A 1 26  ? 6.105   -11.900 6.108   0.33 9.41  ? 72  PRO A O   1 
ATOM   186  C CB  . PRO A 1 26  ? 4.837   -14.608 5.399   0.33 10.40 ? 72  PRO A CB  1 
ATOM   187  C CG  . PRO A 1 26  ? 4.783   -15.134 3.947   0.33 6.45  ? 72  PRO A CG  1 
ATOM   188  C CD  . PRO A 1 26  ? 5.290   -13.957 3.140   0.33 7.50  ? 72  PRO A CD  1 
ATOM   189  N N   . ALA A 1 27  ? 4.263   -11.974 7.360   0.33 9.09  ? 73  ALA A N   1 
ATOM   190  C CA  . ALA A 1 27  ? 4.861   -11.098 8.380   0.33 9.92  ? 73  ALA A CA  1 
ATOM   191  C C   . ALA A 1 27  ? 6.206   -11.648 8.870   0.33 8.66  ? 73  ALA A C   1 
ATOM   192  O O   . ALA A 1 27  ? 6.365   -12.848 9.205   0.33 10.31 ? 73  ALA A O   1 
ATOM   193  C CB  . ALA A 1 27  ? 3.971   -10.926 9.554   0.33 9.77  ? 73  ALA A CB  1 
ATOM   194  N N   . ASN A 1 28  ? 7.214   -10.801 8.907   0.33 10.19 ? 74  ASN A N   1 
ATOM   195  C CA  . ASN A 1 28  ? 8.530   -11.280 9.285   0.33 8.27  ? 74  ASN A CA  1 
ATOM   196  C C   . ASN A 1 28  ? 9.259   -10.365 10.259  0.33 7.07  ? 74  ASN A C   1 
ATOM   197  O O   . ASN A 1 28  ? 10.421  -10.608 10.565  0.33 7.99  ? 74  ASN A O   1 
ATOM   198  C CB  . ASN A 1 28  ? 9.431   -11.519 8.047   0.33 9.39  ? 74  ASN A CB  1 
ATOM   199  C CG  . ASN A 1 28  ? 9.700   -10.243 7.223   0.33 11.34 ? 74  ASN A CG  1 
ATOM   200  O OD1 . ASN A 1 28  ? 9.836   -9.143  7.766   0.33 11.82 ? 74  ASN A OD1 1 
ATOM   201  N ND2 . ASN A 1 28  ? 9.840   -10.411 5.889   0.33 10.63 ? 74  ASN A ND2 1 
ATOM   202  N N   . GLY A 1 29  ? 8.547   -9.375  10.829  0.33 8.39  ? 75  GLY A N   1 
ATOM   203  C CA  . GLY A 1 29  ? 9.114   -8.527  11.909  0.33 8.56  ? 75  GLY A CA  1 
ATOM   204  C C   . GLY A 1 29  ? 9.957   -7.329  11.426  0.33 9.17  ? 75  GLY A C   1 
ATOM   205  O O   . GLY A 1 29  ? 10.346  -6.407  12.215  0.33 9.45  ? 75  GLY A O   1 
ATOM   206  N N   . GLY A 1 30  ? 10.315  -7.331  10.141  0.33 9.86  ? 76  GLY A N   1 
ATOM   207  C CA  . GLY A 1 30  ? 11.238  -6.324  9.665   0.33 10.40 ? 76  GLY A CA  1 
ATOM   208  C C   . GLY A 1 30  ? 10.561  -4.978  9.532   0.33 10.65 ? 76  GLY A C   1 
ATOM   209  O O   . GLY A 1 30  ? 9.325   -4.879  9.396   0.33 13.32 ? 76  GLY A O   1 
ATOM   210  N N   . ASN A 1 31  ? 11.365  -3.921  9.562   0.33 10.48 ? 77  ASN A N   1 
ATOM   211  C CA  . ASN A 1 31  ? 10.722  -2.611  9.490   0.33 12.38 ? 77  ASN A CA  1 
ATOM   212  C C   . ASN A 1 31  ? 10.253  -2.283  8.046   0.33 13.21 ? 77  ASN A C   1 
ATOM   213  O O   . ASN A 1 31  ? 9.624   -1.261  7.842   0.33 12.69 ? 77  ASN A O   1 
ATOM   214  C CB  . ASN A 1 31  ? 11.598  -1.454  10.038  0.33 12.58 ? 77  ASN A CB  1 
ATOM   215  C CG  . ASN A 1 31  ? 11.953  -1.577  11.529  0.33 17.22 ? 77  ASN A CG  1 
ATOM   216  O OD1 . ASN A 1 31  ? 11.106  -1.692  12.426  0.33 15.39 ? 77  ASN A OD1 1 
ATOM   217  N ND2 . ASN A 1 31  ? 13.227  -1.484  11.773  0.33 18.78 ? 77  ASN A ND2 1 
ATOM   218  N N   . TYR A 1 32  ? 10.616  -3.106  7.056   0.33 12.85 ? 78  TYR A N   1 
ATOM   219  C CA  . TYR A 1 32  ? 10.128  -2.898  5.664   0.33 12.97 ? 78  TYR A CA  1 
ATOM   220  C C   . TYR A 1 32  ? 8.647   -3.214  5.561   0.33 12.67 ? 78  TYR A C   1 
ATOM   221  O O   . TYR A 1 32  ? 7.959   -2.849  4.588   0.33 12.28 ? 78  TYR A O   1 
ATOM   222  C CB  . TYR A 1 32  ? 10.902  -3.805  4.698   0.33 12.39 ? 78  TYR A CB  1 
ATOM   223  C CG  . TYR A 1 32  ? 12.371  -3.486  4.575   0.33 9.76  ? 78  TYR A CG  1 
ATOM   224  C CD1 . TYR A 1 32  ? 12.848  -2.546  3.637   0.33 9.09  ? 78  TYR A CD1 1 
ATOM   225  C CD2 . TYR A 1 32  ? 13.307  -4.189  5.339   0.33 9.56  ? 78  TYR A CD2 1 
ATOM   226  C CE1 . TYR A 1 32  ? 14.241  -2.346  3.455   0.33 10.29 ? 78  TYR A CE1 1 
ATOM   227  C CE2 . TYR A 1 32  ? 14.690  -3.987  5.148   0.33 12.70 ? 78  TYR A CE2 1 
ATOM   228  C CZ  . TYR A 1 32  ? 15.141  -3.069  4.255   0.33 13.62 ? 78  TYR A CZ  1 
ATOM   229  O OH  . TYR A 1 32  ? 16.524  -2.883  4.136   0.33 19.01 ? 78  TYR A OH  1 
ATOM   230  N N   . GLN A 1 33  ? 8.137   -3.923  6.581   0.33 13.05 ? 79  GLN A N   1 
ATOM   231  C CA  . GLN A 1 33  ? 6.731   -4.271  6.694   0.33 12.49 ? 79  GLN A CA  1 
ATOM   232  C C   . GLN A 1 33  ? 5.897   -3.370  7.631   0.33 12.63 ? 79  GLN A C   1 
ATOM   233  O O   . GLN A 1 33  ? 4.704   -3.586  7.746   0.33 14.31 ? 79  GLN A O   1 
ATOM   234  C CB  . GLN A 1 33  ? 6.548   -5.746  7.072   0.33 12.43 ? 79  GLN A CB  1 
ATOM   235  C CG  . GLN A 1 33  ? 6.947   -6.688  5.962   0.33 12.92 ? 79  GLN A CG  1 
ATOM   236  C CD  . GLN A 1 33  ? 6.788   -8.113  6.400   0.33 11.01 ? 79  GLN A CD  1 
ATOM   237  O OE1 . GLN A 1 33  ? 6.605   -8.363  7.585   0.33 8.54  ? 79  GLN A OE1 1 
ATOM   238  N NE2 . GLN A 1 33  ? 6.835   -9.063  5.459   0.33 10.03 ? 79  GLN A NE2 1 
ATOM   239  N N   . ARG A 1 34  ? 6.515   -2.386  8.283   0.33 12.51 ? 80  ARG A N   1 
ATOM   240  C CA  . ARG A 1 34  ? 5.696   -1.434  9.046   0.33 12.21 ? 80  ARG A CA  1 
ATOM   241  C C   . ARG A 1 34  ? 5.796   -0.096  8.293   0.33 13.33 ? 80  ARG A C   1 
ATOM   242  O O   . ARG A 1 34  ? 6.776   0.175   7.534   0.33 11.34 ? 80  ARG A O   1 
ATOM   243  C CB  . ARG A 1 34  ? 6.156   -1.322  10.530  0.33 13.59 ? 80  ARG A CB  1 
ATOM   244  C CG  . ARG A 1 34  ? 6.134   -2.683  11.245  0.33 17.21 ? 80  ARG A CG  1 
ATOM   245  C CD  . ARG A 1 34  ? 6.888   -2.513  12.540  0.33 22.27 ? 80  ARG A CD  1 
ATOM   246  N NE  . ARG A 1 34  ? 7.498   -3.785  12.964  0.33 28.59 ? 80  ARG A NE  1 
ATOM   247  C CZ  . ARG A 1 34  ? 7.089   -4.558  13.961  0.33 28.72 ? 80  ARG A CZ  1 
ATOM   248  N NH1 . ARG A 1 34  ? 6.040   -4.224  14.698  0.33 30.38 ? 80  ARG A NH1 1 
ATOM   249  N NH2 . ARG A 1 34  ? 7.764   -5.671  14.239  0.33 27.13 ? 80  ARG A NH2 1 
ATOM   250  N N   . TRP A 1 35  ? 4.788   0.731   8.549   0.33 11.19 ? 81  TRP A N   1 
ATOM   251  C CA  . TRP A 1 35  ? 4.474   1.901   7.716   0.33 9.68  ? 81  TRP A CA  1 
ATOM   252  C C   . TRP A 1 35  ? 3.976   2.922   8.689   0.33 12.70 ? 81  TRP A C   1 
ATOM   253  O O   . TRP A 1 35  ? 3.422   2.572   9.749   0.33 12.84 ? 81  TRP A O   1 
ATOM   254  C CB  . TRP A 1 35  ? 3.326   1.581   6.735   0.33 10.79 ? 81  TRP A CB  1 
ATOM   255  C CG  . TRP A 1 35  ? 3.759   0.522   5.709   0.33 9.65  ? 81  TRP A CG  1 
ATOM   256  C CD1 . TRP A 1 35  ? 3.730   -0.841  5.833   0.33 10.43 ? 81  TRP A CD1 1 
ATOM   257  C CD2 . TRP A 1 35  ? 4.313   0.819   4.445   0.33 9.68  ? 81  TRP A CD2 1 
ATOM   258  N NE1 . TRP A 1 35  ? 4.202   -1.412  4.669   0.33 11.39 ? 81  TRP A NE1 1 
ATOM   259  C CE2 . TRP A 1 35  ? 4.600   -0.409  3.813   0.33 7.72  ? 81  TRP A CE2 1 
ATOM   260  C CE3 . TRP A 1 35  ? 4.591   2.014   3.780   0.33 8.64  ? 81  TRP A CE3 1 
ATOM   261  C CZ2 . TRP A 1 35  ? 5.082   -0.484  2.518   0.33 8.09  ? 81  TRP A CZ2 1 
ATOM   262  C CZ3 . TRP A 1 35  ? 5.116   1.930   2.471   0.33 9.90  ? 81  TRP A CZ3 1 
ATOM   263  C CH2 . TRP A 1 35  ? 5.344   0.684   1.862   0.33 10.10 ? 81  TRP A CH2 1 
ATOM   264  N N   . THR A 1 36  ? 4.163   4.183   8.323   0.33 14.59 ? 82  THR A N   1 
ATOM   265  C CA  . THR A 1 36  ? 3.701   5.283   9.164   0.33 17.86 ? 82  THR A CA  1 
ATOM   266  C C   . THR A 1 36  ? 2.833   6.268   8.381   0.33 18.63 ? 82  THR A C   1 
ATOM   267  O O   . THR A 1 36  ? 3.189   6.606   7.254   0.33 17.78 ? 82  THR A O   1 
ATOM   268  C CB  . THR A 1 36  ? 4.897   6.060   9.744   0.33 18.31 ? 82  THR A CB  1 
ATOM   269  O OG1 . THR A 1 36  ? 5.737   5.179   10.516  0.33 23.58 ? 82  THR A OG1 1 
ATOM   270  C CG2 . THR A 1 36  ? 4.372   7.104   10.653  0.33 22.00 ? 82  THR A CG2 1 
ATOM   271  N N   . GLY A 1 37  ? 1.716   6.735   8.995   0.33 19.08 ? 83  GLY A N   1 
ATOM   272  C CA  . GLY A 1 37  ? 0.790   7.734   8.414   0.33 20.90 ? 83  GLY A CA  1 
ATOM   273  C C   . GLY A 1 37  ? 0.786   9.034   9.219   0.33 23.22 ? 83  GLY A C   1 
ATOM   274  O O   . GLY A 1 37  ? 0.012   9.209   10.134  0.33 24.44 ? 83  GLY A O   1 
ATOM   275  N N   . PRO A 1 38  ? 1.664   9.961   8.866   0.33 24.40 ? 84  PRO A N   1 
ATOM   276  C CA  . PRO A 1 38  ? 1.796   11.293  9.557   0.33 25.41 ? 84  PRO A CA  1 
ATOM   277  C C   . PRO A 1 38  ? 0.463   12.090  9.794   0.33 25.65 ? 84  PRO A C   1 
ATOM   278  O O   . PRO A 1 38  ? 0.203   12.723  10.899  0.33 25.96 ? 84  PRO A O   1 
ATOM   279  C CB  . PRO A 1 38  ? 2.698   12.066  8.603   0.33 25.56 ? 84  PRO A CB  1 
ATOM   280  C CG  . PRO A 1 38  ? 3.521   10.952  7.830   0.33 25.20 ? 84  PRO A CG  1 
ATOM   281  C CD  . PRO A 1 38  ? 2.679   9.705   7.827   0.33 24.87 ? 84  PRO A CD  1 
ATOM   282  N N   . GLY A 1 39  ? -0.389  12.078  8.776   0.33 24.68 ? 85  GLY A N   1 
ATOM   283  C CA  . GLY A 1 39  ? -1.669  12.758  8.836   0.33 27.51 ? 85  GLY A CA  1 
ATOM   284  C C   . GLY A 1 39  ? -1.796  13.667  7.629   0.33 26.42 ? 85  GLY A C   1 
ATOM   285  O O   . GLY A 1 39  ? -2.639  14.563  7.578   0.33 29.21 ? 85  GLY A O   1 
ATOM   286  N N   . ASP A 1 40  ? -0.963  13.425  6.631   0.33 26.52 ? 86  ASP A N   1 
ATOM   287  C CA  . ASP A 1 40  ? -0.888  14.331  5.512   0.33 24.34 ? 86  ASP A CA  1 
ATOM   288  C C   . ASP A 1 40  ? -1.317  13.565  4.256   0.33 22.09 ? 86  ASP A C   1 
ATOM   289  O O   . ASP A 1 40  ? -1.365  14.088  3.160   0.33 23.06 ? 86  ASP A O   1 
ATOM   290  C CB  . ASP A 1 40  ? 0.528   14.922  5.400   0.33 24.18 ? 86  ASP A CB  1 
ATOM   291  C CG  . ASP A 1 40  ? 1.585   13.865  5.107   0.33 27.76 ? 86  ASP A CG  1 
ATOM   292  O OD1 . ASP A 1 40  ? 1.262   12.680  5.297   0.33 24.09 ? 86  ASP A OD1 1 
ATOM   293  O OD2 . ASP A 1 40  ? 2.720   14.207  4.697   0.33 26.34 ? 86  ASP A OD2 1 
ATOM   294  N N   . GLY A 1 41  ? -1.677  12.302  4.429   0.33 20.10 ? 87  GLY A N   1 
ATOM   295  C CA  . GLY A 1 41  ? -2.193  11.525  3.314   0.33 15.67 ? 87  GLY A CA  1 
ATOM   296  C C   . GLY A 1 41  ? -1.244  10.403  2.948   0.33 14.44 ? 87  GLY A C   1 
ATOM   297  O O   . GLY A 1 41  ? -1.631  9.389   2.377   0.33 14.29 ? 87  GLY A O   1 
ATOM   298  N N   . THR A 1 42  ? 0.012   10.617  3.290   0.33 13.14 ? 88  THR A N   1 
ATOM   299  C CA  . THR A 1 42  ? 1.044   9.628   3.003   0.33 12.79 ? 88  THR A CA  1 
ATOM   300  C C   . THR A 1 42  ? 1.061   8.413   3.893   0.33 12.70 ? 88  THR A C   1 
ATOM   301  O O   . THR A 1 42  ? 0.680   8.423   5.077   0.33 11.97 ? 88  THR A O   1 
ATOM   302  C CB  . THR A 1 42  ? 2.459   10.243  3.016   0.33 13.67 ? 88  THR A CB  1 
ATOM   303  O OG1 . THR A 1 42  ? 2.866   10.595  4.346   0.33 15.16 ? 88  THR A OG1 1 
ATOM   304  C CG2 . THR A 1 42  ? 2.522   11.424  2.078   0.33 13.72 ? 88  THR A CG2 1 
ATOM   305  N N   . VAL A 1 43  ? 1.621   7.346   3.293   0.33 10.36 ? 89  VAL A N   1 
ATOM   306  C CA  . VAL A 1 43  ? 1.855   6.083   3.991   0.33 11.62 ? 89  VAL A CA  1 
ATOM   307  C C   . VAL A 1 43  ? 3.317   5.771   3.727   0.33 11.12 ? 89  VAL A C   1 
ATOM   308  O O   . VAL A 1 43  ? 3.693   5.315   2.641   0.33 11.33 ? 89  VAL A O   1 
ATOM   309  C CB  . VAL A 1 43  ? 0.885   4.939   3.459   0.33 11.00 ? 89  VAL A CB  1 
ATOM   310  C CG1 . VAL A 1 43  ? 1.331   3.569   3.996   0.33 11.29 ? 89  VAL A CG1 1 
ATOM   311  C CG2 . VAL A 1 43  ? -0.561  5.268   3.835   0.33 10.97 ? 89  VAL A CG2 1 
ATOM   312  N N   . ARG A 1 44  ? 4.153   6.012   4.737   0.33 11.13 ? 90  ARG A N   1 
ATOM   313  C CA  . ARG A 1 44  ? 5.591   5.965   4.602   0.33 12.40 ? 90  ARG A CA  1 
ATOM   314  C C   . ARG A 1 44  ? 6.201   4.690   5.138   0.33 12.55 ? 90  ARG A C   1 
ATOM   315  O O   . ARG A 1 44  ? 5.826   4.209   6.183   0.33 13.21 ? 90  ARG A O   1 
ATOM   316  C CB  . ARG A 1 44  ? 6.179   7.158   5.377   0.33 13.26 ? 90  ARG A CB  1 
ATOM   317  C CG  . ARG A 1 44  ? 7.692   7.163   5.439   0.33 19.18 ? 90  ARG A CG  1 
ATOM   318  C CD  . ARG A 1 44  ? 8.224   8.511   6.067   0.33 27.86 ? 90  ARG A CD  1 
ATOM   319  N NE  . ARG A 1 44  ? 9.531   8.959   5.543   0.33 32.09 ? 90  ARG A NE  1 
ATOM   320  C CZ  . ARG A 1 44  ? 10.096  10.155  5.796   0.33 36.04 ? 90  ARG A CZ  1 
ATOM   321  N NH1 . ARG A 1 44  ? 11.303  10.458  5.299   0.33 37.43 ? 90  ARG A NH1 1 
ATOM   322  N NH2 . ARG A 1 44  ? 9.474   11.057  6.564   0.33 38.40 ? 90  ARG A NH2 1 
ATOM   323  N N   . ASN A 1 45  ? 7.141   4.132   4.390   0.33 10.65 ? 91  ASN A N   1 
ATOM   324  C CA  . ASN A 1 45  ? 7.702   2.866   4.880   0.33 11.94 ? 91  ASN A CA  1 
ATOM   325  C C   . ASN A 1 45  ? 8.488   3.125   6.187   0.33 11.67 ? 91  ASN A C   1 
ATOM   326  O O   . ASN A 1 45  ? 9.291   4.085   6.282   0.33 12.55 ? 91  ASN A O   1 
ATOM   327  C CB  . ASN A 1 45  ? 8.555   2.232   3.785   0.33 11.00 ? 91  ASN A CB  1 
ATOM   328  C CG  . ASN A 1 45  ? 9.121   0.952   4.192   0.33 12.55 ? 91  ASN A CG  1 
ATOM   329  O OD1 . ASN A 1 45  ? 10.224  0.909   4.708   0.33 9.64  ? 91  ASN A OD1 1 
ATOM   330  N ND2 . ASN A 1 45  ? 8.388   -0.122  3.977   0.33 11.71 ? 91  ASN A ND2 1 
ATOM   331  N N   . ALA A 1 46  ? 8.287   2.270   7.205   0.33 10.17 ? 92  ALA A N   1 
ATOM   332  C CA  . ALA A 1 46  ? 8.964   2.416   8.489   0.33 11.63 ? 92  ALA A CA  1 
ATOM   333  C C   . ALA A 1 46  ? 10.480  2.317   8.381   0.33 12.02 ? 92  ALA A C   1 
ATOM   334  O O   . ALA A 1 46  ? 11.207  2.930   9.218   0.33 13.30 ? 92  ALA A O   1 
ATOM   335  C CB  . ALA A 1 46  ? 8.441   1.346   9.476   0.33 11.36 ? 92  ALA A CB  1 
ATOM   336  N N   . GLN A 1 47  ? 10.980  1.509   7.445   0.33 12.25 ? 93  GLN A N   1 
ATOM   337  C CA  . GLN A 1 47  ? 12.434  1.380   7.284   0.33 12.23 ? 93  GLN A CA  1 
ATOM   338  C C   . GLN A 1 47  ? 13.049  2.437   6.356   0.33 11.03 ? 93  GLN A C   1 
ATOM   339  O O   . GLN A 1 47  ? 14.046  3.100   6.667   0.33 13.70 ? 93  GLN A O   1 
ATOM   340  C CB  . GLN A 1 47  ? 12.733  -0.047  6.812   0.33 12.25 ? 93  GLN A CB  1 
ATOM   341  C CG  . GLN A 1 47  ? 14.234  -0.233  6.595   0.33 12.96 ? 93  GLN A CG  1 
ATOM   342  C CD  . GLN A 1 47  ? 14.991  -0.275  7.902   0.33 7.78  ? 93  GLN A CD  1 
ATOM   343  O OE1 . GLN A 1 47  ? 14.503  -0.781  8.887   0.33 16.25 ? 93  GLN A OE1 1 
ATOM   344  N NE2 . GLN A 1 47  ? 16.139  0.344   7.946   0.33 19.10 ? 93  GLN A NE2 1 
ATOM   345  N N   . THR A 1 48  ? 12.411  2.615   5.191   0.33 12.43 ? 94  THR A N   1 
ATOM   346  C CA  . THR A 1 48  ? 12.974  3.485   4.175   0.33 10.03 ? 94  THR A CA  1 
ATOM   347  C C   . THR A 1 48  ? 12.512  4.950   4.290   0.33 10.74 ? 94  THR A C   1 
ATOM   348  O O   . THR A 1 48  ? 13.137  5.834   3.737   0.33 13.85 ? 94  THR A O   1 
ATOM   349  C CB  . THR A 1 48  ? 12.631  2.885   2.767   0.33 10.65 ? 94  THR A CB  1 
ATOM   350  O OG1 . THR A 1 48  ? 11.266  3.152   2.414   0.33 8.83  ? 94  THR A OG1 1 
ATOM   351  C CG2 . THR A 1 48  ? 12.989  1.344   2.672   0.33 13.75 ? 94  THR A CG2 1 
ATOM   352  N N   . GLY A 1 49  ? 11.405  5.200   4.978   0.33 10.93 ? 95  GLY A N   1 
ATOM   353  C CA  . GLY A 1 49  ? 10.815  6.548   4.982   0.33 11.03 ? 95  GLY A CA  1 
ATOM   354  C C   . GLY A 1 49  ? 10.124  6.966   3.661   0.33 11.15 ? 95  GLY A C   1 
ATOM   355  O O   . GLY A 1 49  ? 9.603   8.067   3.549   0.33 13.46 ? 95  GLY A O   1 
ATOM   356  N N   . ARG A 1 50  ? 10.084  6.088   2.656   0.33 12.78 ? 96  ARG A N   1 
ATOM   357  C CA  . ARG A 1 50  ? 9.533   6.439   1.366   0.33 12.93 ? 96  ARG A CA  1 
ATOM   358  C C   . ARG A 1 50  ? 8.027   6.296   1.427   0.33 13.91 ? 96  ARG A C   1 
ATOM   359  O O   . ARG A 1 50  ? 7.478   5.616   2.319   0.33 13.43 ? 96  ARG A O   1 
ATOM   360  C CB  . ARG A 1 50  ? 10.132  5.570   0.233   0.33 12.87 ? 96  ARG A CB  1 
ATOM   361  C CG  . ARG A 1 50  ? 11.667  5.641   0.158   0.33 10.54 ? 96  ARG A CG  1 
ATOM   362  C CD  . ARG A 1 50  ? 12.246  4.587   -0.744  0.33 13.14 ? 96  ARG A CD  1 
ATOM   363  N NE  . ARG A 1 50  ? 11.847  4.708   -2.149  0.33 10.96 ? 96  ARG A NE  1 
ATOM   364  C CZ  . ARG A 1 50  ? 12.508  5.366   -3.112  0.33 9.91  ? 96  ARG A CZ  1 
ATOM   365  N NH1 . ARG A 1 50  ? 13.665  6.008   -2.812  0.33 13.92 ? 96  ARG A NH1 1 
ATOM   366  N NH2 . ARG A 1 50  ? 12.051  5.351   -4.373  0.33 10.67 ? 96  ARG A NH2 1 
ATOM   367  N N   . CYS A 1 51  ? 7.388   7.025   0.506   0.33 13.51 ? 97  CYS A N   1 
ATOM   368  C CA  . CYS A 1 51  ? 5.949   7.046   0.301   0.33 14.46 ? 97  CYS A CA  1 
ATOM   369  C C   . CYS A 1 51  ? 5.424   6.026   -0.716  0.33 12.99 ? 97  CYS A C   1 
ATOM   370  O O   . CYS A 1 51  ? 5.734   6.083   -1.891  0.33 12.40 ? 97  CYS A O   1 
ATOM   371  C CB  . CYS A 1 51  ? 5.597   8.436   -0.259  0.33 10.39 ? 97  CYS A CB  1 
ATOM   372  S SG  . CYS A 1 51  ? 5.473   9.702   0.983   0.33 20.62 ? 97  CYS A SG  1 
ATOM   373  N N   . LEU A 1 52  ? 4.574   5.133   -0.239  0.33 12.37 ? 98  LEU A N   1 
ATOM   374  C CA  . LEU A 1 52  ? 3.738   4.267   -1.094  0.33 12.39 ? 98  LEU A CA  1 
ATOM   375  C C   . LEU A 1 52  ? 3.046   5.184   -2.100  0.33 12.81 ? 98  LEU A C   1 
ATOM   376  O O   . LEU A 1 52  ? 2.526   6.230   -1.722  0.33 11.35 ? 98  LEU A O   1 
ATOM   377  C CB  . LEU A 1 52  ? 2.650   3.649   -0.194  0.33 11.62 ? 98  LEU A CB  1 
ATOM   378  C CG  . LEU A 1 52  ? 1.857   2.530   -0.871  0.33 11.78 ? 98  LEU A CG  1 
ATOM   379  C CD1 . LEU A 1 52  ? 2.780   1.344   -1.168  0.33 11.17 ? 98  LEU A CD1 1 
ATOM   380  C CD2 . LEU A 1 52  ? 0.744   2.071   0.019   0.33 9.83  ? 98  LEU A CD2 1 
ATOM   381  N N   . ASP A 1 53  ? 2.985   4.762   -3.370  0.33 13.08 ? 99  ASP A N   1 
ATOM   382  C CA  . ASP A 1 53  ? 2.667   5.670   -4.474  0.33 13.74 ? 99  ASP A CA  1 
ATOM   383  C C   . ASP A 1 53  ? 2.187   4.735   -5.598  0.33 12.98 ? 99  ASP A C   1 
ATOM   384  O O   . ASP A 1 53  ? 2.490   3.530   -5.568  0.33 13.79 ? 99  ASP A O   1 
ATOM   385  C CB  . ASP A 1 53  ? 3.997   6.436   -4.748  0.33 14.48 ? 99  ASP A CB  1 
ATOM   386  C CG  . ASP A 1 53  ? 4.017   7.234   -6.034  0.33 18.00 ? 99  ASP A CG  1 
ATOM   387  O OD1 . ASP A 1 53  ? 5.093   7.884   -6.259  0.33 22.46 ? 99  ASP A OD1 1 
ATOM   388  O OD2 . ASP A 1 53  ? 3.033   7.253   -6.825  0.33 23.76 ? 99  ASP A OD2 1 
ATOM   389  N N   . SER A 1 54  ? 1.370   5.218   -6.538  0.33 12.07 ? 100 SER A N   1 
ATOM   390  C CA  . SER A 1 54  ? 0.983   4.384   -7.704  0.33 10.51 ? 100 SER A CA  1 
ATOM   391  C C   . SER A 1 54  ? 0.667   5.332   -8.841  0.33 9.85  ? 100 SER A C   1 
ATOM   392  O O   . SER A 1 54  ? 0.703   6.585   -8.649  0.33 10.90 ? 100 SER A O   1 
ATOM   393  C CB  . SER A 1 54  ? -0.276  3.535   -7.436  0.33 11.11 ? 100 SER A CB  1 
ATOM   394  O OG  . SER A 1 54  ? -1.418  4.357   -7.282  0.33 13.70 ? 100 SER A OG  1 
ATOM   395  N N   . ASN A 1 55  ? 0.369   4.741   -9.999  0.33 10.06 ? 101 ASN A N   1 
ATOM   396  C CA  . ASN A 1 55  ? 0.066   5.575   -11.148 0.33 10.46 ? 101 ASN A CA  1 
ATOM   397  C C   . ASN A 1 55  ? -1.198  5.125   -11.897 0.33 9.14  ? 101 ASN A C   1 
ATOM   398  O O   . ASN A 1 55  ? -2.019  4.380   -11.386 0.33 9.97  ? 101 ASN A O   1 
ATOM   399  C CB  . ASN A 1 55  ? 1.290   5.642   -12.049 0.33 10.72 ? 101 ASN A CB  1 
ATOM   400  C CG  . ASN A 1 55  ? 1.655   4.283   -12.710 0.33 12.64 ? 101 ASN A CG  1 
ATOM   401  O OD1 . ASN A 1 55  ? 0.852   3.336   -12.812 0.33 12.02 ? 101 ASN A OD1 1 
ATOM   402  N ND2 . ASN A 1 55  ? 2.894   4.225   -13.170 0.33 9.76  ? 101 ASN A ND2 1 
ATOM   403  N N   . TYR A 1 56  ? -1.401  5.643   -13.109 0.33 11.22 ? 102 TYR A N   1 
ATOM   404  C CA  . TYR A 1 56  ? -2.628  5.385   -13.842 0.33 12.88 ? 102 TYR A CA  1 
ATOM   405  C C   . TYR A 1 56  ? -2.507  4.032   -14.511 0.33 14.41 ? 102 TYR A C   1 
ATOM   406  O O   . TYR A 1 56  ? -3.496  3.440   -14.887 0.33 15.68 ? 102 TYR A O   1 
ATOM   407  C CB  . TYR A 1 56  ? -2.876  6.512   -14.844 0.33 12.34 ? 102 TYR A CB  1 
ATOM   408  C CG  . TYR A 1 56  ? -3.640  7.738   -14.277 0.33 13.14 ? 102 TYR A CG  1 
ATOM   409  C CD1 . TYR A 1 56  ? -2.966  8.922   -13.920 0.33 15.18 ? 102 TYR A CD1 1 
ATOM   410  C CD2 . TYR A 1 56  ? -5.018  7.679   -14.025 0.33 15.11 ? 102 TYR A CD2 1 
ATOM   411  C CE1 . TYR A 1 56  ? -3.645  10.050  -13.442 0.33 16.85 ? 102 TYR A CE1 1 
ATOM   412  C CE2 . TYR A 1 56  ? -5.718  8.830   -13.496 0.33 11.20 ? 102 TYR A CE2 1 
ATOM   413  C CZ  . TYR A 1 56  ? -5.010  9.999   -13.196 0.33 15.16 ? 102 TYR A CZ  1 
ATOM   414  O OH  . TYR A 1 56  ? -5.670  11.129  -12.734 0.33 16.60 ? 102 TYR A OH  1 
ATOM   415  N N   . ASP A 1 57  ? -1.279  3.517   -14.632 0.33 14.10 ? 103 ASP A N   1 
ATOM   416  C CA  . ASP A 1 57  ? -1.090  2.186   -15.162 0.33 15.02 ? 103 ASP A CA  1 
ATOM   417  C C   . ASP A 1 57  ? -1.422  1.085   -14.163 0.33 12.24 ? 103 ASP A C   1 
ATOM   418  O O   . ASP A 1 57  ? -1.406  -0.101  -14.510 0.33 12.55 ? 103 ASP A O   1 
ATOM   419  C CB  . ASP A 1 57  ? 0.363   1.978   -15.536 0.33 16.65 ? 103 ASP A CB  1 
ATOM   420  C CG  . ASP A 1 57  ? 0.634   2.238   -16.938 0.33 23.51 ? 103 ASP A CG  1 
ATOM   421  O OD1 . ASP A 1 57  ? -0.226  1.824   -17.775 0.33 29.03 ? 103 ASP A OD1 1 
ATOM   422  O OD2 . ASP A 1 57  ? 1.742   2.801   -17.197 0.33 27.53 ? 103 ASP A OD2 1 
ATOM   423  N N   . GLY A 1 58  ? -1.640  1.427   -12.887 0.33 11.73 ? 104 GLY A N   1 
ATOM   424  C CA  . GLY A 1 58  ? -1.867  0.366   -11.866 0.33 10.65 ? 104 GLY A CA  1 
ATOM   425  C C   . GLY A 1 58  ? -0.582  -0.117  -11.129 0.33 8.55  ? 104 GLY A C   1 
ATOM   426  O O   . GLY A 1 58  ? -0.605  -0.922  -10.172 0.33 10.01 ? 104 GLY A O   1 
ATOM   427  N N   . ALA A 1 59  ? 0.563   0.438   -11.499 0.33 8.92  ? 105 ALA A N   1 
ATOM   428  C CA  . ALA A 1 59  ? 1.780   0.023   -10.868 0.33 7.49  ? 105 ALA A CA  1 
ATOM   429  C C   . ALA A 1 59  ? 1.774   0.722   -9.483  0.33 10.35 ? 105 ALA A C   1 
ATOM   430  O O   . ALA A 1 59  ? 1.067   1.718   -9.273  0.33 8.81  ? 105 ALA A O   1 
ATOM   431  C CB  . ALA A 1 59  ? 2.990   0.499   -11.632 0.33 7.27  ? 105 ALA A CB  1 
ATOM   432  N N   . VAL A 1 60  ? 2.502   0.093   -8.566  0.33 10.08 ? 106 VAL A N   1 
ATOM   433  C CA  . VAL A 1 60  ? 2.589   0.549   -7.137  0.33 9.74  ? 106 VAL A CA  1 
ATOM   434  C C   . VAL A 1 60  ? 4.037   0.374   -6.697  0.33 10.61 ? 106 VAL A C   1 
ATOM   435  O O   . VAL A 1 60  ? 4.668   -0.659  -6.963  0.33 10.15 ? 106 VAL A O   1 
ATOM   436  C CB  . VAL A 1 60  ? 1.647   -0.262  -6.242  0.33 9.72  ? 106 VAL A CB  1 
ATOM   437  C CG1 . VAL A 1 60  ? 1.693   0.196   -4.771  0.33 10.92 ? 106 VAL A CG1 1 
ATOM   438  C CG2 . VAL A 1 60  ? 0.237   -0.157  -6.808  0.33 9.16  ? 106 VAL A CG2 1 
ATOM   439  N N   . TYR A 1 61  ? 4.572   1.390   -6.012  0.33 10.28 ? 107 TYR A N   1 
ATOM   440  C CA  . TYR A 1 61  ? 6.017   1.416   -5.663  0.33 9.54  ? 107 TYR A CA  1 
ATOM   441  C C   . TYR A 1 61  ? 6.119   2.372   -4.455  0.33 10.36 ? 107 TYR A C   1 
ATOM   442  O O   . TYR A 1 61  ? 5.077   2.909   -3.982  0.33 9.52  ? 107 TYR A O   1 
ATOM   443  C CB  . TYR A 1 61  ? 6.889   1.942   -6.859  0.33 10.21 ? 107 TYR A CB  1 
ATOM   444  C CG  . TYR A 1 61  ? 6.225   3.045   -7.667  0.33 10.51 ? 107 TYR A CG  1 
ATOM   445  C CD1 . TYR A 1 61  ? 6.225   4.385   -7.223  0.33 8.74  ? 107 TYR A CD1 1 
ATOM   446  C CD2 . TYR A 1 61  ? 5.608   2.755   -8.902  0.33 9.92  ? 107 TYR A CD2 1 
ATOM   447  C CE1 . TYR A 1 61  ? 5.593   5.395   -8.011  0.33 13.58 ? 107 TYR A CE1 1 
ATOM   448  C CE2 . TYR A 1 61  ? 4.993   3.751   -9.674  0.33 10.42 ? 107 TYR A CE2 1 
ATOM   449  C CZ  . TYR A 1 61  ? 4.964   5.051   -9.217  0.33 11.63 ? 107 TYR A CZ  1 
ATOM   450  O OH  . TYR A 1 61  ? 4.348   6.014   -10.015 0.33 15.54 ? 107 TYR A OH  1 
ATOM   451  N N   . THR A 1 62  ? 7.331   2.591   -3.940  0.33 10.67 ? 108 THR A N   1 
ATOM   452  C CA  . THR A 1 62  ? 7.493   3.718   -3.022  0.33 9.68  ? 108 THR A CA  1 
ATOM   453  C C   . THR A 1 62  ? 8.552   4.615   -3.692  0.33 13.03 ? 108 THR A C   1 
ATOM   454  O O   . THR A 1 62  ? 9.365   4.116   -4.480  0.33 12.93 ? 108 THR A O   1 
ATOM   455  C CB  . THR A 1 62  ? 8.087   3.352   -1.568  0.33 11.25 ? 108 THR A CB  1 
ATOM   456  O OG1 . THR A 1 62  ? 9.386   2.764   -1.704  0.33 11.31 ? 108 THR A OG1 1 
ATOM   457  C CG2 . THR A 1 62  ? 7.280   2.339   -0.845  0.33 8.66  ? 108 THR A CG2 1 
ATOM   458  N N   . LEU A 1 63  ? 8.545   5.905   -3.347  0.33 12.21 ? 109 LEU A N   1 
ATOM   459  C CA  . LEU A 1 63  ? 9.593   6.905   -3.776  0.33 13.13 ? 109 LEU A CA  1 
ATOM   460  C C   . LEU A 1 63  ? 9.708   7.855   -2.565  0.33 13.92 ? 109 LEU A C   1 
ATOM   461  O O   . LEU A 1 63  ? 8.848   7.893   -1.710  0.33 15.47 ? 109 LEU A O   1 
ATOM   462  C CB  . LEU A 1 63  ? 9.159   7.773   -4.991  0.33 14.01 ? 109 LEU A CB  1 
ATOM   463  C CG  . LEU A 1 63  ? 8.964   7.197   -6.393  0.33 17.02 ? 109 LEU A CG  1 
ATOM   464  C CD1 . LEU A 1 63  ? 8.586   8.321   -7.396  0.33 18.56 ? 109 LEU A CD1 1 
ATOM   465  C CD2 . LEU A 1 63  ? 10.264  6.519   -6.743  0.33 18.77 ? 109 LEU A CD2 1 
ATOM   466  N N   . PRO A 1 64  ? 10.769  8.651   -2.492  0.33 15.67 ? 110 PRO A N   1 
ATOM   467  C CA  . PRO A 1 64  ? 10.815  9.681   -1.415  0.33 15.95 ? 110 PRO A CA  1 
ATOM   468  C C   . PRO A 1 64  ? 9.591   10.630  -1.537  0.33 18.09 ? 110 PRO A C   1 
ATOM   469  O O   . PRO A 1 64  ? 9.032   10.813  -2.623  0.33 18.51 ? 110 PRO A O   1 
ATOM   470  C CB  . PRO A 1 64  ? 12.129  10.437  -1.709  0.33 15.76 ? 110 PRO A CB  1 
ATOM   471  C CG  . PRO A 1 64  ? 12.959  9.394   -2.399  0.33 15.49 ? 110 PRO A CG  1 
ATOM   472  C CD  . PRO A 1 64  ? 12.060  8.490   -3.172  0.33 15.90 ? 110 PRO A CD  1 
ATOM   473  N N   . CYS A 1 65  ? 9.156   11.231  -0.435  0.33 17.76 ? 111 CYS A N   1 
ATOM   474  C CA  . CYS A 1 65  ? 7.827   11.840  -0.472  0.33 18.85 ? 111 CYS A CA  1 
ATOM   475  C C   . CYS A 1 65  ? 7.860   13.186  -1.175  0.33 18.09 ? 111 CYS A C   1 
ATOM   476  O O   . CYS A 1 65  ? 8.728   13.989  -0.887  0.33 19.03 ? 111 CYS A O   1 
ATOM   477  C CB  . CYS A 1 65  ? 7.360   11.957  0.958   0.33 18.58 ? 111 CYS A CB  1 
ATOM   478  S SG  . CYS A 1 65  ? 7.323   10.243  1.642   0.33 24.31 ? 111 CYS A SG  1 
ATOM   479  N N   . ASN A 1 66  ? 6.941   13.423  -2.106  0.33 17.48 ? 112 ASN A N   1 
ATOM   480  C CA  . ASN A 1 66  ? 6.976   14.648  -2.965  0.33 15.71 ? 112 ASN A CA  1 
ATOM   481  C C   . ASN A 1 66  ? 5.763   15.618  -2.869  0.33 16.06 ? 112 ASN A C   1 
ATOM   482  O O   . ASN A 1 66  ? 5.641   16.596  -3.650  0.33 15.32 ? 112 ASN A O   1 
ATOM   483  C CB  . ASN A 1 66  ? 7.252   14.252  -4.450  0.33 16.41 ? 112 ASN A CB  1 
ATOM   484  C CG  . ASN A 1 66  ? 6.145   13.370  -5.072  0.33 16.61 ? 112 ASN A CG  1 
ATOM   485  O OD1 . ASN A 1 66  ? 4.965   13.487  -4.730  0.33 16.11 ? 112 ASN A OD1 1 
ATOM   486  N ND2 . ASN A 1 66  ? 6.532   12.504  -6.037  0.33 15.41 ? 112 ASN A ND2 1 
ATOM   487  N N   . GLY A 1 67  ? 4.899   15.388  -1.873  0.33 14.27 ? 113 GLY A N   1 
ATOM   488  C CA  . GLY A 1 67  ? 3.592   16.110  -1.799  0.33 15.41 ? 113 GLY A CA  1 
ATOM   489  C C   . GLY A 1 67  ? 2.431   15.894  -2.794  0.33 14.87 ? 113 GLY A C   1 
ATOM   490  O O   . GLY A 1 67  ? 1.419   16.587  -2.681  0.33 15.22 ? 113 GLY A O   1 
ATOM   491  N N   . GLY A 1 68  ? 2.536   14.944  -3.733  0.33 15.57 ? 114 GLY A N   1 
ATOM   492  C CA  . GLY A 1 68  ? 1.531   14.775  -4.793  0.33 15.28 ? 114 GLY A CA  1 
ATOM   493  C C   . GLY A 1 68  ? 0.312   13.975  -4.349  0.33 15.00 ? 114 GLY A C   1 
ATOM   494  O O   . GLY A 1 68  ? 0.392   13.184  -3.378  0.33 15.52 ? 114 GLY A O   1 
ATOM   495  N N   . SER A 1 69  ? -0.807  14.171  -5.051  0.33 15.27 ? 115 SER A N   1 
ATOM   496  C CA  . SER A 1 69  ? -2.026  13.431  -4.740  0.33 16.00 ? 115 SER A CA  1 
ATOM   497  C C   . SER A 1 69  ? -1.770  11.908  -4.936  0.33 15.92 ? 115 SER A C   1 
ATOM   498  O O   . SER A 1 69  ? -2.268  11.093  -4.178  0.33 14.47 ? 115 SER A O   1 
ATOM   499  C CB  . SER A 1 69  ? -3.231  13.929  -5.577  0.33 16.63 ? 115 SER A CB  1 
ATOM   500  O OG  . SER A 1 69  ? -3.637  15.282  -5.289  0.33 22.17 ? 115 SER A OG  1 
ATOM   501  N N   . TYR A 1 70  ? -0.990  11.550  -5.957  0.33 15.04 ? 116 TYR A N   1 
ATOM   502  C CA  . TYR A 1 70  ? -0.530  10.156  -6.115  0.33 14.87 ? 116 TYR A CA  1 
ATOM   503  C C   . TYR A 1 70  ? -0.057  9.473   -4.826  0.33 13.67 ? 116 TYR A C   1 
ATOM   504  O O   . TYR A 1 70  ? -0.443  8.334   -4.570  0.33 13.15 ? 116 TYR A O   1 
ATOM   505  C CB  . TYR A 1 70  ? 0.591   10.086  -7.147  0.33 13.73 ? 116 TYR A CB  1 
ATOM   506  C CG  . TYR A 1 70  ? 0.174   10.308  -8.594  0.33 14.42 ? 116 TYR A CG  1 
ATOM   507  C CD1 . TYR A 1 70  ? -0.643  9.400   -9.302  0.33 13.92 ? 116 TYR A CD1 1 
ATOM   508  C CD2 . TYR A 1 70  ? 0.691   11.403  -9.294  0.33 15.67 ? 116 TYR A CD2 1 
ATOM   509  C CE1 . TYR A 1 70  ? -0.924  9.601   -10.677 0.33 13.40 ? 116 TYR A CE1 1 
ATOM   510  C CE2 . TYR A 1 70  ? 0.394   11.607  -10.655 0.33 15.00 ? 116 TYR A CE2 1 
ATOM   511  C CZ  . TYR A 1 70  ? -0.397  10.726  -11.333 0.33 14.23 ? 116 TYR A CZ  1 
ATOM   512  O OH  . TYR A 1 70  ? -0.638  10.938  -12.705 0.33 15.32 ? 116 TYR A OH  1 
ATOM   513  N N   . GLN A 1 71  ? 0.787   10.141  -4.016  0.33 13.06 ? 117 GLN A N   1 
ATOM   514  C CA  . GLN A 1 71  ? 1.209   9.583   -2.715  0.33 12.07 ? 117 GLN A CA  1 
ATOM   515  C C   . GLN A 1 71  ? 0.287   9.843   -1.518  0.33 12.23 ? 117 GLN A C   1 
ATOM   516  O O   . GLN A 1 71  ? 0.753   9.722   -0.372  0.33 13.13 ? 117 GLN A O   1 
ATOM   517  C CB  . GLN A 1 71  ? 2.642   10.015  -2.337  0.33 11.42 ? 117 GLN A CB  1 
ATOM   518  C CG  . GLN A 1 71  ? 3.641   9.503   -3.355  0.33 11.94 ? 117 GLN A CG  1 
ATOM   519  C CD  . GLN A 1 71  ? 5.007   10.195  -3.246  0.33 14.46 ? 117 GLN A CD  1 
ATOM   520  O OE1 . GLN A 1 71  ? 5.269   11.005  -2.318  0.33 14.44 ? 117 GLN A OE1 1 
ATOM   521  N NE2 . GLN A 1 71  ? 5.896   9.847   -4.179  0.33 15.41 ? 117 GLN A NE2 1 
ATOM   522  N N   . LYS A 1 72  ? -0.982  10.161  -1.815  0.33 11.71 ? 118 LYS A N   1 
ATOM   523  C CA  . LYS A 1 72  ? -1.983  10.422  -0.782  0.33 11.37 ? 118 LYS A CA  1 
ATOM   524  C C   . LYS A 1 72  ? -3.086  9.326   -0.837  0.33 13.22 ? 118 LYS A C   1 
ATOM   525  O O   . LYS A 1 72  ? -3.719  9.040   -1.902  0.33 13.65 ? 118 LYS A O   1 
ATOM   526  C CB  . LYS A 1 72  ? -2.500  11.890  -0.895  0.33 11.68 ? 118 LYS A CB  1 
ATOM   527  C CG  . LYS A 1 72  ? -1.322  12.891  -0.791  0.33 11.84 ? 118 LYS A CG  1 
ATOM   528  C CD  . LYS A 1 72  ? -1.829  14.241  -0.457  0.33 19.14 ? 118 LYS A CD  1 
ATOM   529  C CE  . LYS A 1 72  ? -0.696  15.315  -0.629  0.33 19.59 ? 118 LYS A CE  1 
ATOM   530  N NZ  . LYS A 1 72  ? -1.237  16.624  -1.255  0.33 22.78 ? 118 LYS A NZ  1 
ATOM   531  N N   . TRP A 1 73  ? -3.300  8.723   0.326   0.33 10.39 ? 119 TRP A N   1 
ATOM   532  C CA  . TRP A 1 73  ? -4.204  7.602   0.435   0.33 10.53 ? 119 TRP A CA  1 
ATOM   533  C C   . TRP A 1 73  ? -5.316  7.860   1.410   0.33 10.68 ? 119 TRP A C   1 
ATOM   534  O O   . TRP A 1 73  ? -5.166  8.612   2.372   0.33 11.34 ? 119 TRP A O   1 
ATOM   535  C CB  . TRP A 1 73  ? -3.389  6.348   0.830   0.33 8.62  ? 119 TRP A CB  1 
ATOM   536  C CG  . TRP A 1 73  ? -2.302  6.040   -0.134  0.33 11.69 ? 119 TRP A CG  1 
ATOM   537  C CD1 . TRP A 1 73  ? -1.036  6.525   -0.076  0.33 8.93  ? 119 TRP A CD1 1 
ATOM   538  C CD2 . TRP A 1 73  ? -2.372  5.189   -1.282  0.33 8.43  ? 119 TRP A CD2 1 
ATOM   539  N NE1 . TRP A 1 73  ? -0.299  6.023   -1.145  0.33 10.59 ? 119 TRP A NE1 1 
ATOM   540  C CE2 . TRP A 1 73  ? -1.108  5.221   -1.910  0.33 10.47 ? 119 TRP A CE2 1 
ATOM   541  C CE3 . TRP A 1 73  ? -3.403  4.454   -1.893  0.33 11.08 ? 119 TRP A CE3 1 
ATOM   542  C CZ2 . TRP A 1 73  ? -0.816  4.481   -3.072  0.33 10.01 ? 119 TRP A CZ2 1 
ATOM   543  C CZ3 . TRP A 1 73  ? -3.102  3.726   -3.063  0.33 8.86  ? 119 TRP A CZ3 1 
ATOM   544  C CH2 . TRP A 1 73  ? -1.829  3.750   -3.631  0.33 11.96 ? 119 TRP A CH2 1 
ATOM   545  N N   . LEU A 1 74  ? -6.451  7.207   1.164   0.33 10.66 ? 120 LEU A N   1 
ATOM   546  C CA  . LEU A 1 74  ? -7.638  7.315   2.016   0.33 13.35 ? 120 LEU A CA  1 
ATOM   547  C C   . LEU A 1 74  ? -7.944  5.917   2.514   0.33 14.20 ? 120 LEU A C   1 
ATOM   548  O O   . LEU A 1 74  ? -8.041  4.949   1.733   0.33 13.63 ? 120 LEU A O   1 
ATOM   549  C CB  . LEU A 1 74  ? -8.814  7.894   1.240   0.33 15.39 ? 120 LEU A CB  1 
ATOM   550  C CG  . LEU A 1 74  ? -8.578  9.269   0.609   0.33 18.78 ? 120 LEU A CG  1 
ATOM   551  C CD1 . LEU A 1 74  ? -9.569  9.515   -0.577  0.33 21.35 ? 120 LEU A CD1 1 
ATOM   552  C CD2 . LEU A 1 74  ? -8.580  10.449  1.574   0.33 25.81 ? 120 LEU A CD2 1 
ATOM   553  N N   . PHE A 1 75  ? -8.060  5.798   3.829   0.33 14.95 ? 121 PHE A N   1 
ATOM   554  C CA  . PHE A 1 75  ? -8.321  4.506   4.491   0.33 16.22 ? 121 PHE A CA  1 
ATOM   555  C C   . PHE A 1 75  ? -9.807  4.474   4.914   0.33 15.58 ? 121 PHE A C   1 
ATOM   556  O O   . PHE A 1 75  ? -10.246 5.227   5.796   0.33 17.04 ? 121 PHE A O   1 
ATOM   557  C CB  . PHE A 1 75  ? -7.421  4.374   5.719   0.33 15.91 ? 121 PHE A CB  1 
ATOM   558  C CG  . PHE A 1 75  ? -5.992  3.965   5.409   0.33 17.51 ? 121 PHE A CG  1 
ATOM   559  C CD1 . PHE A 1 75  ? -5.101  4.815   4.782   0.33 16.83 ? 121 PHE A CD1 1 
ATOM   560  C CD2 . PHE A 1 75  ? -5.540  2.732   5.779   0.33 17.73 ? 121 PHE A CD2 1 
ATOM   561  C CE1 . PHE A 1 75  ? -3.734  4.416   4.518   0.33 19.27 ? 121 PHE A CE1 1 
ATOM   562  C CE2 . PHE A 1 75  ? -4.247  2.321   5.528   0.33 18.75 ? 121 PHE A CE2 1 
ATOM   563  C CZ  . PHE A 1 75  ? -3.326  3.167   4.911   0.33 15.38 ? 121 PHE A CZ  1 
ATOM   564  N N   . TYR A 1 76  ? -10.565 3.578   4.317   0.33 16.08 ? 122 TYR A N   1 
ATOM   565  C CA  . TYR A 1 76  ? -12.003 3.532   4.588   0.33 16.71 ? 122 TYR A CA  1 
ATOM   566  C C   . TYR A 1 76  ? -12.168 2.522   5.688   0.33 18.08 ? 122 TYR A C   1 
ATOM   567  O O   . TYR A 1 76  ? -11.228 1.717   5.927   0.33 21.74 ? 122 TYR A O   1 
ATOM   568  C CB  . TYR A 1 76  ? -12.709 3.138   3.292   0.33 16.80 ? 122 TYR A CB  1 
ATOM   569  C CG  . TYR A 1 76  ? -12.759 4.264   2.250   0.33 18.03 ? 122 TYR A CG  1 
ATOM   570  C CD1 . TYR A 1 76  ? -13.785 5.238   2.284   0.33 14.67 ? 122 TYR A CD1 1 
ATOM   571  C CD2 . TYR A 1 76  ? -11.805 4.364   1.217   0.33 16.63 ? 122 TYR A CD2 1 
ATOM   572  C CE1 . TYR A 1 76  ? -13.863 6.240   1.339   0.33 21.16 ? 122 TYR A CE1 1 
ATOM   573  C CE2 . TYR A 1 76  ? -11.881 5.384   0.286   0.33 14.83 ? 122 TYR A CE2 1 
ATOM   574  C CZ  . TYR A 1 76  ? -12.896 6.343   0.358   0.33 17.61 ? 122 TYR A CZ  1 
ATOM   575  O OH  . TYR A 1 76  ? -12.952 7.318   -0.604  0.33 23.07 ? 122 TYR A OH  1 
ATOM   576  N N   . SER A 1 77  ? -13.278 2.565   6.429   0.33 18.97 ? 123 SER A N   1 
ATOM   577  C CA  . SER A 1 77  ? -13.516 1.562   7.465   0.33 21.42 ? 123 SER A CA  1 
ATOM   578  C C   . SER A 1 77  ? -13.851 0.176   6.959   0.33 21.14 ? 123 SER A C   1 
ATOM   579  O O   . SER A 1 77  ? -13.872 -0.765  7.764   0.33 22.05 ? 123 SER A O   1 
ATOM   580  C CB  . SER A 1 77  ? -14.612 1.973   8.445   0.33 21.01 ? 123 SER A CB  1 
ATOM   581  O OG  . SER A 1 77  ? -14.189 3.055   9.258   0.33 28.54 ? 123 SER A OG  1 
ATOM   582  N N   . ASN A 1 78  ? -14.081 0.028   5.646   0.33 20.17 ? 124 ASN A N   1 
ATOM   583  C CA  . ASN A 1 78  ? -14.368 -1.311  5.108   0.33 17.98 ? 124 ASN A CA  1 
ATOM   584  C C   . ASN A 1 78  ? -13.139 -2.085  4.591   0.33 17.83 ? 124 ASN A C   1 
ATOM   585  O O   . ASN A 1 78  ? -13.251 -3.261  4.129   0.33 14.92 ? 124 ASN A O   1 
ATOM   586  C CB  . ASN A 1 78  ? -15.414 -1.205  4.030   0.33 19.35 ? 124 ASN A CB  1 
ATOM   587  C CG  . ASN A 1 78  ? -14.858 -0.633  2.768   0.33 16.99 ? 124 ASN A CG  1 
ATOM   588  O OD1 . ASN A 1 78  ? -15.404 -0.861  1.673   0.33 24.55 ? 124 ASN A OD1 1 
ATOM   589  N ND2 . ASN A 1 78  ? -13.770 0.142   2.894   0.33 15.61 ? 124 ASN A ND2 1 
ATOM   590  N N   . GLY A 1 79  ? -11.987 -1.379  4.633   0.33 15.16 ? 125 GLY A N   1 
ATOM   591  C CA  . GLY A 1 79  ? -10.650 -1.938  4.475   0.33 16.90 ? 125 GLY A CA  1 
ATOM   592  C C   . GLY A 1 79  ? -10.066 -1.458  3.155   0.33 15.17 ? 125 GLY A C   1 
ATOM   593  O O   . GLY A 1 79  ? -8.972  -1.830  2.756   0.33 15.18 ? 125 GLY A O   1 
ATOM   594  N N   . TYR A 1 80  ? -10.805 -0.619  2.442   0.33 14.80 ? 126 TYR A N   1 
ATOM   595  C CA  . TYR A 1 80  ? -10.292 -0.171  1.157   0.33 15.40 ? 126 TYR A CA  1 
ATOM   596  C C   . TYR A 1 80  ? -9.192  0.818   1.448   0.33 15.25 ? 126 TYR A C   1 
ATOM   597  O O   . TYR A 1 80  ? -9.265  1.546   2.416   0.33 16.10 ? 126 TYR A O   1 
ATOM   598  C CB  . TYR A 1 80  ? -11.419 0.477   0.314   0.33 16.52 ? 126 TYR A CB  1 
ATOM   599  C CG  . TYR A 1 80  ? -12.389 -0.414  -0.476  0.33 19.60 ? 126 TYR A CG  1 
ATOM   600  C CD1 . TYR A 1 80  ? -11.976 -1.611  -1.059  0.33 21.32 ? 126 TYR A CD1 1 
ATOM   601  C CD2 . TYR A 1 80  ? -13.724 -0.024  -0.710  0.33 24.76 ? 126 TYR A CD2 1 
ATOM   602  C CE1 . TYR A 1 80  ? -12.876 -2.397  -1.849  0.33 20.00 ? 126 TYR A CE1 1 
ATOM   603  C CE2 . TYR A 1 80  ? -14.619 -0.839  -1.477  0.33 22.06 ? 126 TYR A CE2 1 
ATOM   604  C CZ  . TYR A 1 80  ? -14.176 -2.017  -1.986  0.33 16.62 ? 126 TYR A CZ  1 
ATOM   605  O OH  . TYR A 1 80  ? -14.962 -2.787  -2.776  0.33 19.93 ? 126 TYR A OH  1 
ATOM   606  N N   . ILE A 1 81  ? -8.170  0.880   0.581   0.33 13.75 ? 127 ILE A N   1 
ATOM   607  C CA  . ILE A 1 81  ? -7.116  1.899   0.680   0.33 14.02 ? 127 ILE A CA  1 
ATOM   608  C C   . ILE A 1 81  ? -7.076  2.541   -0.697  0.33 12.43 ? 127 ILE A C   1 
ATOM   609  O O   . ILE A 1 81  ? -6.654  1.925   -1.702  0.33 13.44 ? 127 ILE A O   1 
ATOM   610  C CB  . ILE A 1 81  ? -5.724  1.258   1.092   0.33 12.23 ? 127 ILE A CB  1 
ATOM   611  C CG1 . ILE A 1 81  ? -5.911  0.502   2.407   0.33 14.19 ? 127 ILE A CG1 1 
ATOM   612  C CG2 . ILE A 1 81  ? -4.607  2.314   1.159   0.33 12.79 ? 127 ILE A CG2 1 
ATOM   613  C CD1 . ILE A 1 81  ? -4.651  -0.119  2.978   0.33 12.32 ? 127 ILE A CD1 1 
ATOM   614  N N   . GLN A 1 82  ? -7.556  3.788   -0.759  0.33 12.16 ? 128 GLN A N   1 
ATOM   615  C CA  . GLN A 1 82  ? -7.888  4.432   -2.021  0.33 12.30 ? 128 GLN A CA  1 
ATOM   616  C C   . GLN A 1 82  ? -6.896  5.522   -2.356  0.33 12.06 ? 128 GLN A C   1 
ATOM   617  O O   . GLN A 1 82  ? -6.565  6.318   -1.485  0.33 12.66 ? 128 GLN A O   1 
ATOM   618  C CB  . GLN A 1 82  ? -9.308  5.056   -1.974  0.33 10.63 ? 128 GLN A CB  1 
ATOM   619  C CG  . GLN A 1 82  ? -9.800  5.251   -3.379  0.33 12.50 ? 128 GLN A CG  1 
ATOM   620  C CD  . GLN A 1 82  ? -11.097 6.062   -3.463  0.33 14.88 ? 128 GLN A CD  1 
ATOM   621  O OE1 . GLN A 1 82  ? -11.553 6.649   -2.466  0.33 17.64 ? 128 GLN A OE1 1 
ATOM   622  N NE2 . GLN A 1 82  ? -11.692 6.083   -4.652  0.33 15.49 ? 128 GLN A NE2 1 
ATOM   623  N N   . ASN A 1 83  ? -6.392  5.497   -3.591  0.33 12.48 ? 129 ASN A N   1 
ATOM   624  C CA  . ASN A 1 83  ? -5.493  6.552   -4.107  0.33 11.89 ? 129 ASN A CA  1 
ATOM   625  C C   . ASN A 1 83  ? -6.252  7.791   -4.591  0.33 13.00 ? 129 ASN A C   1 
ATOM   626  O O   . ASN A 1 83  ? -7.022  7.782   -5.587  0.33 11.56 ? 129 ASN A O   1 
ATOM   627  C CB  . ASN A 1 83  ? -4.627  6.005   -5.246  0.33 10.78 ? 129 ASN A CB  1 
ATOM   628  C CG  . ASN A 1 83  ? -3.484  6.922   -5.574  0.33 9.34  ? 129 ASN A CG  1 
ATOM   629  O OD1 . ASN A 1 83  ? -3.658  7.927   -6.288  0.33 12.23 ? 129 ASN A OD1 1 
ATOM   630  N ND2 . ASN A 1 83  ? -2.308  6.604   -5.057  0.33 13.74 ? 129 ASN A ND2 1 
ATOM   631  N N   . VAL A 1 84  ? -5.967  8.894   -3.902  0.33 12.45 ? 130 VAL A N   1 
ATOM   632  C CA  . VAL A 1 84  ? -6.676  10.152  -4.096  0.33 13.20 ? 130 VAL A CA  1 
ATOM   633  C C   . VAL A 1 84  ? -6.639  10.541  -5.588  0.33 11.36 ? 130 VAL A C   1 
ATOM   634  O O   . VAL A 1 84  ? -7.644  11.023  -6.088  0.33 12.05 ? 130 VAL A O   1 
ATOM   635  C CB  . VAL A 1 84  ? -6.022  11.232  -3.152  0.33 13.02 ? 130 VAL A CB  1 
ATOM   636  C CG1 . VAL A 1 84  ? -6.387  12.617  -3.486  0.33 15.17 ? 130 VAL A CG1 1 
ATOM   637  C CG2 . VAL A 1 84  ? -6.262  10.897  -1.670  0.33 10.85 ? 130 VAL A CG2 1 
ATOM   638  N N   . GLU A 1 85  ? -5.503  10.395  -6.278  0.33 13.90 ? 131 GLU A N   1 
ATOM   639  C CA  . GLU A 1 85  ? -5.422  10.871  -7.669  0.33 14.12 ? 131 GLU A CA  1 
ATOM   640  C C   . GLU A 1 85  ? -6.215  10.013  -8.617  0.33 15.00 ? 131 GLU A C   1 
ATOM   641  O O   . GLU A 1 85  ? -7.109  10.472  -9.331  0.33 17.10 ? 131 GLU A O   1 
ATOM   642  C CB  . GLU A 1 85  ? -3.963  10.879  -8.114  0.33 15.02 ? 131 GLU A CB  1 
ATOM   643  C CG  . GLU A 1 85  ? -3.764  11.330  -9.563  0.33 15.80 ? 131 GLU A CG  1 
ATOM   644  C CD  . GLU A 1 85  ? -4.292  12.733  -9.839  0.33 16.80 ? 131 GLU A CD  1 
ATOM   645  O OE1 . GLU A 1 85  ? -4.015  13.658  -9.062  0.33 17.42 ? 131 GLU A OE1 1 
ATOM   646  O OE2 . GLU A 1 85  ? -4.949  12.851  -10.913 0.33 18.76 ? 131 GLU A OE2 1 
ATOM   647  N N   . THR A 1 86  ? -5.872  8.724   -8.648  0.33 15.57 ? 132 THR A N   1 
ATOM   648  C CA  . THR A 1 86  ? -6.521  7.847   -9.618  0.33 14.77 ? 132 THR A CA  1 
ATOM   649  C C   . THR A 1 86  ? -7.879  7.296   -9.194  0.33 14.97 ? 132 THR A C   1 
ATOM   650  O O   . THR A 1 86  ? -8.676  6.912   -10.058 0.33 15.37 ? 132 THR A O   1 
ATOM   651  C CB  . THR A 1 86  ? -5.617  6.622   -9.974  0.33 15.55 ? 132 THR A CB  1 
ATOM   652  O OG1 . THR A 1 86  ? -5.581  5.725   -8.859  0.33 14.15 ? 132 THR A OG1 1 
ATOM   653  C CG2 . THR A 1 86  ? -4.172  7.053   -10.423 0.33 14.89 ? 132 THR A CG2 1 
ATOM   654  N N   . GLY A 1 87  ? -8.116  7.176   -7.888  0.33 15.07 ? 133 GLY A N   1 
ATOM   655  C CA  . GLY A 1 87  ? -9.337  6.583   -7.380  0.33 14.32 ? 133 GLY A CA  1 
ATOM   656  C C   . GLY A 1 87  ? -9.281  5.069   -7.300  0.33 13.79 ? 133 GLY A C   1 
ATOM   657  O O   . GLY A 1 87  ? -10.167 4.423   -6.763  0.33 15.30 ? 133 GLY A O   1 
ATOM   658  N N   . ARG A 1 88  ? -8.217  4.497   -7.852  0.33 13.25 ? 134 ARG A N   1 
ATOM   659  C CA  . ARG A 1 88  ? -8.042  3.062   -7.824  0.33 13.78 ? 134 ARG A CA  1 
ATOM   660  C C   . ARG A 1 88  ? -7.541  2.599   -6.472  0.33 13.51 ? 134 ARG A C   1 
ATOM   661  O O   . ARG A 1 88  ? -6.839  3.293   -5.719  0.33 14.99 ? 134 ARG A O   1 
ATOM   662  C CB  . ARG A 1 88  ? -7.020  2.610   -8.878  0.33 12.48 ? 134 ARG A CB  1 
ATOM   663  C CG  . ARG A 1 88  ? -7.405  2.927   -10.352 0.33 8.48  ? 134 ARG A CG  1 
ATOM   664  C CD  . ARG A 1 88  ? -6.181  2.975   -11.243 0.33 14.00 ? 134 ARG A CD  1 
ATOM   665  N NE  . ARG A 1 88  ? -5.643  1.652   -11.517 0.33 15.23 ? 134 ARG A NE  1 
ATOM   666  C CZ  . ARG A 1 88  ? -5.969  0.905   -12.586 0.33 12.77 ? 134 ARG A CZ  1 
ATOM   667  N NH1 . ARG A 1 88  ? -6.879  1.315   -13.514 0.33 13.18 ? 134 ARG A NH1 1 
ATOM   668  N NH2 . ARG A 1 88  ? -5.409  -0.292  -12.711 0.33 12.86 ? 134 ARG A NH2 1 
ATOM   669  N N   . VAL A 1 89  ? -7.900  1.357   -6.177  0.33 14.93 ? 135 VAL A N   1 
ATOM   670  C CA  . VAL A 1 89  ? -7.786  0.794   -4.864  0.33 14.75 ? 135 VAL A CA  1 
ATOM   671  C C   . VAL A 1 89  ? -6.566  -0.151  -4.768  0.33 14.56 ? 135 VAL A C   1 
ATOM   672  O O   . VAL A 1 89  ? -6.263  -0.895  -5.695  0.33 12.86 ? 135 VAL A O   1 
ATOM   673  C CB  . VAL A 1 89  ? -9.137  0.029   -4.715  0.33 15.05 ? 135 VAL A CB  1 
ATOM   674  C CG1 . VAL A 1 89  ? -9.015  -1.344  -4.270  0.33 16.56 ? 135 VAL A CG1 1 
ATOM   675  C CG2 . VAL A 1 89  ? -10.196 0.964   -3.984  0.33 15.99 ? 135 VAL A CG2 1 
ATOM   676  N N   . LEU A 1 90  ? -5.857  -0.091  -3.645  0.33 13.94 ? 136 LEU A N   1 
ATOM   677  C CA  . LEU A 1 90  ? -4.675  -0.961  -3.439  0.33 15.07 ? 136 LEU A CA  1 
ATOM   678  C C   . LEU A 1 90  ? -5.079  -2.443  -3.459  0.33 15.75 ? 136 LEU A C   1 
ATOM   679  O O   . LEU A 1 90  ? -6.046  -2.847  -2.814  0.33 15.54 ? 136 LEU A O   1 
ATOM   680  C CB  . LEU A 1 90  ? -4.000  -0.614  -2.108  0.33 14.02 ? 136 LEU A CB  1 
ATOM   681  C CG  . LEU A 1 90  ? -2.626  -1.269  -1.873  0.33 11.38 ? 136 LEU A CG  1 
ATOM   682  C CD1 . LEU A 1 90  ? -1.537  -0.761  -2.851  0.33 11.45 ? 136 LEU A CD1 1 
ATOM   683  C CD2 . LEU A 1 90  ? -2.105  -1.105  -0.422  0.33 7.17  ? 136 LEU A CD2 1 
ATOM   684  N N   . ASP A 1 91  ? -4.309  -3.261  -4.182  0.33 16.16 ? 137 ASP A N   1 
ATOM   685  C CA  . ASP A 1 91  ? -4.724  -4.629  -4.464  0.33 16.78 ? 137 ASP A CA  1 
ATOM   686  C C   . ASP A 1 91  ? -3.494  -5.520  -4.439  0.33 16.72 ? 137 ASP A C   1 
ATOM   687  O O   . ASP A 1 91  ? -2.367  -5.029  -4.546  0.33 17.13 ? 137 ASP A O   1 
ATOM   688  C CB  . ASP A 1 91  ? -5.326  -4.634  -5.876  0.33 17.19 ? 137 ASP A CB  1 
ATOM   689  C CG  . ASP A 1 91  ? -6.462  -5.616  -6.042  0.33 19.11 ? 137 ASP A CG  1 
ATOM   690  O OD1 . ASP A 1 91  ? -6.489  -6.688  -5.383  0.33 21.64 ? 137 ASP A OD1 1 
ATOM   691  O OD2 . ASP A 1 91  ? -7.352  -5.349  -6.898  0.33 19.03 ? 137 ASP A OD2 1 
ATOM   692  N N   . SER A 1 92  ? -3.682  -6.828  -4.308  0.33 16.49 ? 138 SER A N   1 
ATOM   693  C CA  . SER A 1 92  ? -2.528  -7.717  -4.392  0.33 16.64 ? 138 SER A CA  1 
ATOM   694  C C   . SER A 1 92  ? -3.034  -9.103  -4.722  0.33 16.78 ? 138 SER A C   1 
ATOM   695  O O   . SER A 1 92  ? -4.265  -9.336  -4.703  0.33 17.48 ? 138 SER A O   1 
ATOM   696  C CB  . SER A 1 92  ? -1.754  -7.741  -3.081  0.33 16.62 ? 138 SER A CB  1 
ATOM   697  O OG  . SER A 1 92  ? -2.562  -8.240  -2.028  0.33 18.20 ? 138 SER A OG  1 
ATOM   698  N N   . ASN A 1 93  ? -2.104  -9.992  -5.063  0.33 17.54 ? 139 ASN A N   1 
ATOM   699  C CA  . ASN A 1 93  ? -2.484  -11.354 -5.454  0.33 18.22 ? 139 ASN A CA  1 
ATOM   700  C C   . ASN A 1 93  ? -1.687  -12.377 -4.605  0.33 18.39 ? 139 ASN A C   1 
ATOM   701  O O   . ASN A 1 93  ? -0.685  -11.994 -4.023  0.33 19.53 ? 139 ASN A O   1 
ATOM   702  C CB  . ASN A 1 93  ? -2.264  -11.521 -6.970  0.33 18.79 ? 139 ASN A CB  1 
ATOM   703  C CG  . ASN A 1 93  ? -0.768  -11.490 -7.379  0.33 17.94 ? 139 ASN A CG  1 
ATOM   704  O OD1 . ASN A 1 93  ? 0.107   -11.487 -6.536  0.33 17.89 ? 139 ASN A OD1 1 
ATOM   705  N ND2 . ASN A 1 93  ? -0.504  -11.493 -8.667  0.33 19.64 ? 139 ASN A ND2 1 
ATOM   706  N N   . TYR A 1 94  ? -2.130  -13.650 -4.481  0.33 19.22 ? 140 TYR A N   1 
ATOM   707  C CA  . TYR A 1 94  ? -1.376  -14.628 -3.617  0.33 19.67 ? 140 TYR A CA  1 
ATOM   708  C C   . TYR A 1 94  ? 0.113   -14.766 -3.924  0.33 19.67 ? 140 TYR A C   1 
ATOM   709  O O   . TYR A 1 94  ? 0.885   -15.119 -3.035  0.33 20.41 ? 140 TYR A O   1 
ATOM   710  C CB  . TYR A 1 94  ? -1.986  -16.039 -3.614  0.33 19.99 ? 140 TYR A CB  1 
ATOM   711  C CG  . TYR A 1 94  ? -3.130  -16.232 -2.635  0.33 19.93 ? 140 TYR A CG  1 
ATOM   712  C CD1 . TYR A 1 94  ? -2.884  -16.442 -1.275  0.33 19.75 ? 140 TYR A CD1 1 
ATOM   713  C CD2 . TYR A 1 94  ? -4.451  -16.211 -3.066  0.33 18.61 ? 140 TYR A CD2 1 
ATOM   714  C CE1 . TYR A 1 94  ? -3.941  -16.642 -0.393  0.33 23.55 ? 140 TYR A CE1 1 
ATOM   715  C CE2 . TYR A 1 94  ? -5.507  -16.389 -2.179  0.33 20.59 ? 140 TYR A CE2 1 
ATOM   716  C CZ  . TYR A 1 94  ? -5.232  -16.589 -0.848  0.33 20.87 ? 140 TYR A CZ  1 
ATOM   717  O OH  . TYR A 1 94  ? -6.275  -16.788 0.026   0.33 24.68 ? 140 TYR A OH  1 
ATOM   718  N N   . ASN A 1 95  ? 0.519   -14.452 -5.156  0.33 20.57 ? 141 ASN A N   1 
ATOM   719  C CA  . ASN A 1 95  ? 1.934   -14.467 -5.528  0.33 19.54 ? 141 ASN A CA  1 
ATOM   720  C C   . ASN A 1 95  ? 2.748   -13.322 -4.859  0.33 19.05 ? 141 ASN A C   1 
ATOM   721  O O   . ASN A 1 95  ? 3.983   -13.375 -4.739  0.33 20.61 ? 141 ASN A O   1 
ATOM   722  C CB  . ASN A 1 95  ? 2.085   -14.470 -7.064  0.33 19.97 ? 141 ASN A CB  1 
ATOM   723  C CG  . ASN A 1 95  ? 1.986   -15.885 -7.650  0.33 23.97 ? 141 ASN A CG  1 
ATOM   724  O OD1 . ASN A 1 95  ? 2.544   -16.849 -7.096  0.33 26.89 ? 141 ASN A OD1 1 
ATOM   725  N ND2 . ASN A 1 95  ? 1.227   -16.016 -8.741  0.33 27.57 ? 141 ASN A ND2 1 
ATOM   726  N N   . GLY A 1 96  ? 2.019   -12.321 -4.349  0.33 17.89 ? 142 GLY A N   1 
ATOM   727  C CA  . GLY A 1 96  ? 2.626   -11.180 -3.658  0.33 16.87 ? 142 GLY A CA  1 
ATOM   728  C C   . GLY A 1 96  ? 2.819   -10.020 -4.613  0.33 16.66 ? 142 GLY A C   1 
ATOM   729  O O   . GLY A 1 96  ? 3.571   -9.098  -4.311  0.33 17.81 ? 142 GLY A O   1 
ATOM   730  N N   . ASN A 1 97  ? 2.143   -10.042 -5.771  0.33 15.64 ? 143 ASN A N   1 
ATOM   731  C CA  . ASN A 1 97  ? 2.076   -8.810  -6.576  0.33 14.80 ? 143 ASN A CA  1 
ATOM   732  C C   . ASN A 1 97  ? 1.287   -7.728  -5.837  0.33 14.54 ? 143 ASN A C   1 
ATOM   733  O O   . ASN A 1 97  ? 0.315   -8.060  -5.181  0.33 14.33 ? 143 ASN A O   1 
ATOM   734  C CB  . ASN A 1 97  ? 1.361   -9.019  -7.947  0.33 13.55 ? 143 ASN A CB  1 
ATOM   735  C CG  . ASN A 1 97  ? 2.165   -9.839  -8.884  0.33 18.54 ? 143 ASN A CG  1 
ATOM   736  O OD1 . ASN A 1 97  ? 1.795   -10.954 -9.159  0.33 16.27 ? 143 ASN A OD1 1 
ATOM   737  N ND2 . ASN A 1 97  ? 3.291   -9.315  -9.350  0.33 20.45 ? 143 ASN A ND2 1 
ATOM   738  N N   . VAL A 1 98  ? 1.761   -6.471  -5.930  0.33 12.70 ? 144 VAL A N   1 
ATOM   739  C CA  . VAL A 1 98  ? 0.981   -5.275  -5.456  0.33 11.41 ? 144 VAL A CA  1 
ATOM   740  C C   . VAL A 1 98  ? 0.804   -4.380  -6.677  0.33 11.70 ? 144 VAL A C   1 
ATOM   741  O O   . VAL A 1 98  ? 1.744   -4.160  -7.480  0.33 12.39 ? 144 VAL A O   1 
ATOM   742  C CB  . VAL A 1 98  ? 1.695   -4.477  -4.335  0.33 11.10 ? 144 VAL A CB  1 
ATOM   743  C CG1 . VAL A 1 98  ? 0.916   -3.183  -3.961  0.33 11.64 ? 144 VAL A CG1 1 
ATOM   744  C CG2 . VAL A 1 98  ? 1.887   -5.381  -3.073  0.33 8.74  ? 144 VAL A CG2 1 
ATOM   745  N N   . TYR A 1 99  ? -0.408  -3.840  -6.825  0.33 11.83 ? 145 TYR A N   1 
ATOM   746  C CA  . TYR A 1 99  ? -0.731  -3.025  -8.027  0.33 11.27 ? 145 TYR A CA  1 
ATOM   747  C C   . TYR A 1 99  ? -2.038  -2.337  -7.690  0.33 11.60 ? 145 TYR A C   1 
ATOM   748  O O   . TYR A 1 99  ? -2.548  -2.518  -6.568  0.33 12.73 ? 145 TYR A O   1 
ATOM   749  C CB  . TYR A 1 99  ? -0.915  -3.950  -9.250  0.33 10.97 ? 145 TYR A CB  1 
ATOM   750  C CG  . TYR A 1 99  ? -1.649  -5.257  -8.899  0.33 11.05 ? 145 TYR A CG  1 
ATOM   751  C CD1 . TYR A 1 99  ? -3.042  -5.336  -8.912  0.33 10.72 ? 145 TYR A CD1 1 
ATOM   752  C CD2 . TYR A 1 99  ? -0.927  -6.433  -8.563  0.33 8.86  ? 145 TYR A CD2 1 
ATOM   753  C CE1 . TYR A 1 99  ? -3.689  -6.530  -8.588  0.33 11.92 ? 145 TYR A CE1 1 
ATOM   754  C CE2 . TYR A 1 99  ? -1.578  -7.640  -8.273  0.33 10.78 ? 145 TYR A CE2 1 
ATOM   755  C CZ  . TYR A 1 99  ? -2.953  -7.657  -8.271  0.33 10.76 ? 145 TYR A CZ  1 
ATOM   756  O OH  . TYR A 1 99  ? -3.584  -8.833  -7.966  0.33 13.21 ? 145 TYR A OH  1 
ATOM   757  N N   . THR A 1 100 ? -2.580  -1.529  -8.616  0.33 9.73  ? 146 THR A N   1 
ATOM   758  C CA  . THR A 1 100 ? -3.868  -0.958  -8.303  0.33 11.30 ? 146 THR A CA  1 
ATOM   759  C C   . THR A 1 100 ? -4.849  -1.339  -9.396  0.33 11.66 ? 146 THR A C   1 
ATOM   760  O O   . THR A 1 100 ? -4.496  -1.498  -10.589 0.33 11.61 ? 146 THR A O   1 
ATOM   761  C CB  . THR A 1 100 ? -3.861  0.564   -8.124  0.33 12.25 ? 146 THR A CB  1 
ATOM   762  O OG1 . THR A 1 100 ? -3.796  1.227   -9.391  0.33 15.16 ? 146 THR A OG1 1 
ATOM   763  C CG2 . THR A 1 100 ? -2.715  1.056   -7.201  0.33 13.37 ? 146 THR A CG2 1 
ATOM   764  N N   . LEU A 1 101 ? -6.113  -1.445  -8.997  0.33 10.26 ? 147 LEU A N   1 
ATOM   765  C CA  . LEU A 1 101 ? -7.173  -1.724  -9.981  0.33 9.20  ? 147 LEU A CA  1 
ATOM   766  C C   . LEU A 1 101 ? -8.430  -0.987  -9.574  0.33 9.90  ? 147 LEU A C   1 
ATOM   767  O O   . LEU A 1 101 ? -8.640  -0.746  -8.391  0.33 13.15 ? 147 LEU A O   1 
ATOM   768  C CB  . LEU A 1 101 ? -7.500  -3.233  -9.947  0.33 9.26  ? 147 LEU A CB  1 
ATOM   769  C CG  . LEU A 1 101 ? -6.497  -4.118  -10.705 0.33 9.40  ? 147 LEU A CG  1 
ATOM   770  C CD1 . LEU A 1 101 ? -6.818  -5.600  -10.490 0.33 8.26  ? 147 LEU A CD1 1 
ATOM   771  C CD2 . LEU A 1 101 ? -6.601  -3.752  -12.164 0.33 13.96 ? 147 LEU A CD2 1 
ATOM   772  N N   . PRO A 1 102 ? -9.316  -0.741  -10.535 0.33 10.02 ? 148 PRO A N   1 
ATOM   773  C CA  . PRO A 1 102 ? -10.696 -0.302  -10.189 0.33 11.11 ? 148 PRO A CA  1 
ATOM   774  C C   . PRO A 1 102 ? -11.325 -1.129  -9.050  0.33 11.30 ? 148 PRO A C   1 
ATOM   775  O O   . PRO A 1 102 ? -11.143 -2.369  -9.006  0.33 10.92 ? 148 PRO A O   1 
ATOM   776  C CB  . PRO A 1 102 ? -11.482 -0.541  -11.466 0.33 12.29 ? 148 PRO A CB  1 
ATOM   777  C CG  . PRO A 1 102 ? -10.456 -0.370  -12.562 0.33 12.63 ? 148 PRO A CG  1 
ATOM   778  C CD  . PRO A 1 102 ? -9.162  -1.018  -11.965 0.33 10.18 ? 148 PRO A CD  1 
ATOM   779  N N   . ALA A 1 103 ? -12.030 -0.439  -8.141  0.33 12.51 ? 149 ALA A N   1 
ATOM   780  C CA  . ALA A 1 103 ? -12.697 -1.097  -7.057  0.33 12.09 ? 149 ALA A CA  1 
ATOM   781  C C   . ALA A 1 103 ? -13.622 -2.111  -7.666  0.33 12.61 ? 149 ALA A C   1 
ATOM   782  O O   . ALA A 1 103 ? -14.487 -1.826  -8.529  0.33 11.92 ? 149 ALA A O   1 
ATOM   783  C CB  . ALA A 1 103 ? -13.513 -0.082  -6.219  0.33 10.95 ? 149 ALA A CB  1 
ATOM   784  N N   . ASN A 1 104 ? -13.457 -3.326  -7.200  0.33 12.73 ? 150 ASN A N   1 
ATOM   785  C CA  . ASN A 1 104 ? -14.289 -4.387  -7.699  0.33 12.10 ? 150 ASN A CA  1 
ATOM   786  C C   . ASN A 1 104 ? -14.973 -5.232  -6.615  0.33 11.20 ? 150 ASN A C   1 
ATOM   787  O O   . ASN A 1 104 ? -15.660 -6.191  -6.961  0.33 11.44 ? 150 ASN A O   1 
ATOM   788  C CB  . ASN A 1 104 ? -13.485 -5.294  -8.656  0.33 11.80 ? 150 ASN A CB  1 
ATOM   789  C CG  . ASN A 1 104 ? -12.260 -5.877  -7.973  0.33 13.79 ? 150 ASN A CG  1 
ATOM   790  O OD1 . ASN A 1 104 ? -12.328 -6.205  -6.789  0.33 12.55 ? 150 ASN A OD1 1 
ATOM   791  N ND2 . ASN A 1 104 ? -11.153 -6.032  -8.698  0.33 11.55 ? 150 ASN A ND2 1 
ATOM   792  N N   . GLY A 1 105 ? -14.901 -4.810  -5.339  0.33 11.91 ? 151 GLY A N   1 
ATOM   793  C CA  . GLY A 1 105 ? -15.615 -5.516  -4.262  0.33 10.28 ? 151 GLY A CA  1 
ATOM   794  C C   . GLY A 1 105 ? -14.830 -6.703  -3.720  0.33 9.08  ? 151 GLY A C   1 
ATOM   795  O O   . GLY A 1 105 ? -15.271 -7.310  -2.750  0.33 10.92 ? 151 GLY A O   1 
ATOM   796  N N   . GLY A 1 106 ? -13.684 -7.031  -4.328  0.33 9.54  ? 152 GLY A N   1 
ATOM   797  C CA  . GLY A 1 106 ? -12.902 -8.227  -3.986  0.33 10.10 ? 152 GLY A CA  1 
ATOM   798  C C   . GLY A 1 106 ? -12.156 -8.196  -2.671  0.33 10.73 ? 152 GLY A C   1 
ATOM   799  O O   . GLY A 1 106 ? -11.827 -7.081  -2.172  0.33 13.31 ? 152 GLY A O   1 
ATOM   800  N N   . ASN A 1 107 ? -11.883 -9.394  -2.121  0.33 10.30 ? 153 ASN A N   1 
ATOM   801  C CA  . ASN A 1 107 ? -11.168 -9.455  -0.851  0.33 12.43 ? 153 ASN A CA  1 
ATOM   802  C C   . ASN A 1 107 ? -9.680  -9.131  -1.006  0.33 12.54 ? 153 ASN A C   1 
ATOM   803  O O   . ASN A 1 107 ? -8.994  -8.835  -0.002  0.33 12.64 ? 153 ASN A O   1 
ATOM   804  C CB  . ASN A 1 107 ? -11.321 -10.840 -0.232  0.33 14.03 ? 153 ASN A CB  1 
ATOM   805  C CG  . ASN A 1 107 ? -12.629 -11.025 0.476   0.33 17.79 ? 153 ASN A CG  1 
ATOM   806  O OD1 . ASN A 1 107 ? -13.272 -10.064 1.053   0.33 15.88 ? 153 ASN A OD1 1 
ATOM   807  N ND2 . ASN A 1 107 ? -13.028 -12.282 0.514   0.33 17.45 ? 153 ASN A ND2 1 
ATOM   808  N N   . TYR A 1 108 ? -9.189  -9.249  -2.244  0.33 11.47 ? 154 TYR A N   1 
ATOM   809  C CA  . TYR A 1 108 ? -7.770  -8.952  -2.490  0.33 12.18 ? 154 TYR A CA  1 
ATOM   810  C C   . TYR A 1 108 ? -7.507  -7.489  -2.379  0.33 9.67  ? 154 TYR A C   1 
ATOM   811  O O   . TYR A 1 108 ? -6.357  -7.049  -2.378  0.33 8.00  ? 154 TYR A O   1 
ATOM   812  C CB  . TYR A 1 108 ? -7.385  -9.325  -3.924  0.33 10.35 ? 154 TYR A CB  1 
ATOM   813  C CG  . TYR A 1 108 ? -7.343  -10.782 -4.278  0.33 13.37 ? 154 TYR A CG  1 
ATOM   814  C CD1 . TYR A 1 108 ? -8.497  -11.446 -4.727  0.33 14.82 ? 154 TYR A CD1 1 
ATOM   815  C CD2 . TYR A 1 108 ? -6.154  -11.477 -4.257  0.33 16.29 ? 154 TYR A CD2 1 
ATOM   816  C CE1 . TYR A 1 108 ? -8.445  -12.792 -5.120  0.33 10.95 ? 154 TYR A CE1 1 
ATOM   817  C CE2 . TYR A 1 108 ? -6.091  -12.787 -4.634  0.33 13.75 ? 154 TYR A CE2 1 
ATOM   818  C CZ  . TYR A 1 108 ? -7.248  -13.438 -5.086  0.33 12.24 ? 154 TYR A CZ  1 
ATOM   819  O OH  . TYR A 1 108 ? -7.112  -14.752 -5.489  0.33 11.73 ? 154 TYR A OH  1 
ATOM   820  N N   . GLN A 1 109 ? -8.598  -6.701  -2.385  0.33 11.43 ? 155 GLN A N   1 
ATOM   821  C CA  . GLN A 1 109 ? -8.619  -5.257  -2.218  0.33 11.20 ? 155 GLN A CA  1 
ATOM   822  C C   . GLN A 1 109 ? -8.915  -4.828  -0.753  0.33 12.54 ? 155 GLN A C   1 
ATOM   823  O O   . GLN A 1 109 ? -9.125  -3.651  -0.476  0.33 13.34 ? 155 GLN A O   1 
ATOM   824  C CB  . GLN A 1 109 ? -9.656  -4.659  -3.205  0.33 11.16 ? 155 GLN A CB  1 
ATOM   825  C CG  . GLN A 1 109 ? -9.184  -4.759  -4.668  0.33 13.81 ? 155 GLN A CG  1 
ATOM   826  C CD  . GLN A 1 109 ? -10.078 -3.962  -5.627  0.33 14.12 ? 155 GLN A CD  1 
ATOM   827  O OE1 . GLN A 1 109 ? -11.273 -3.761  -5.349  0.33 16.06 ? 155 GLN A OE1 1 
ATOM   828  N NE2 . GLN A 1 109 ? -9.493  -3.475  -6.748  0.33 13.30 ? 155 GLN A NE2 1 
ATOM   829  N N   . LYS A 1 110 ? -8.901  -5.781  0.177   0.33 11.01 ? 156 LYS A N   1 
ATOM   830  C CA  . LYS A 1 110 ? -9.151  -5.364  1.554   0.33 12.40 ? 156 LYS A CA  1 
ATOM   831  C C   . LYS A 1 110 ? -7.887  -5.469  2.371   0.33 13.88 ? 156 LYS A C   1 
ATOM   832  O O   . LYS A 1 110 ? -7.109  -6.369  2.141   0.33 14.19 ? 156 LYS A O   1 
ATOM   833  C CB  . LYS A 1 110 ? -10.277 -6.188  2.186   0.33 11.81 ? 156 LYS A CB  1 
ATOM   834  C CG  . LYS A 1 110 ? -11.547 -6.049  1.368   0.33 12.77 ? 156 LYS A CG  1 
ATOM   835  C CD  . LYS A 1 110 ? -12.712 -6.852  1.908   0.33 13.86 ? 156 LYS A CD  1 
ATOM   836  C CE  . LYS A 1 110 ? -13.836 -6.735  0.826   0.33 15.67 ? 156 LYS A CE  1 
ATOM   837  N NZ  . LYS A 1 110 ? -14.442 -7.953  0.397   0.33 19.63 ? 156 LYS A NZ  1 
ATOM   838  N N   . TRP A 1 111 ? -7.768  -4.646  3.409   0.33 14.56 ? 157 TRP A N   1 
ATOM   839  C CA  . TRP A 1 111 ? -6.532  -4.626  4.213   0.33 14.67 ? 157 TRP A CA  1 
ATOM   840  C C   . TRP A 1 111 ? -6.831  -4.327  5.669   0.33 16.27 ? 157 TRP A C   1 
ATOM   841  O O   . TRP A 1 111 ? -7.485  -3.330  5.995   0.33 16.61 ? 157 TRP A O   1 
ATOM   842  C CB  . TRP A 1 111 ? -5.533  -3.547  3.675   0.33 15.35 ? 157 TRP A CB  1 
ATOM   843  C CG  . TRP A 1 111 ? -5.201  -3.683  2.151   0.33 14.83 ? 157 TRP A CG  1 
ATOM   844  C CD1 . TRP A 1 111 ? -5.964  -3.247  1.097   0.33 16.09 ? 157 TRP A CD1 1 
ATOM   845  C CD2 . TRP A 1 111 ? -4.050  -4.317  1.579   0.33 16.45 ? 157 TRP A CD2 1 
ATOM   846  N NE1 . TRP A 1 111 ? -5.336  -3.556  -0.098  0.33 16.82 ? 157 TRP A NE1 1 
ATOM   847  C CE2 . TRP A 1 111 ? -4.166  -4.221  0.173   0.33 15.73 ? 157 TRP A CE2 1 
ATOM   848  C CE3 . TRP A 1 111 ? -2.931  -4.949  2.118   0.33 16.26 ? 157 TRP A CE3 1 
ATOM   849  C CZ2 . TRP A 1 111 ? -3.186  -4.720  -0.704  0.33 16.31 ? 157 TRP A CZ2 1 
ATOM   850  C CZ3 . TRP A 1 111 ? -1.958  -5.451  1.242   0.33 15.01 ? 157 TRP A CZ3 1 
ATOM   851  C CH2 . TRP A 1 111 ? -2.089  -5.325  -0.152  0.33 15.06 ? 157 TRP A CH2 1 
ATOM   852  N N   . TYR A 1 112 ? -6.333  -5.191  6.548   0.33 17.27 ? 158 TYR A N   1 
ATOM   853  C CA  . TYR A 1 112 ? -6.345  -4.910  7.989   0.33 18.38 ? 158 TYR A CA  1 
ATOM   854  C C   . TYR A 1 112 ? -5.153  -4.025  8.342   0.33 18.25 ? 158 TYR A C   1 
ATOM   855  O O   . TYR A 1 112 ? -3.986  -4.468  8.232   0.33 17.07 ? 158 TYR A O   1 
ATOM   856  C CB  . TYR A 1 112 ? -6.292  -6.218  8.807   0.33 20.03 ? 158 TYR A CB  1 
ATOM   857  C CG  . TYR A 1 112 ? -7.536  -7.078  8.644   0.33 25.10 ? 158 TYR A CG  1 
ATOM   858  C CD1 . TYR A 1 112 ? -7.602  -8.029  7.639   0.33 29.64 ? 158 TYR A CD1 1 
ATOM   859  C CD2 . TYR A 1 112 ? -8.636  -6.937  9.481   0.33 26.68 ? 158 TYR A CD2 1 
ATOM   860  C CE1 . TYR A 1 112 ? -8.735  -8.815  7.451   0.33 31.85 ? 158 TYR A CE1 1 
ATOM   861  C CE2 . TYR A 1 112 ? -9.792  -7.720  9.291   0.33 30.64 ? 158 TYR A CE2 1 
ATOM   862  C CZ  . TYR A 1 112 ? -9.823  -8.663  8.277   0.33 31.48 ? 158 TYR A CZ  1 
ATOM   863  O OH  . TYR A 1 112 ? -10.942 -9.456  8.077   0.33 32.37 ? 158 TYR A OH  1 
ATOM   864  N N   . THR A 1 113 ? -5.430  -2.801  8.811   0.33 18.87 ? 159 THR A N   1 
ATOM   865  C CA  . THR A 1 113 ? -4.363  -1.827  9.180   0.33 20.13 ? 159 THR A CA  1 
ATOM   866  C C   . THR A 1 113 ? -4.345  -1.496  10.697  0.33 21.48 ? 159 THR A C   1 
ATOM   867  O O   . THR A 1 113 ? -5.333  -0.938  11.232  0.33 22.35 ? 159 THR A O   1 
ATOM   868  C CB  . THR A 1 113 ? -4.506  -0.488  8.397   0.33 19.37 ? 159 THR A CB  1 
ATOM   869  O OG1 . THR A 1 113 ? -4.413  -0.736  6.981   0.33 20.15 ? 159 THR A OG1 1 
ATOM   870  C CG2 . THR A 1 113 ? -3.432  0.525   8.810   0.33 15.56 ? 159 THR A CG2 1 
ATOM   871  N N   . GLY A 1 114 ? -3.249  -1.884  11.360  0.33 21.33 ? 160 GLY A N   1 
ATOM   872  C CA  . GLY A 1 114 ? -2.940  -1.635  12.773  0.33 23.32 ? 160 GLY A CA  1 
ATOM   873  C C   . GLY A 1 114 ? -1.424  -1.569  12.664  0.33 25.46 ? 160 GLY A C   1 
ATOM   874  O O   . GLY A 1 114 ? -0.776  -0.525  12.870  0.33 26.85 ? 160 GLY A O   1 
ATOM   875  O OXT . GLY A 1 114 ? -0.872  -2.568  12.247  0.33 23.93 ? 160 GLY A OXT 1 
HETATM 876  C C1  . MAN B 2 .   ? 6.030   11.172  -10.593 0.33 16.64 ? 1   MAN B C1  1 
HETATM 877  C C2  . MAN B 2 .   ? 5.784   11.278  -9.093  0.33 15.52 ? 1   MAN B C2  1 
HETATM 878  C C3  . MAN B 2 .   ? 5.264   9.930   -8.588  0.33 16.28 ? 1   MAN B C3  1 
HETATM 879  C C4  . MAN B 2 .   ? 3.969   9.529   -9.339  0.33 17.26 ? 1   MAN B C4  1 
HETATM 880  C C5  . MAN B 2 .   ? 4.150   9.641   -10.859 0.33 17.72 ? 1   MAN B C5  1 
HETATM 881  C C6  . MAN B 2 .   ? 2.860   9.573   -11.702 0.33 14.76 ? 1   MAN B C6  1 
HETATM 882  O O1  . MAN B 2 .   ? 7.013   10.145  -10.900 0.33 18.16 ? 1   MAN B O1  1 
HETATM 883  O O2  . MAN B 2 .   ? 4.767   12.260  -8.818  0.33 11.87 ? 1   MAN B O2  1 
HETATM 884  O O3  . MAN B 2 .   ? 5.034   10.104  -7.193  0.33 17.14 ? 1   MAN B O3  1 
HETATM 885  O O4  . MAN B 2 .   ? 3.505   8.195   -9.030  0.33 15.70 ? 1   MAN B O4  1 
HETATM 886  O O5  . MAN B 2 .   ? 4.712   10.925  -11.173 0.33 14.90 ? 1   MAN B O5  1 
HETATM 887  O O6  . MAN B 2 .   ? 3.133   9.138   -13.063 0.33 16.63 ? 1   MAN B O6  1 
HETATM 888  C C1  . MAN B 2 .   ? 5.210   13.604  -9.121  0.33 12.17 ? 2   MAN B C1  1 
HETATM 889  C C2  . MAN B 2 .   ? 4.541   14.609  -8.199  0.33 7.31  ? 2   MAN B C2  1 
HETATM 890  C C3  . MAN B 2 .   ? 3.054   14.711  -8.681  0.33 8.34  ? 2   MAN B C3  1 
HETATM 891  C C4  . MAN B 2 .   ? 2.770   14.901  -10.182 0.33 10.69 ? 2   MAN B C4  1 
HETATM 892  C C5  . MAN B 2 .   ? 3.503   13.839  -10.946 0.33 13.90 ? 2   MAN B C5  1 
HETATM 893  C C6  . MAN B 2 .   ? 3.384   14.194  -12.442 0.33 14.98 ? 2   MAN B C6  1 
HETATM 894  O O2  . MAN B 2 .   ? 5.182   15.867  -8.437  0.33 12.56 ? 2   MAN B O2  1 
HETATM 895  O O3  . MAN B 2 .   ? 2.436   15.741  -7.948  0.33 10.88 ? 2   MAN B O3  1 
HETATM 896  O O4  . MAN B 2 .   ? 1.375   14.820  -10.492 0.33 11.50 ? 2   MAN B O4  1 
HETATM 897  O O5  . MAN B 2 .   ? 4.840   13.956  -10.470 0.33 12.44 ? 2   MAN B O5  1 
HETATM 898  O O6  . MAN B 2 .   ? 3.889   15.504  -12.764 0.33 15.61 ? 2   MAN B O6  1 
HETATM 899  C C1  . MAN C 2 .   ? 13.782  -9.189  2.313   0.33 13.21 ? 1   MAN C C1  1 
HETATM 900  C C2  . MAN C 2 .   ? 12.646  -9.136  3.331   0.33 10.95 ? 1   MAN C C2  1 
HETATM 901  C C3  . MAN C 2 .   ? 11.530  -8.134  2.985   0.33 11.93 ? 1   MAN C C3  1 
HETATM 902  C C4  . MAN C 2 .   ? 12.158  -6.751  2.855   0.33 6.05  ? 1   MAN C C4  1 
HETATM 903  C C5  . MAN C 2 .   ? 13.266  -6.927  1.824   0.33 8.80  ? 1   MAN C C5  1 
HETATM 904  C C6  . MAN C 2 .   ? 13.977  -5.620  1.640   0.33 8.23  ? 1   MAN C C6  1 
HETATM 905  O O1  . MAN C 2 .   ? 13.267  -9.824  1.112   0.33 16.43 ? 1   MAN C O1  1 
HETATM 906  O O2  . MAN C 2 .   ? 13.219  -8.757  4.557   0.33 15.48 ? 1   MAN C O2  1 
HETATM 907  O O3  . MAN C 2 .   ? 10.484  -8.131  3.958   0.33 9.51  ? 1   MAN C O3  1 
HETATM 908  O O4  . MAN C 2 .   ? 11.149  -5.960  2.204   0.33 9.53  ? 1   MAN C O4  1 
HETATM 909  O O5  . MAN C 2 .   ? 14.323  -7.840  2.202   0.33 10.45 ? 1   MAN C O5  1 
HETATM 910  O O6  . MAN C 2 .   ? 14.876  -5.678  0.474   0.33 9.38  ? 1   MAN C O6  1 
HETATM 911  C C1  . MAN C 2 .   ? 13.564  -9.834  5.429   0.33 19.12 ? 2   MAN C C1  1 
HETATM 912  C C2  . MAN C 2 .   ? 13.271  -9.416  6.875   0.33 20.31 ? 2   MAN C C2  1 
HETATM 913  C C3  . MAN C 2 .   ? 13.945  -8.049  7.134   0.33 23.20 ? 2   MAN C C3  1 
HETATM 914  C C4  . MAN C 2 .   ? 15.458  -8.208  6.817   0.33 23.30 ? 2   MAN C C4  1 
HETATM 915  C C5  . MAN C 2 .   ? 15.622  -8.678  5.363   0.33 23.65 ? 2   MAN C C5  1 
HETATM 916  C C6  . MAN C 2 .   ? 17.093  -8.720  4.921   0.33 23.20 ? 2   MAN C C6  1 
HETATM 917  O O2  . MAN C 2 .   ? 13.857  -10.387 7.776   0.33 16.84 ? 2   MAN C O2  1 
HETATM 918  O O3  . MAN C 2 .   ? 13.645  -7.587  8.481   0.33 18.67 ? 2   MAN C O3  1 
HETATM 919  O O4  . MAN C 2 .   ? 16.291  -7.038  7.037   0.33 27.96 ? 2   MAN C O4  1 
HETATM 920  O O5  . MAN C 2 .   ? 14.960  -9.940  5.194   0.33 23.06 ? 2   MAN C O5  1 
HETATM 921  O O6  . MAN C 2 .   ? 17.784  -9.984  5.152   0.33 19.86 ? 2   MAN C O6  1 
HETATM 922  C C1  . MAN D 2 .   ? -8.827  -9.826  -10.361 0.33 11.70 ? 1   MAN D C1  1 
HETATM 923  C C2  . MAN D 2 .   ? -9.428  -8.794  -9.367  0.33 10.87 ? 1   MAN D C2  1 
HETATM 924  C C3  . MAN D 2 .   ? -8.322  -8.096  -8.546  0.33 7.12  ? 1   MAN D C3  1 
HETATM 925  C C4  . MAN D 2 .   ? -7.401  -9.185  -7.931  0.33 11.09 ? 1   MAN D C4  1 
HETATM 926  C C5  . MAN D 2 .   ? -6.874  -10.207 -8.942  0.33 10.15 ? 1   MAN D C5  1 
HETATM 927  C C6  . MAN D 2 .   ? -6.101  -11.338 -8.257  0.33 11.20 ? 1   MAN D C6  1 
HETATM 928  O O1  . MAN D 2 .   ? -7.880  -9.187  -11.244 0.33 14.31 ? 1   MAN D O1  1 
HETATM 929  O O2  . MAN D 2 .   ? -10.288 -9.412  -8.387  0.33 10.15 ? 1   MAN D O2  1 
HETATM 930  O O3  . MAN D 2 .   ? -8.819  -7.230  -7.528  0.33 14.35 ? 1   MAN D O3  1 
HETATM 931  O O4  . MAN D 2 .   ? -6.290  -8.622  -7.219  0.33 11.53 ? 1   MAN D O4  1 
HETATM 932  O O5  . MAN D 2 .   ? -8.004  -10.797 -9.659  0.33 12.13 ? 1   MAN D O5  1 
HETATM 933  O O6  . MAN D 2 .   ? -5.572  -12.257 -9.238  0.33 17.96 ? 1   MAN D O6  1 
HETATM 934  C C1  . MAN D 2 .   ? -11.571 -9.790  -8.960  0.33 7.04  ? 2   MAN D C1  1 
HETATM 935  C C2  . MAN D 2 .   ? -12.422 -9.877  -7.701  0.33 9.66  ? 2   MAN D C2  1 
HETATM 936  C C3  . MAN D 2 .   ? -12.047 -11.144 -6.853  0.33 10.72 ? 2   MAN D C3  1 
HETATM 937  C C4  . MAN D 2 .   ? -11.871 -12.481 -7.610  0.33 6.06  ? 2   MAN D C4  1 
HETATM 938  C C5  . MAN D 2 .   ? -10.996 -12.197 -8.843  0.33 8.58  ? 2   MAN D C5  1 
HETATM 939  C C6  . MAN D 2 .   ? -10.851 -13.367 -9.763  0.33 11.02 ? 2   MAN D C6  1 
HETATM 940  O O2  . MAN D 2 .   ? -13.801 -9.980  -8.052  0.33 9.35  ? 2   MAN D O2  1 
HETATM 941  O O3  . MAN D 2 .   ? -12.917 -11.334 -5.739  0.33 12.23 ? 2   MAN D O3  1 
HETATM 942  O O4  . MAN D 2 .   ? -11.291 -13.492 -6.764  0.33 8.06  ? 2   MAN D O4  1 
HETATM 943  O O5  . MAN D 2 .   ? -11.466 -11.075 -9.631  0.33 5.84  ? 2   MAN D O5  1 
HETATM 944  O O6  . MAN D 2 .   ? -12.080 -13.407 -10.584 0.33 13.13 ? 2   MAN D O6  1 
HETATM 945  K K   . K   E 3 .   ? -16.234 -8.576  -7.953  0.33 14.02 ? 204 K   A K   1 
HETATM 946  K K   . K   F 3 .   ? -13.301 -15.614 -6.369  0.33 20.09 ? 205 K   A K   1 
HETATM 947  K K   . K   G 3 .   ? 16.351  -3.245  0.257   1.00 21.94 ? 206 K   A K   1 
HETATM 948  O O   . HOH H 4 .   ? -11.264 -4.420  7.757   1.00 54.65 ? 301 HOH A O   1 
HETATM 949  O O   . HOH H 4 .   ? -15.876 -5.185  4.268   1.00 54.08 ? 302 HOH A O   1 
HETATM 950  O O   . HOH H 4 .   ? -12.126 2.649   -7.727  1.00 29.42 ? 303 HOH A O   1 
HETATM 951  O O   . HOH H 4 .   ? -17.323 -2.202  -2.944  1.00 55.37 ? 304 HOH A O   1 
HETATM 952  O O   . HOH H 4 .   ? 4.524   -5.921  -7.131  1.00 33.28 ? 305 HOH A O   1 
HETATM 953  O O   . HOH H 4 .   ? -2.107  13.944  -13.002 1.00 58.28 ? 306 HOH A O   1 
HETATM 954  O O   . HOH H 4 .   ? 4.182   -3.283  -7.131  0.33 35.25 ? 307 HOH A O   1 
HETATM 955  O O   . HOH H 4 .   ? -7.218  0.799   11.696  1.00 59.64 ? 308 HOH A O   1 
HETATM 956  O O   . HOH H 4 .   ? -1.829  12.025  11.756  1.00 78.65 ? 309 HOH A O   1 
HETATM 957  O O   . HOH H 4 .   ? 4.560   6.398   -13.172 1.00 27.41 ? 310 HOH A O   1 
HETATM 958  O O   . HOH H 4 .   ? 2.926   6.166   -17.009 1.00 49.32 ? 311 HOH A O   1 
HETATM 959  O O   . HOH H 4 .   ? 13.318  6.610   7.645   1.00 45.92 ? 312 HOH A O   1 
HETATM 960  O O   . HOH H 4 .   ? -6.148  -12.936 6.661   1.00 40.86 ? 313 HOH A O   1 
HETATM 961  O O   . HOH H 4 .   ? -5.796  13.014  1.599   1.00 48.24 ? 314 HOH A O   1 
HETATM 962  O O   . HOH H 4 .   ? -1.028  17.068  -14.686 0.33 35.44 ? 315 HOH A O   1 
HETATM 963  O O   . HOH H 4 .   ? -17.293 -3.282  -0.806  1.00 36.10 ? 316 HOH A O   1 
HETATM 964  O O   . HOH H 4 .   ? -17.308 -3.411  -9.953  1.00 45.04 ? 317 HOH A O   1 
HETATM 965  O O   . HOH H 4 .   ? 0.282   13.410  -19.747 1.00 49.43 ? 318 HOH A O   1 
HETATM 966  O O   . HOH H 4 .   ? -7.938  19.505  -13.672 1.00 51.83 ? 319 HOH A O   1 
HETATM 967  O O   . HOH H 4 .   ? -19.011 -1.618  3.160   1.00 26.20 ? 320 HOH A O   1 
HETATM 968  O O   . HOH H 4 .   ? 13.675  -4.459  -6.750  1.00 28.03 ? 321 HOH A O   1 
HETATM 969  O O   . HOH H 4 .   ? 15.942  3.283   -7.379  1.00 47.53 ? 322 HOH A O   1 
HETATM 970  O O   . HOH H 4 .   ? 15.062  3.013   10.311  1.00 52.03 ? 323 HOH A O   1 
HETATM 971  O O   . HOH H 4 .   ? -3.335  4.082   -8.992  1.00 15.19 ? 324 HOH A O   1 
HETATM 972  O O   . HOH H 4 .   ? 13.555  8.918   1.560   1.00 47.08 ? 325 HOH A O   1 
HETATM 973  O O   . HOH H 4 .   ? -2.594  13.971  -14.904 1.00 43.46 ? 326 HOH A O   1 
HETATM 974  O O   . HOH H 4 .   ? 1.784   12.974  -15.611 1.00 37.74 ? 327 HOH A O   1 
HETATM 975  O O   . HOH H 4 .   ? 1.206   16.041  -16.348 1.00 40.18 ? 328 HOH A O   1 
HETATM 976  O O   . HOH H 4 .   ? -2.909  16.275  -11.994 1.00 38.31 ? 329 HOH A O   1 
HETATM 977  O O   . HOH H 4 .   ? -13.125 -16.241 0.570   1.00 49.28 ? 330 HOH A O   1 
HETATM 978  O O   . HOH H 4 .   ? -2.685  8.032   5.664   1.00 33.46 ? 331 HOH A O   1 
HETATM 979  O O   . HOH H 4 .   ? -17.950 -2.341  -5.716  1.00 49.65 ? 332 HOH A O   1 
HETATM 980  O O   . HOH H 4 .   ? -6.362  -1.063  -15.575 1.00 47.85 ? 333 HOH A O   1 
HETATM 981  O O   . HOH H 4 .   ? 0.688   -2.887  -14.277 1.00 49.57 ? 334 HOH A O   1 
HETATM 982  O O   . HOH H 4 .   ? 2.294   -5.294  -10.935 1.00 50.46 ? 335 HOH A O   1 
HETATM 983  O O   . HOH H 4 .   ? 10.294  3.307   -8.699  1.00 47.46 ? 336 HOH A O   1 
HETATM 984  O O   . HOH H 4 .   ? 9.804   0.499   -9.134  1.00 59.35 ? 337 HOH A O   1 
HETATM 985  O O   . HOH H 4 .   ? 2.716   4.313   13.878  1.00 56.42 ? 338 HOH A O   1 
HETATM 986  O O   . HOH H 4 .   ? -8.193  -2.372  10.284  1.00 42.96 ? 339 HOH A O   1 
HETATM 987  O O   . HOH H 4 .   ? 10.447  -6.926  6.410   1.00 16.23 ? 340 HOH A O   1 
HETATM 988  O O   . HOH H 4 .   ? 2.776   -4.578  6.314   1.00 16.44 ? 341 HOH A O   1 
HETATM 989  O O   . HOH H 4 .   ? -11.455 -4.133  -10.726 1.00 22.41 ? 342 HOH A O   1 
HETATM 990  O O   . HOH H 4 .   ? 0.538   -16.939 -0.555  1.00 42.27 ? 343 HOH A O   1 
HETATM 991  O O   . HOH H 4 .   ? -12.812 -7.725  5.527   1.00 56.06 ? 344 HOH A O   1 
HETATM 992  O O   . HOH H 4 .   ? -17.617 -11.848 8.161   1.00 51.70 ? 345 HOH A O   1 
HETATM 993  O O   . HOH H 4 .   ? -17.702 -9.514  5.641   1.00 43.20 ? 346 HOH A O   1 
HETATM 994  O O   . HOH H 4 .   ? 4.503   6.195   -15.719 1.00 52.61 ? 347 HOH A O   1 
HETATM 995  O O   . HOH H 4 .   ? 0.791   6.991   -18.358 1.00 53.61 ? 348 HOH A O   1 
HETATM 996  O O   . HOH H 4 .   ? -15.886 0.853   -9.473  1.00 54.49 ? 349 HOH A O   1 
HETATM 997  O O   . HOH H 4 .   ? -5.079  0.576   14.453  1.00 54.71 ? 350 HOH A O   1 
HETATM 998  O O   . HOH H 4 .   ? -6.356  -3.488  15.157  1.00 70.76 ? 351 HOH A O   1 
HETATM 999  O O   . HOH H 4 .   ? -12.426 0.855   10.588  1.00 54.46 ? 352 HOH A O   1 
HETATM 1000 O O   . HOH H 4 .   ? -5.728  1.602   -17.356 1.00 51.89 ? 353 HOH A O   1 
HETATM 1001 O O   . HOH H 4 .   ? -7.803  0.975   -18.244 1.00 66.74 ? 354 HOH A O   1 
HETATM 1002 O O   . HOH H 4 .   ? -12.123 1.792   -15.390 1.00 56.24 ? 355 HOH A O   1 
HETATM 1003 O O   . HOH H 4 .   ? -13.681 2.733   -13.965 1.00 57.17 ? 356 HOH A O   1 
HETATM 1004 O O   . HOH H 4 .   ? 16.688  4.521   6.035   1.00 43.39 ? 357 HOH A O   1 
HETATM 1005 O O   . HOH H 4 .   ? -5.013  -11.897 9.820   1.00 87.42 ? 358 HOH A O   1 
HETATM 1006 O O   . HOH H 4 .   ? 15.302  6.729   -0.456  1.00 42.18 ? 359 HOH A O   1 
HETATM 1007 O O   . HOH H 4 .   ? -9.455  -2.911  -14.841 1.00 64.84 ? 360 HOH A O   1 
HETATM 1008 O O   . HOH H 4 .   ? 0.241   1.671   9.543   1.00 43.77 ? 361 HOH A O   1 
HETATM 1009 O O   . HOH H 4 .   ? -16.177 -8.518  4.546   1.00 47.96 ? 362 HOH A O   1 
HETATM 1010 O O   . HOH H 4 .   ? -5.035  16.603  -8.307  1.00 76.23 ? 363 HOH A O   1 
HETATM 1011 O O   . HOH H 4 .   ? 6.007   14.804  -14.573 1.00 42.73 ? 364 HOH A O   1 
HETATM 1012 O O   . HOH H 4 .   ? 0.697   5.569   -16.412 1.00 59.88 ? 365 HOH A O   1 
HETATM 1013 O O   . HOH H 4 .   ? -6.497  -11.406 7.837   1.00 59.94 ? 366 HOH A O   1 
HETATM 1014 O O   . HOH H 4 .   ? -14.147 3.574   -3.832  1.00 43.06 ? 367 HOH A O   1 
HETATM 1015 O O   . HOH H 4 .   ? -14.787 3.052   -0.729  1.00 77.29 ? 368 HOH A O   1 
HETATM 1016 O O   . HOH H 4 .   ? 5.757   12.513  4.585   1.00 53.67 ? 369 HOH A O   1 
# 
